data_2BR5
#
_entry.id   2BR5
#
_cell.length_a   90.912
_cell.length_b   102.520
_cell.length_c   181.411
_cell.angle_alpha   90.00
_cell.angle_beta   90.00
_cell.angle_gamma   90.00
#
_symmetry.space_group_name_H-M   'P 21 21 21'
#
loop_
_entity.id
_entity.type
_entity.pdbx_description
1 polymer 'CEPHALOSPORIN HYDROXYLASE CMCI'
2 non-polymer S-ADENOSYL-L-HOMOCYSTEINE
3 water water
#
_entity_poly.entity_id   1
_entity_poly.type   'polypeptide(L)'
_entity_poly.pdbx_seq_one_letter_code
;MNDYSRQNFQDLNLFRGLGEDPAYHPPVLTDRPRDWPLDRWAEAPRDLGYSDFSPYQWRGLRMLKDPDTQAVYHDMLWEL
RPRTIVELGVYNGGSLAWFRDLTKIMGIDCQVIGIDRDLSRCQIPASDMENITLHQGDCSDLTTFEHLREMAHPLIFIDN
AHANTFNIMKWAVDHLLEEGDYFIIEDMIPYWYRYAPQLFSEYLGAFRDVLSMDMLYANASSQLDRGVLRRVAAKQ
;
_entity_poly.pdbx_strand_id   A,B,C,D,E,F
#
# COMPACT_ATOMS: atom_id res chain seq x y z
N ASN A 8 2.83 18.43 -38.39
CA ASN A 8 2.39 19.60 -37.55
C ASN A 8 1.47 19.21 -36.39
N PHE A 9 1.76 19.78 -35.21
CA PHE A 9 1.31 19.20 -33.93
C PHE A 9 0.07 19.84 -33.32
N GLN A 10 -0.90 18.99 -33.04
CA GLN A 10 -2.11 19.38 -32.34
C GLN A 10 -1.82 19.70 -30.87
N ASP A 11 -2.75 20.42 -30.26
CA ASP A 11 -2.64 20.79 -28.87
C ASP A 11 -3.03 19.56 -28.06
N LEU A 12 -2.05 18.86 -27.54
CA LEU A 12 -2.30 17.63 -26.79
C LEU A 12 -3.12 17.82 -25.51
N ASN A 13 -3.16 19.06 -25.01
CA ASN A 13 -3.96 19.40 -23.83
C ASN A 13 -5.46 19.23 -24.06
N LEU A 14 -5.93 19.41 -25.29
CA LEU A 14 -7.33 19.10 -25.66
C LEU A 14 -7.82 17.74 -25.15
N PHE A 15 -6.95 16.73 -25.16
CA PHE A 15 -7.31 15.35 -24.81
C PHE A 15 -7.28 15.04 -23.31
N ARG A 16 -6.89 16.03 -22.49
CA ARG A 16 -6.82 15.87 -21.03
C ARG A 16 -8.16 15.41 -20.49
N GLY A 17 -8.17 14.23 -19.87
CA GLY A 17 -9.38 13.63 -19.32
C GLY A 17 -10.23 12.85 -20.32
N LEU A 18 -10.06 13.10 -21.62
CA LEU A 18 -10.97 12.55 -22.65
C LEU A 18 -10.42 11.35 -23.40
N GLY A 19 -9.22 11.49 -23.95
CA GLY A 19 -8.67 10.53 -24.89
C GLY A 19 -8.65 11.17 -26.27
N GLU A 20 -8.01 10.50 -27.22
CA GLU A 20 -7.78 11.11 -28.53
C GLU A 20 -8.88 10.86 -29.56
N ASP A 21 -9.71 9.85 -29.32
CA ASP A 21 -10.87 9.59 -30.18
C ASP A 21 -12.09 9.40 -29.30
N PRO A 22 -13.17 10.13 -29.57
CA PRO A 22 -14.43 9.94 -28.83
C PRO A 22 -15.15 8.63 -29.14
N ALA A 23 -14.81 7.95 -30.23
CA ALA A 23 -15.38 6.65 -30.53
C ALA A 23 -14.64 5.61 -29.70
N TYR A 24 -15.35 4.55 -29.32
CA TYR A 24 -14.79 3.46 -28.51
C TYR A 24 -14.05 2.46 -29.38
N HIS A 25 -12.83 2.12 -29.00
CA HIS A 25 -12.05 1.07 -29.65
C HIS A 25 -11.74 0.02 -28.59
N PRO A 26 -12.15 -1.24 -28.79
CA PRO A 26 -11.94 -2.27 -27.76
C PRO A 26 -10.48 -2.46 -27.44
N PRO A 27 -10.16 -2.74 -26.19
CA PRO A 27 -8.75 -2.87 -25.77
C PRO A 27 -8.02 -3.93 -26.58
N VAL A 28 -6.70 -3.86 -26.61
CA VAL A 28 -5.92 -4.79 -27.40
C VAL A 28 -4.80 -5.32 -26.54
N LEU A 29 -4.53 -6.61 -26.70
CA LEU A 29 -3.55 -7.30 -25.87
C LEU A 29 -2.16 -7.07 -26.47
N THR A 30 -1.33 -6.32 -25.74
CA THR A 30 -0.04 -5.87 -26.29
C THR A 30 1.00 -7.01 -26.36
N ASP A 31 1.17 -7.79 -25.30
CA ASP A 31 2.22 -8.84 -25.29
C ASP A 31 1.84 -10.20 -24.69
N ARG A 32 0.65 -10.69 -25.05
CA ARG A 32 0.21 -12.02 -24.69
C ARG A 32 -0.85 -12.44 -25.67
N PRO A 33 -0.92 -13.73 -25.98
CA PRO A 33 -2.05 -14.25 -26.76
C PRO A 33 -3.34 -14.16 -25.91
N ARG A 34 -4.50 -14.16 -26.56
CA ARG A 34 -5.78 -14.17 -25.86
C ARG A 34 -6.05 -15.50 -25.15
N ASP A 35 -5.74 -16.61 -25.80
CA ASP A 35 -5.88 -17.93 -25.18
C ASP A 35 -4.57 -18.30 -24.50
N TRP A 36 -4.66 -18.75 -23.25
CA TRP A 36 -3.50 -19.19 -22.52
C TRP A 36 -3.67 -20.69 -22.28
N PRO A 37 -2.67 -21.49 -22.61
CA PRO A 37 -2.73 -22.93 -22.37
C PRO A 37 -2.89 -23.25 -20.87
N LEU A 38 -3.79 -24.16 -20.55
CA LEU A 38 -4.23 -24.35 -19.16
C LEU A 38 -3.23 -25.20 -18.39
N ASP A 39 -2.56 -26.12 -19.09
CA ASP A 39 -1.32 -26.71 -18.57
C ASP A 39 -0.26 -25.68 -18.12
N ARG A 40 -0.31 -24.46 -18.64
CA ARG A 40 0.63 -23.39 -18.25
C ARG A 40 -0.03 -22.23 -17.47
N TRP A 41 -1.05 -22.56 -16.69
CA TRP A 41 -1.87 -21.57 -16.01
C TRP A 41 -1.10 -20.72 -14.99
N ALA A 42 -0.27 -21.36 -14.17
CA ALA A 42 0.51 -20.66 -13.14
C ALA A 42 1.43 -19.61 -13.74
N GLU A 43 1.81 -19.80 -14.99
CA GLU A 43 2.76 -18.92 -15.65
C GLU A 43 2.07 -17.73 -16.30
N ALA A 44 0.78 -17.83 -16.56
CA ALA A 44 0.05 -16.72 -17.18
C ALA A 44 0.22 -15.42 -16.40
N PRO A 45 0.46 -14.31 -17.10
CA PRO A 45 0.53 -13.00 -16.45
C PRO A 45 -0.73 -12.64 -15.68
N ARG A 46 -0.58 -11.60 -14.87
CA ARG A 46 -1.55 -11.30 -13.84
C ARG A 46 -2.10 -9.88 -13.84
N ASP A 47 -1.46 -8.97 -14.57
CA ASP A 47 -1.90 -7.57 -14.62
C ASP A 47 -2.84 -7.39 -15.82
N LEU A 48 -3.63 -6.31 -15.83
CA LEU A 48 -4.72 -6.14 -16.81
C LEU A 48 -4.36 -6.46 -18.26
N GLY A 49 -3.17 -6.09 -18.69
CA GLY A 49 -2.71 -6.43 -20.03
C GLY A 49 -2.92 -5.37 -21.09
N TYR A 50 -3.53 -4.25 -20.70
CA TYR A 50 -3.64 -3.08 -21.58
C TYR A 50 -3.81 -1.83 -20.75
N SER A 51 -3.84 -0.68 -21.40
CA SER A 51 -3.99 0.60 -20.69
C SER A 51 -5.36 0.73 -20.03
N ASP A 52 -5.35 1.21 -18.79
CA ASP A 52 -6.55 1.30 -17.96
C ASP A 52 -7.09 2.74 -17.85
N PHE A 53 -6.62 3.62 -18.74
CA PHE A 53 -6.91 5.05 -18.61
C PHE A 53 -8.42 5.31 -18.65
N SER A 54 -9.07 4.84 -19.71
CA SER A 54 -10.51 4.96 -19.83
C SER A 54 -10.99 3.88 -20.78
N PRO A 55 -11.01 2.65 -20.29
CA PRO A 55 -11.34 1.48 -21.08
C PRO A 55 -12.77 1.02 -20.94
N TYR A 56 -13.66 1.79 -20.33
CA TYR A 56 -15.04 1.34 -20.10
C TYR A 56 -16.02 1.74 -21.20
N GLN A 57 -17.12 1.00 -21.30
CA GLN A 57 -18.11 1.25 -22.35
C GLN A 57 -19.52 0.79 -22.03
N TRP A 58 -20.48 1.40 -22.71
CA TRP A 58 -21.87 0.97 -22.64
C TRP A 58 -22.44 0.82 -24.05
N ARG A 59 -22.90 -0.37 -24.41
CA ARG A 59 -23.40 -0.67 -25.76
C ARG A 59 -22.54 -0.03 -26.86
N GLY A 60 -21.25 -0.33 -26.84
CA GLY A 60 -20.33 0.13 -27.88
C GLY A 60 -19.99 1.61 -27.90
N LEU A 61 -20.38 2.35 -26.86
CA LEU A 61 -19.99 3.74 -26.67
C LEU A 61 -19.12 3.89 -25.44
N ARG A 62 -18.21 4.85 -25.47
CA ARG A 62 -17.31 5.06 -24.34
C ARG A 62 -18.06 5.61 -23.13
N MET A 63 -17.67 5.15 -21.94
CA MET A 63 -18.14 5.70 -20.69
C MET A 63 -16.95 6.17 -19.89
N LEU A 64 -16.98 7.45 -19.53
CA LEU A 64 -15.91 8.03 -18.74
C LEU A 64 -16.20 7.95 -17.26
N LYS A 65 -17.43 7.57 -16.93
CA LYS A 65 -17.80 7.21 -15.57
C LYS A 65 -17.39 5.77 -15.40
N ASP A 66 -16.59 5.49 -14.36
CA ASP A 66 -16.10 4.13 -14.13
C ASP A 66 -17.14 3.31 -13.35
N PRO A 67 -16.92 2.01 -13.19
CA PRO A 67 -17.90 1.15 -12.56
C PRO A 67 -18.30 1.57 -11.17
N ASP A 68 -17.42 2.19 -10.41
CA ASP A 68 -17.77 2.61 -9.06
C ASP A 68 -18.78 3.74 -9.10
N THR A 69 -18.51 4.76 -9.91
CA THR A 69 -19.45 5.85 -10.18
C THR A 69 -20.78 5.32 -10.77
N GLN A 70 -20.70 4.36 -11.67
CA GLN A 70 -21.90 3.73 -12.21
C GLN A 70 -22.78 3.14 -11.11
N ALA A 71 -22.18 2.46 -10.16
CA ALA A 71 -22.94 1.82 -9.09
C ALA A 71 -23.61 2.88 -8.21
N VAL A 72 -22.91 3.97 -7.90
CA VAL A 72 -23.49 5.03 -7.09
C VAL A 72 -24.75 5.57 -7.77
N TYR A 73 -24.66 5.85 -9.07
CA TYR A 73 -25.75 6.52 -9.76
C TYR A 73 -26.96 5.61 -9.81
N HIS A 74 -26.72 4.32 -10.03
CA HIS A 74 -27.77 3.31 -9.94
C HIS A 74 -28.53 3.42 -8.62
N ASP A 75 -27.78 3.40 -7.52
CA ASP A 75 -28.38 3.44 -6.19
C ASP A 75 -29.19 4.70 -6.05
N MET A 76 -28.55 5.84 -6.31
CA MET A 76 -29.22 7.15 -6.27
C MET A 76 -30.49 7.18 -7.12
N LEU A 77 -30.44 6.57 -8.30
CA LEU A 77 -31.56 6.63 -9.25
C LEU A 77 -32.70 5.72 -8.81
N TRP A 78 -32.36 4.61 -8.16
CA TRP A 78 -33.34 3.68 -7.62
C TRP A 78 -34.15 4.36 -6.50
N GLU A 79 -33.44 5.13 -5.68
CA GLU A 79 -34.02 5.78 -4.51
C GLU A 79 -34.84 7.03 -4.91
N LEU A 80 -34.18 7.93 -5.64
CA LEU A 80 -34.71 9.24 -6.04
C LEU A 80 -35.80 9.17 -7.13
N ARG A 81 -35.59 8.28 -8.09
CA ARG A 81 -36.48 8.08 -9.23
C ARG A 81 -36.65 9.36 -10.04
N PRO A 82 -35.54 9.92 -10.51
CA PRO A 82 -35.54 11.28 -11.05
C PRO A 82 -36.34 11.37 -12.32
N ARG A 83 -37.22 12.36 -12.41
CA ARG A 83 -37.89 12.68 -13.66
C ARG A 83 -36.98 13.38 -14.67
N THR A 84 -35.87 13.99 -14.20
CA THR A 84 -34.89 14.67 -15.08
C THR A 84 -33.44 14.44 -14.66
N ILE A 85 -32.58 14.21 -15.64
CA ILE A 85 -31.14 14.23 -15.42
C ILE A 85 -30.51 15.17 -16.47
N VAL A 86 -29.72 16.14 -16.00
CA VAL A 86 -29.06 17.10 -16.88
C VAL A 86 -27.56 16.92 -16.78
N GLU A 87 -26.96 16.26 -17.75
CA GLU A 87 -25.51 16.24 -17.86
C GLU A 87 -25.03 17.56 -18.44
N LEU A 88 -24.02 18.14 -17.82
CA LEU A 88 -23.39 19.36 -18.30
C LEU A 88 -22.04 18.95 -18.81
N GLY A 89 -21.77 19.15 -20.09
CA GLY A 89 -20.64 18.52 -20.74
C GLY A 89 -20.96 17.09 -21.16
N VAL A 90 -20.85 16.83 -22.46
CA VAL A 90 -21.39 15.62 -23.09
C VAL A 90 -20.28 14.69 -23.61
N TYR A 91 -19.40 15.24 -24.43
CA TYR A 91 -18.35 14.49 -25.13
C TYR A 91 -19.00 13.49 -26.08
N ASN A 92 -18.81 12.19 -25.85
CA ASN A 92 -19.32 11.16 -26.77
C ASN A 92 -20.76 10.73 -26.54
N GLY A 93 -21.42 11.29 -25.53
CA GLY A 93 -22.79 10.93 -25.22
C GLY A 93 -23.03 9.59 -24.52
N GLY A 94 -21.96 8.89 -24.15
CA GLY A 94 -22.05 7.62 -23.46
C GLY A 94 -22.90 7.69 -22.20
N SER A 95 -22.66 8.69 -21.37
CA SER A 95 -23.46 8.89 -20.16
C SER A 95 -24.96 9.12 -20.47
N LEU A 96 -25.25 10.01 -21.39
CA LEU A 96 -26.61 10.24 -21.81
C LEU A 96 -27.32 8.94 -22.20
N ALA A 97 -26.67 8.12 -23.01
CA ALA A 97 -27.24 6.84 -23.45
C ALA A 97 -27.46 5.91 -22.27
N TRP A 98 -26.48 5.87 -21.37
CA TRP A 98 -26.51 5.05 -20.17
C TRP A 98 -27.62 5.42 -19.17
N PHE A 99 -27.82 6.72 -18.95
CA PHE A 99 -28.76 7.19 -17.96
C PHE A 99 -30.15 6.89 -18.49
N ARG A 100 -30.36 7.19 -19.77
CA ARG A 100 -31.62 6.95 -20.42
C ARG A 100 -31.98 5.47 -20.37
N ASP A 101 -30.99 4.61 -20.48
CA ASP A 101 -31.21 3.16 -20.45
C ASP A 101 -31.51 2.70 -19.02
N LEU A 102 -30.73 3.17 -18.06
CA LEU A 102 -30.87 2.70 -16.69
C LEU A 102 -32.23 3.11 -16.12
N THR A 103 -32.64 4.34 -16.38
CA THR A 103 -33.99 4.76 -16.03
C THR A 103 -35.06 3.90 -16.70
N LYS A 104 -34.85 3.51 -17.95
CA LYS A 104 -35.85 2.78 -18.74
C LYS A 104 -36.12 1.36 -18.21
N ILE A 105 -35.06 0.59 -17.99
CA ILE A 105 -35.13 -0.68 -17.28
C ILE A 105 -35.82 -0.58 -15.93
N MET A 106 -35.63 0.56 -15.27
CA MET A 106 -36.13 0.78 -13.91
C MET A 106 -37.56 1.29 -13.85
N GLY A 107 -38.22 1.41 -14.99
CA GLY A 107 -39.61 1.88 -15.04
C GLY A 107 -39.82 3.33 -14.60
N ILE A 108 -38.77 4.15 -14.70
CA ILE A 108 -38.82 5.58 -14.37
C ILE A 108 -38.94 6.40 -15.65
N ASP A 109 -39.93 7.28 -15.66
CA ASP A 109 -40.25 8.10 -16.82
C ASP A 109 -39.32 9.33 -16.82
N CYS A 110 -38.12 9.18 -17.39
CA CYS A 110 -37.04 10.18 -17.24
C CYS A 110 -36.54 10.88 -18.51
N GLN A 111 -36.49 12.20 -18.48
CA GLN A 111 -35.84 13.01 -19.53
C GLN A 111 -34.34 13.24 -19.23
N VAL A 112 -33.51 13.04 -20.26
CA VAL A 112 -32.06 13.15 -20.18
C VAL A 112 -31.63 14.25 -21.12
N ILE A 113 -31.12 15.35 -20.56
CA ILE A 113 -30.65 16.48 -21.37
C ILE A 113 -29.13 16.61 -21.28
N GLY A 114 -28.48 16.72 -22.44
CA GLY A 114 -27.07 16.97 -22.53
C GLY A 114 -26.81 18.39 -22.99
N ILE A 115 -25.89 19.08 -22.32
CA ILE A 115 -25.52 20.46 -22.65
C ILE A 115 -24.02 20.54 -22.92
N ASP A 116 -23.62 21.16 -24.03
CA ASP A 116 -22.21 21.24 -24.46
C ASP A 116 -22.01 22.39 -25.45
N ARG A 117 -20.86 23.05 -25.39
CA ARG A 117 -20.51 24.01 -26.43
C ARG A 117 -20.16 23.29 -27.73
N ASP A 118 -19.81 22.01 -27.63
CA ASP A 118 -19.34 21.20 -28.76
C ASP A 118 -19.99 19.82 -28.72
N LEU A 119 -21.08 19.67 -29.49
CA LEU A 119 -21.82 18.41 -29.65
C LEU A 119 -21.33 17.59 -30.84
N SER A 120 -20.24 18.05 -31.44
CA SER A 120 -19.68 17.44 -32.65
C SER A 120 -19.23 15.99 -32.39
N ARG A 121 -18.77 15.69 -31.18
CA ARG A 121 -18.14 14.43 -30.88
C ARG A 121 -19.09 13.41 -30.28
N CYS A 122 -20.40 13.68 -30.37
CA CYS A 122 -21.41 12.78 -29.85
C CYS A 122 -21.58 11.59 -30.79
N GLN A 123 -21.46 10.40 -30.25
CA GLN A 123 -21.45 9.16 -31.02
C GLN A 123 -22.76 8.38 -30.93
N ILE A 124 -23.77 8.91 -30.24
CA ILE A 124 -25.06 8.23 -30.15
C ILE A 124 -25.70 8.26 -31.53
N PRO A 125 -26.15 7.12 -32.03
CA PRO A 125 -26.85 7.10 -33.32
C PRO A 125 -28.15 7.86 -33.18
N ALA A 126 -28.67 8.40 -34.27
CA ALA A 126 -29.95 9.13 -34.21
C ALA A 126 -31.15 8.21 -33.89
N SER A 127 -31.08 6.94 -34.31
CA SER A 127 -32.10 5.91 -34.00
C SER A 127 -32.30 5.61 -32.51
N ASP A 128 -31.23 5.77 -31.73
CA ASP A 128 -31.18 5.32 -30.36
C ASP A 128 -31.18 6.54 -29.43
N MET A 129 -32.13 7.45 -29.63
CA MET A 129 -32.09 8.77 -29.03
C MET A 129 -33.41 9.23 -28.36
N GLU A 130 -34.29 8.29 -27.95
CA GLU A 130 -35.49 8.63 -27.18
C GLU A 130 -35.12 9.21 -25.82
N ASN A 131 -35.91 10.18 -25.36
CA ASN A 131 -35.73 10.78 -24.04
C ASN A 131 -34.35 11.39 -23.80
N ILE A 132 -33.62 11.68 -24.88
CA ILE A 132 -32.35 12.39 -24.82
C ILE A 132 -32.44 13.62 -25.73
N THR A 133 -32.38 14.82 -25.15
CA THR A 133 -32.24 16.05 -25.96
C THR A 133 -30.86 16.71 -25.70
N LEU A 134 -30.26 17.27 -26.75
CA LEU A 134 -28.98 17.96 -26.69
C LEU A 134 -29.13 19.46 -26.97
N HIS A 135 -28.43 20.31 -26.22
CA HIS A 135 -28.46 21.77 -26.43
C HIS A 135 -27.05 22.34 -26.55
N GLN A 136 -26.77 23.08 -27.63
CA GLN A 136 -25.48 23.77 -27.80
C GLN A 136 -25.48 25.04 -26.98
N GLY A 137 -24.35 25.37 -26.34
CA GLY A 137 -24.29 26.57 -25.52
C GLY A 137 -23.11 26.63 -24.57
N ASP A 138 -22.76 27.85 -24.15
CA ASP A 138 -21.58 28.06 -23.29
C ASP A 138 -21.98 28.24 -21.83
N CYS A 139 -21.09 27.83 -20.93
CA CYS A 139 -21.25 28.02 -19.49
C CYS A 139 -20.87 29.44 -19.06
N SER A 140 -20.12 30.13 -19.90
CA SER A 140 -19.88 31.57 -19.72
C SER A 140 -21.20 32.32 -19.60
N ASP A 141 -22.21 31.86 -20.34
CA ASP A 141 -23.50 32.53 -20.44
C ASP A 141 -24.66 31.67 -19.93
N LEU A 142 -25.56 32.28 -19.18
CA LEU A 142 -26.59 31.58 -18.41
C LEU A 142 -27.96 31.40 -19.10
N THR A 143 -28.21 32.06 -20.24
CA THR A 143 -29.47 31.85 -20.97
C THR A 143 -29.56 30.43 -21.51
N THR A 144 -28.39 29.80 -21.67
CA THR A 144 -28.27 28.39 -21.97
C THR A 144 -29.20 27.58 -21.08
N PHE A 145 -29.04 27.74 -19.77
CA PHE A 145 -29.76 26.95 -18.78
C PHE A 145 -31.15 27.52 -18.53
N GLU A 146 -31.32 28.81 -18.83
CA GLU A 146 -32.61 29.51 -18.61
C GLU A 146 -33.76 28.95 -19.43
N HIS A 147 -33.46 28.30 -20.56
CA HIS A 147 -34.52 27.70 -21.39
C HIS A 147 -34.82 26.23 -21.09
N LEU A 148 -34.12 25.67 -20.10
CA LEU A 148 -34.58 24.44 -19.44
C LEU A 148 -36.05 24.69 -19.06
N ARG A 149 -36.97 24.11 -19.84
CA ARG A 149 -38.40 24.48 -19.78
C ARG A 149 -39.15 23.83 -18.60
N GLU A 150 -38.80 24.25 -17.38
CA GLU A 150 -39.19 23.57 -16.15
C GLU A 150 -39.50 22.09 -16.41
N MET A 151 -38.43 21.31 -16.47
CA MET A 151 -38.52 19.87 -16.58
C MET A 151 -39.07 19.33 -15.26
N ALA A 152 -39.57 18.10 -15.30
CA ALA A 152 -40.21 17.50 -14.14
C ALA A 152 -39.19 17.10 -13.07
N HIS A 153 -39.70 16.90 -11.85
CA HIS A 153 -38.89 16.60 -10.68
C HIS A 153 -39.24 15.23 -10.09
N PRO A 154 -38.38 14.65 -9.26
CA PRO A 154 -37.06 15.23 -8.91
C PRO A 154 -36.08 15.31 -10.07
N LEU A 155 -34.99 16.01 -9.85
CA LEU A 155 -34.02 16.32 -10.91
C LEU A 155 -32.59 16.16 -10.38
N ILE A 156 -31.73 15.54 -11.18
CA ILE A 156 -30.28 15.49 -10.92
C ILE A 156 -29.52 16.34 -11.93
N PHE A 157 -28.76 17.30 -11.45
CA PHE A 157 -27.94 18.14 -12.30
C PHE A 157 -26.48 17.77 -12.05
N ILE A 158 -25.74 17.48 -13.12
CA ILE A 158 -24.35 17.05 -13.05
C ILE A 158 -23.47 17.94 -13.92
N ASP A 159 -22.40 18.47 -13.30
CA ASP A 159 -21.38 19.29 -13.94
C ASP A 159 -20.17 18.42 -14.33
N ASN A 160 -19.88 18.34 -15.63
CA ASN A 160 -18.76 17.52 -16.15
C ASN A 160 -17.81 18.29 -17.08
N ALA A 161 -18.33 19.37 -17.66
CA ALA A 161 -17.52 20.53 -18.02
C ALA A 161 -17.43 21.20 -16.68
N HIS A 162 -16.52 22.15 -16.50
CA HIS A 162 -16.37 22.74 -15.18
C HIS A 162 -16.14 24.23 -15.17
N ALA A 163 -16.59 24.91 -16.22
CA ALA A 163 -16.42 26.35 -16.32
C ALA A 163 -17.61 27.05 -15.68
N ASN A 164 -17.38 28.26 -15.16
CA ASN A 164 -18.44 29.06 -14.54
C ASN A 164 -19.34 28.24 -13.58
N THR A 165 -18.74 27.24 -12.93
CA THR A 165 -19.51 26.25 -12.16
C THR A 165 -20.23 26.80 -10.93
N PHE A 166 -19.62 27.77 -10.26
CA PHE A 166 -20.23 28.32 -9.06
C PHE A 166 -21.38 29.29 -9.35
N ASN A 167 -21.30 30.02 -10.44
CA ASN A 167 -22.44 30.82 -10.90
C ASN A 167 -23.58 29.96 -11.44
N ILE A 168 -23.23 28.85 -12.08
CA ILE A 168 -24.23 27.91 -12.57
C ILE A 168 -25.02 27.34 -11.38
N MET A 169 -24.34 27.19 -10.24
CA MET A 169 -24.95 26.71 -8.99
C MET A 169 -25.89 27.72 -8.33
N LYS A 170 -25.47 28.98 -8.22
CA LYS A 170 -26.34 30.05 -7.69
C LYS A 170 -27.63 30.17 -8.51
N TRP A 171 -27.52 29.85 -9.79
CA TRP A 171 -28.66 29.89 -10.68
C TRP A 171 -29.57 28.70 -10.41
N ALA A 172 -28.98 27.50 -10.30
CA ALA A 172 -29.72 26.26 -10.07
C ALA A 172 -30.57 26.34 -8.81
N VAL A 173 -30.01 26.98 -7.78
CA VAL A 173 -30.67 27.15 -6.49
C VAL A 173 -31.90 28.06 -6.59
N ASP A 174 -31.76 29.18 -7.30
CA ASP A 174 -32.81 30.19 -7.39
C ASP A 174 -33.94 29.86 -8.36
N HIS A 175 -33.62 29.21 -9.48
CA HIS A 175 -34.59 29.07 -10.55
C HIS A 175 -34.95 27.63 -10.95
N LEU A 176 -34.16 26.65 -10.51
CA LEU A 176 -34.30 25.28 -11.01
C LEU A 176 -34.60 24.20 -9.97
N LEU A 177 -33.84 24.20 -8.88
CA LEU A 177 -33.80 23.06 -7.96
C LEU A 177 -34.94 23.11 -6.95
N GLU A 178 -35.31 21.94 -6.45
CA GLU A 178 -36.34 21.81 -5.43
C GLU A 178 -35.85 20.87 -4.35
N GLU A 179 -36.61 20.77 -3.27
CA GLU A 179 -36.22 19.94 -2.14
C GLU A 179 -35.97 18.51 -2.60
N GLY A 180 -34.79 17.97 -2.27
CA GLY A 180 -34.40 16.64 -2.71
C GLY A 180 -33.69 16.49 -4.05
N ASP A 181 -33.60 17.54 -4.86
CA ASP A 181 -32.89 17.50 -6.14
C ASP A 181 -31.36 17.51 -5.93
N TYR A 182 -30.63 16.89 -6.86
CA TYR A 182 -29.17 16.78 -6.73
C TYR A 182 -28.42 17.77 -7.61
N PHE A 183 -27.29 18.27 -7.11
CA PHE A 183 -26.33 19.03 -7.90
C PHE A 183 -24.95 18.46 -7.65
N ILE A 184 -24.40 17.81 -8.67
CA ILE A 184 -23.23 16.94 -8.53
C ILE A 184 -22.08 17.43 -9.40
N ILE A 185 -20.97 17.75 -8.76
CA ILE A 185 -19.72 18.14 -9.44
C ILE A 185 -18.77 16.95 -9.43
N GLU A 186 -18.55 16.34 -10.58
CA GLU A 186 -17.67 15.17 -10.73
C GLU A 186 -16.22 15.61 -10.83
N ASP A 187 -15.32 14.80 -10.27
CA ASP A 187 -13.87 14.94 -10.47
C ASP A 187 -13.18 16.15 -9.86
N MET A 188 -13.79 17.32 -9.92
CA MET A 188 -13.02 18.56 -9.76
C MET A 188 -12.91 19.13 -8.35
N ILE A 189 -13.82 18.77 -7.45
CA ILE A 189 -13.86 19.46 -6.16
C ILE A 189 -12.59 19.28 -5.30
N PRO A 190 -12.08 18.05 -5.19
CA PRO A 190 -10.80 17.79 -4.51
C PRO A 190 -9.62 18.52 -5.12
N TYR A 191 -9.66 18.80 -6.41
CA TYR A 191 -8.62 19.58 -7.08
C TYR A 191 -8.76 21.06 -6.80
N TRP A 192 -9.98 21.57 -6.80
CA TRP A 192 -10.24 22.95 -6.40
C TRP A 192 -9.87 23.21 -4.93
N TYR A 193 -9.89 22.18 -4.08
CA TYR A 193 -9.55 22.32 -2.66
C TYR A 193 -8.03 22.26 -2.42
N ARG A 194 -7.34 21.45 -3.21
CA ARG A 194 -5.88 21.38 -3.15
C ARG A 194 -5.29 22.74 -3.56
N TYR A 195 -5.79 23.27 -4.67
CA TYR A 195 -5.24 24.48 -5.29
C TYR A 195 -5.71 25.79 -4.65
N ALA A 196 -6.99 25.85 -4.29
CA ALA A 196 -7.59 27.05 -3.70
C ALA A 196 -8.28 26.74 -2.38
N PRO A 197 -7.54 26.20 -1.41
CA PRO A 197 -8.09 25.93 -0.07
C PRO A 197 -9.00 27.03 0.48
N GLN A 198 -8.53 28.28 0.47
CA GLN A 198 -9.28 29.40 1.06
C GLN A 198 -10.53 29.75 0.26
N LEU A 199 -10.36 29.96 -1.04
CA LEU A 199 -11.43 30.44 -1.92
C LEU A 199 -12.49 29.38 -2.19
N PHE A 200 -12.08 28.16 -2.47
CA PHE A 200 -13.05 27.10 -2.64
C PHE A 200 -13.89 26.89 -1.38
N SER A 201 -13.27 27.04 -0.23
CA SER A 201 -13.92 26.82 1.05
C SER A 201 -14.91 27.95 1.41
N GLU A 202 -14.68 29.15 0.87
CA GLU A 202 -15.62 30.26 1.03
C GLU A 202 -16.85 30.08 0.13
N TYR A 203 -16.61 29.63 -1.10
CA TYR A 203 -17.63 29.61 -2.14
C TYR A 203 -18.66 28.55 -1.83
N LEU A 204 -18.21 27.30 -1.75
CA LEU A 204 -18.96 26.26 -1.08
C LEU A 204 -19.13 26.73 0.37
N GLY A 205 -20.31 26.57 0.93
CA GLY A 205 -20.52 27.08 2.29
C GLY A 205 -21.21 28.42 2.27
N ALA A 206 -20.95 29.20 1.23
CA ALA A 206 -21.82 30.32 0.90
C ALA A 206 -23.18 29.78 0.50
N PHE A 207 -23.22 28.51 0.11
CA PHE A 207 -24.46 27.77 -0.15
C PHE A 207 -24.88 26.91 1.05
N ARG A 208 -24.53 27.30 2.29
CA ARG A 208 -24.82 26.43 3.46
C ARG A 208 -26.31 26.34 3.80
N ASP A 209 -27.05 27.41 3.58
CA ASP A 209 -28.48 27.40 3.83
C ASP A 209 -29.28 26.67 2.74
N VAL A 210 -28.67 26.42 1.59
CA VAL A 210 -29.41 25.90 0.42
C VAL A 210 -28.99 24.52 -0.09
N LEU A 211 -27.83 24.04 0.33
CA LEU A 211 -27.27 22.78 -0.17
C LEU A 211 -26.47 22.07 0.91
N SER A 212 -26.75 20.79 1.08
CA SER A 212 -25.93 19.92 1.92
C SER A 212 -25.19 18.91 1.04
N MET A 213 -24.13 18.31 1.57
CA MET A 213 -23.45 17.22 0.91
C MET A 213 -24.03 15.89 1.40
N ASP A 214 -24.48 15.05 0.48
CA ASP A 214 -25.12 13.78 0.81
C ASP A 214 -24.10 12.65 1.04
N MET A 215 -23.87 12.33 2.30
CA MET A 215 -22.78 11.45 2.71
C MET A 215 -22.92 9.99 2.33
N LEU A 216 -24.14 9.59 1.98
CA LEU A 216 -24.41 8.22 1.56
C LEU A 216 -23.74 7.92 0.23
N TYR A 217 -23.67 8.92 -0.64
CA TYR A 217 -23.07 8.76 -1.97
C TYR A 217 -21.74 9.51 -2.13
N ALA A 218 -21.42 10.37 -1.18
CA ALA A 218 -20.33 11.33 -1.38
C ALA A 218 -18.93 10.73 -1.22
N ASN A 219 -18.79 9.62 -0.51
CA ASN A 219 -17.50 8.93 -0.38
C ASN A 219 -17.46 7.55 -1.06
N ALA A 220 -18.33 7.35 -2.03
CA ALA A 220 -18.54 6.03 -2.63
C ALA A 220 -17.79 5.75 -3.97
N SER A 221 -17.18 6.78 -4.58
CA SER A 221 -16.25 6.59 -5.70
C SER A 221 -15.26 7.75 -5.80
N SER A 222 -14.09 7.52 -6.39
CA SER A 222 -13.11 8.57 -6.64
C SER A 222 -13.69 9.79 -7.33
N GLN A 223 -14.55 9.54 -8.33
CA GLN A 223 -15.00 10.57 -9.26
C GLN A 223 -16.08 11.44 -8.65
N LEU A 224 -16.84 10.90 -7.71
CA LEU A 224 -17.92 11.66 -7.09
C LEU A 224 -17.45 12.26 -5.77
N ASP A 225 -16.36 11.69 -5.25
CA ASP A 225 -15.71 12.08 -4.00
C ASP A 225 -15.91 13.55 -3.60
N ARG A 226 -16.63 13.72 -2.50
CA ARG A 226 -16.96 15.03 -1.91
C ARG A 226 -17.65 15.99 -2.88
N GLY A 227 -18.48 15.44 -3.76
CA GLY A 227 -19.11 16.22 -4.82
C GLY A 227 -20.60 16.05 -5.01
N VAL A 228 -21.22 15.12 -4.28
CA VAL A 228 -22.67 14.93 -4.37
C VAL A 228 -23.38 15.87 -3.40
N LEU A 229 -24.03 16.88 -3.96
CA LEU A 229 -24.79 17.85 -3.19
C LEU A 229 -26.27 17.75 -3.53
N ARG A 230 -27.13 18.19 -2.62
CA ARG A 230 -28.57 18.25 -2.88
C ARG A 230 -29.26 19.40 -2.16
N ARG A 231 -30.45 19.77 -2.64
CA ARG A 231 -31.19 20.93 -2.12
C ARG A 231 -31.90 20.54 -0.85
N VAL A 232 -31.56 21.24 0.24
CA VAL A 232 -32.30 21.14 1.50
C VAL A 232 -33.09 22.43 1.71
N ALA A 233 -34.35 22.47 1.28
CA ALA A 233 -35.21 23.64 1.57
C ALA A 233 -35.85 23.54 2.97
N ASN B 2 -27.45 -13.81 32.16
CA ASN B 2 -26.78 -14.88 31.35
C ASN B 2 -27.60 -15.16 30.11
N ASP B 3 -27.54 -14.24 29.15
CA ASP B 3 -28.44 -14.32 27.99
C ASP B 3 -28.18 -15.56 27.14
N TYR B 4 -26.96 -16.12 27.23
CA TYR B 4 -26.56 -17.23 26.37
C TYR B 4 -27.37 -18.52 26.64
N SER B 5 -27.73 -18.76 27.90
CA SER B 5 -28.46 -19.97 28.26
C SER B 5 -29.97 -19.86 28.01
N ARG B 6 -30.43 -18.66 27.62
CA ARG B 6 -31.81 -18.45 27.20
C ARG B 6 -31.90 -18.42 25.69
N GLN B 7 -30.90 -19.00 25.06
CA GLN B 7 -30.59 -18.69 23.69
C GLN B 7 -30.03 -19.90 22.99
N ASN B 8 -30.52 -20.16 21.79
CA ASN B 8 -29.85 -21.08 20.89
C ASN B 8 -29.18 -20.34 19.74
N PHE B 9 -28.03 -20.83 19.34
CA PHE B 9 -27.19 -20.10 18.41
C PHE B 9 -27.15 -20.82 17.07
N GLN B 10 -27.75 -20.21 16.05
CA GLN B 10 -27.50 -20.57 14.65
C GLN B 10 -26.00 -20.71 14.35
N ASP B 11 -25.72 -21.33 13.22
CA ASP B 11 -24.35 -21.58 12.80
C ASP B 11 -23.99 -20.53 11.79
N LEU B 12 -22.98 -19.73 12.09
CA LEU B 12 -22.65 -18.57 11.25
C LEU B 12 -21.96 -18.89 9.92
N ASN B 13 -21.44 -20.10 9.75
CA ASN B 13 -20.82 -20.52 8.48
C ASN B 13 -21.79 -20.46 7.29
N LEU B 14 -23.08 -20.61 7.58
CA LEU B 14 -24.13 -20.55 6.55
C LEU B 14 -24.19 -19.21 5.78
N PHE B 15 -23.50 -18.20 6.32
CA PHE B 15 -23.50 -16.83 5.81
C PHE B 15 -22.18 -16.48 5.11
N ARG B 16 -21.29 -17.46 4.96
CA ARG B 16 -20.01 -17.22 4.31
C ARG B 16 -20.27 -16.80 2.88
N GLY B 17 -19.71 -15.65 2.52
CA GLY B 17 -19.84 -15.13 1.18
C GLY B 17 -21.19 -14.52 0.82
N LEU B 18 -22.22 -14.63 1.68
CA LEU B 18 -23.61 -14.20 1.38
C LEU B 18 -24.16 -13.10 2.30
N GLY B 19 -24.22 -13.38 3.60
CA GLY B 19 -24.70 -12.42 4.60
C GLY B 19 -26.01 -12.88 5.23
N GLU B 20 -26.46 -12.15 6.24
CA GLU B 20 -27.63 -12.54 7.05
C GLU B 20 -28.94 -12.55 6.32
N ASP B 21 -29.07 -11.72 5.28
CA ASP B 21 -30.37 -11.50 4.63
C ASP B 21 -30.22 -11.43 3.09
N PRO B 22 -30.96 -12.26 2.36
CA PRO B 22 -31.01 -12.15 0.89
C PRO B 22 -31.76 -10.91 0.39
N ALA B 23 -32.64 -10.35 1.21
CA ALA B 23 -33.33 -9.12 0.88
C ALA B 23 -32.32 -8.00 0.96
N TYR B 24 -32.43 -7.07 0.01
CA TYR B 24 -31.61 -5.88 -0.02
C TYR B 24 -32.18 -4.81 0.94
N HIS B 25 -31.29 -4.17 1.67
CA HIS B 25 -31.64 -3.02 2.47
C HIS B 25 -30.56 -1.97 2.26
N PRO B 26 -30.94 -0.75 1.92
CA PRO B 26 -29.94 0.30 1.70
C PRO B 26 -29.17 0.55 2.98
N PRO B 27 -27.91 0.89 2.84
CA PRO B 27 -27.05 1.14 4.00
C PRO B 27 -27.49 2.37 4.79
N VAL B 28 -26.87 2.50 5.95
CA VAL B 28 -27.35 3.42 6.96
C VAL B 28 -26.17 4.04 7.70
N LEU B 29 -26.22 5.37 7.83
CA LEU B 29 -25.16 6.13 8.45
C LEU B 29 -25.35 6.10 9.95
N THR B 30 -24.33 5.62 10.64
CA THR B 30 -24.37 5.43 12.08
C THR B 30 -23.81 6.64 12.81
N ASP B 31 -22.65 7.09 12.35
CA ASP B 31 -21.82 8.06 13.06
C ASP B 31 -21.72 9.41 12.37
N ARG B 32 -22.80 9.83 11.73
CA ARG B 32 -22.83 11.11 10.99
C ARG B 32 -24.17 11.35 10.29
N PRO B 33 -24.52 12.62 10.13
CA PRO B 33 -25.76 12.98 9.44
C PRO B 33 -25.64 12.64 7.97
N ARG B 34 -26.75 12.28 7.34
CA ARG B 34 -26.76 12.14 5.90
C ARG B 34 -26.48 13.50 5.22
N ASP B 35 -26.97 14.59 5.83
CA ASP B 35 -26.76 15.92 5.29
C ASP B 35 -25.67 16.67 6.03
N TRP B 36 -24.43 16.55 5.58
CA TRP B 36 -23.34 17.31 6.15
C TRP B 36 -23.37 18.73 5.59
N PRO B 37 -23.31 19.74 6.47
CA PRO B 37 -23.42 21.15 6.05
C PRO B 37 -22.15 21.71 5.41
N LEU B 38 -22.33 22.56 4.41
CA LEU B 38 -21.24 23.00 3.53
C LEU B 38 -20.24 23.95 4.18
N ASP B 39 -20.65 24.62 5.25
CA ASP B 39 -19.72 25.46 6.01
C ASP B 39 -18.61 24.62 6.66
N ARG B 40 -18.90 23.36 6.98
CA ARG B 40 -17.93 22.46 7.58
C ARG B 40 -17.45 21.37 6.61
N TRP B 41 -17.43 21.67 5.31
CA TRP B 41 -17.14 20.66 4.29
C TRP B 41 -15.77 19.97 4.45
N ALA B 42 -14.75 20.72 4.87
CA ALA B 42 -13.42 20.16 5.09
C ALA B 42 -13.40 19.10 6.21
N GLU B 43 -14.22 19.31 7.25
CA GLU B 43 -14.25 18.43 8.43
C GLU B 43 -15.01 17.10 8.22
N ALA B 44 -15.62 16.92 7.05
CA ALA B 44 -16.38 15.70 6.76
C ALA B 44 -15.46 14.49 6.71
N PRO B 45 -15.92 13.36 7.22
CA PRO B 45 -15.13 12.13 7.14
C PRO B 45 -15.04 11.61 5.70
N ARG B 46 -13.89 11.02 5.37
CA ARG B 46 -13.61 10.61 3.99
C ARG B 46 -13.83 9.11 3.75
N ASP B 47 -14.11 8.36 4.83
CA ASP B 47 -14.40 6.93 4.69
C ASP B 47 -15.86 6.67 4.29
N LEU B 48 -16.13 5.43 3.92
CA LEU B 48 -17.42 5.07 3.32
C LEU B 48 -18.64 5.28 4.24
N GLY B 49 -18.49 5.04 5.54
CA GLY B 49 -19.58 5.25 6.49
C GLY B 49 -20.46 4.03 6.77
N TYR B 50 -20.35 3.01 5.92
CA TYR B 50 -21.03 1.75 6.12
C TYR B 50 -20.11 0.63 5.62
N SER B 51 -20.51 -0.62 5.87
CA SER B 51 -19.69 -1.77 5.52
C SER B 51 -19.70 -1.97 4.02
N ASP B 52 -18.52 -2.23 3.47
CA ASP B 52 -18.38 -2.52 2.04
C ASP B 52 -18.39 -4.02 1.75
N PHE B 53 -19.01 -4.82 2.63
CA PHE B 53 -18.96 -6.27 2.47
C PHE B 53 -19.69 -6.66 1.17
N SER B 54 -20.98 -6.39 1.11
CA SER B 54 -21.66 -6.60 -0.15
C SER B 54 -22.79 -5.60 -0.24
N PRO B 55 -22.44 -4.38 -0.58
CA PRO B 55 -23.38 -3.28 -0.62
C PRO B 55 -24.05 -3.08 -1.97
N TYR B 56 -23.82 -3.95 -2.94
CA TYR B 56 -24.24 -3.68 -4.31
C TYR B 56 -25.62 -4.19 -4.56
N GLN B 57 -26.36 -3.55 -5.45
CA GLN B 57 -27.73 -3.98 -5.74
C GLN B 57 -28.13 -3.86 -7.22
N TRP B 58 -29.35 -4.28 -7.53
CA TRP B 58 -29.89 -4.12 -8.86
C TRP B 58 -31.41 -4.10 -8.79
N ARG B 59 -32.02 -2.94 -9.03
CA ARG B 59 -33.47 -2.79 -8.96
C ARG B 59 -34.05 -3.31 -7.64
N GLY B 60 -33.32 -3.11 -6.55
CA GLY B 60 -33.79 -3.51 -5.23
C GLY B 60 -33.54 -4.97 -4.87
N LEU B 61 -32.92 -5.70 -5.78
CA LEU B 61 -32.39 -7.04 -5.47
C LEU B 61 -30.94 -6.89 -5.06
N ARG B 62 -30.43 -7.77 -4.21
CA ARG B 62 -29.01 -7.77 -3.90
C ARG B 62 -28.15 -8.24 -5.10
N MET B 63 -26.95 -7.69 -5.22
CA MET B 63 -26.00 -8.09 -6.26
C MET B 63 -24.64 -8.47 -5.67
N LEU B 64 -24.25 -9.73 -5.84
CA LEU B 64 -23.00 -10.23 -5.28
C LEU B 64 -21.81 -10.05 -6.25
N LYS B 65 -22.09 -9.65 -7.48
CA LYS B 65 -21.06 -9.32 -8.45
C LYS B 65 -20.83 -7.82 -8.39
N ASP B 66 -19.64 -7.40 -7.98
CA ASP B 66 -19.36 -5.99 -7.75
C ASP B 66 -19.08 -5.24 -9.07
N PRO B 67 -19.01 -3.91 -9.07
CA PRO B 67 -19.07 -3.16 -10.34
C PRO B 67 -17.98 -3.50 -11.38
N ASP B 68 -16.81 -3.92 -10.92
CA ASP B 68 -15.73 -4.26 -11.83
C ASP B 68 -16.09 -5.53 -12.60
N THR B 69 -16.59 -6.51 -11.87
CA THR B 69 -17.16 -7.70 -12.47
C THR B 69 -18.26 -7.37 -13.48
N GLN B 70 -19.11 -6.43 -13.13
CA GLN B 70 -20.20 -6.07 -14.01
C GLN B 70 -19.70 -5.54 -15.36
N ALA B 71 -18.60 -4.81 -15.35
CA ALA B 71 -18.02 -4.21 -16.54
C ALA B 71 -17.46 -5.30 -17.44
N VAL B 72 -16.88 -6.34 -16.84
CA VAL B 72 -16.37 -7.48 -17.60
C VAL B 72 -17.54 -8.21 -18.25
N TYR B 73 -18.54 -8.63 -17.47
CA TYR B 73 -19.71 -9.29 -18.05
C TYR B 73 -20.42 -8.46 -19.11
N HIS B 74 -20.29 -7.13 -19.01
CA HIS B 74 -20.91 -6.23 -19.97
C HIS B 74 -20.23 -6.30 -21.30
N ASP B 75 -18.91 -6.23 -21.24
CA ASP B 75 -18.01 -6.34 -22.39
C ASP B 75 -18.16 -7.68 -23.07
N MET B 76 -18.23 -8.72 -22.25
CA MET B 76 -18.35 -10.09 -22.70
C MET B 76 -19.70 -10.31 -23.39
N LEU B 77 -20.75 -9.72 -22.85
CA LEU B 77 -22.06 -9.82 -23.47
C LEU B 77 -22.11 -9.06 -24.81
N TRP B 78 -21.46 -7.90 -24.86
CA TRP B 78 -21.50 -7.06 -26.04
C TRP B 78 -20.78 -7.79 -27.17
N GLU B 79 -19.63 -8.37 -26.87
CA GLU B 79 -18.84 -9.12 -27.84
C GLU B 79 -19.50 -10.45 -28.27
N LEU B 80 -19.78 -11.32 -27.32
CA LEU B 80 -20.30 -12.66 -27.61
C LEU B 80 -21.75 -12.66 -28.06
N ARG B 81 -22.55 -11.75 -27.51
CA ARG B 81 -24.00 -11.76 -27.69
C ARG B 81 -24.58 -13.15 -27.43
N PRO B 82 -24.51 -13.60 -26.19
CA PRO B 82 -24.93 -14.96 -25.84
C PRO B 82 -26.40 -15.24 -26.03
N ARG B 83 -26.69 -16.40 -26.58
CA ARG B 83 -28.06 -16.90 -26.66
C ARG B 83 -28.53 -17.49 -25.34
N THR B 84 -27.61 -17.98 -24.52
CA THR B 84 -27.97 -18.54 -23.21
C THR B 84 -26.95 -18.16 -22.14
N ILE B 85 -27.42 -17.90 -20.93
CA ILE B 85 -26.55 -17.73 -19.76
C ILE B 85 -27.00 -18.67 -18.65
N VAL B 86 -26.07 -19.41 -18.05
CA VAL B 86 -26.40 -20.32 -16.96
C VAL B 86 -25.70 -19.91 -15.67
N GLU B 87 -26.44 -19.35 -14.73
CA GLU B 87 -25.89 -19.15 -13.39
C GLU B 87 -26.05 -20.42 -12.57
N LEU B 88 -25.00 -20.80 -11.87
CA LEU B 88 -25.04 -21.92 -10.93
C LEU B 88 -24.90 -21.31 -9.53
N GLY B 89 -25.93 -21.40 -8.72
CA GLY B 89 -26.00 -20.62 -7.52
C GLY B 89 -26.67 -19.29 -7.83
N VAL B 90 -27.95 -19.20 -7.48
CA VAL B 90 -28.79 -18.03 -7.75
C VAL B 90 -28.86 -17.09 -6.55
N TYR B 91 -28.93 -17.70 -5.36
CA TYR B 91 -29.12 -17.00 -4.09
C TYR B 91 -30.43 -16.21 -4.11
N ASN B 92 -30.31 -14.92 -4.34
CA ASN B 92 -31.40 -13.99 -4.18
C ASN B 92 -32.03 -13.62 -5.52
N GLY B 93 -31.33 -13.87 -6.61
CA GLY B 93 -31.86 -13.67 -7.96
C GLY B 93 -31.31 -12.43 -8.63
N GLY B 94 -30.48 -11.69 -7.92
CA GLY B 94 -30.00 -10.42 -8.40
C GLY B 94 -29.29 -10.52 -9.74
N SER B 95 -28.29 -11.39 -9.83
CA SER B 95 -27.49 -11.44 -11.04
C SER B 95 -28.26 -12.06 -12.25
N LEU B 96 -29.16 -13.01 -11.98
CA LEU B 96 -30.15 -13.46 -12.97
C LEU B 96 -30.91 -12.30 -13.64
N ALA B 97 -31.50 -11.43 -12.82
CA ALA B 97 -32.26 -10.29 -13.36
C ALA B 97 -31.29 -9.36 -14.07
N TRP B 98 -30.10 -9.21 -13.50
CA TRP B 98 -29.10 -8.35 -14.07
C TRP B 98 -28.72 -8.83 -15.49
N PHE B 99 -28.46 -10.11 -15.64
CA PHE B 99 -28.10 -10.68 -16.94
C PHE B 99 -29.23 -10.57 -17.93
N ARG B 100 -30.46 -10.76 -17.49
CA ARG B 100 -31.60 -10.75 -18.41
C ARG B 100 -31.90 -9.31 -18.87
N ASP B 101 -31.81 -8.37 -17.93
CA ASP B 101 -32.10 -6.99 -18.20
C ASP B 101 -31.04 -6.46 -19.15
N LEU B 102 -29.79 -6.76 -18.87
CA LEU B 102 -28.70 -6.32 -19.73
C LEU B 102 -28.71 -6.87 -21.15
N THR B 103 -29.12 -8.12 -21.32
CA THR B 103 -29.15 -8.69 -22.67
C THR B 103 -30.32 -8.06 -23.42
N LYS B 104 -31.40 -7.83 -22.70
CA LYS B 104 -32.56 -7.17 -23.27
C LYS B 104 -32.18 -5.79 -23.82
N ILE B 105 -31.33 -5.02 -23.13
CA ILE B 105 -31.04 -3.64 -23.55
C ILE B 105 -30.08 -3.58 -24.72
N MET B 106 -29.21 -4.58 -24.82
CA MET B 106 -28.30 -4.70 -25.96
C MET B 106 -29.01 -5.33 -27.17
N GLY B 107 -30.29 -5.64 -27.01
CA GLY B 107 -31.09 -6.26 -28.07
C GLY B 107 -30.72 -7.70 -28.34
N ILE B 108 -30.23 -8.41 -27.34
CA ILE B 108 -29.86 -9.82 -27.48
C ILE B 108 -30.95 -10.74 -26.95
N ASP B 109 -31.39 -11.67 -27.77
CA ASP B 109 -32.41 -12.62 -27.34
C ASP B 109 -31.72 -13.75 -26.57
N CYS B 110 -31.60 -13.54 -25.26
CA CYS B 110 -30.87 -14.44 -24.37
C CYS B 110 -31.78 -15.06 -23.30
N GLN B 111 -31.69 -16.39 -23.15
CA GLN B 111 -32.34 -17.11 -22.05
C GLN B 111 -31.40 -17.20 -20.85
N VAL B 112 -31.82 -16.70 -19.70
CA VAL B 112 -31.03 -16.75 -18.47
C VAL B 112 -31.51 -17.92 -17.61
N ILE B 113 -30.62 -18.79 -17.18
CA ILE B 113 -31.00 -20.00 -16.46
C ILE B 113 -30.30 -20.10 -15.09
N GLY B 114 -31.09 -20.10 -14.03
CA GLY B 114 -30.55 -20.23 -12.69
C GLY B 114 -30.78 -21.62 -12.12
N ILE B 115 -29.71 -22.22 -11.61
CA ILE B 115 -29.78 -23.51 -10.91
C ILE B 115 -29.38 -23.30 -9.45
N ASP B 116 -29.99 -24.04 -8.54
CA ASP B 116 -29.71 -23.92 -7.12
C ASP B 116 -30.30 -25.07 -6.27
N ARG B 117 -29.63 -25.38 -5.17
CA ARG B 117 -30.18 -26.14 -4.06
C ARG B 117 -31.56 -25.66 -3.60
N ASP B 118 -31.67 -24.34 -3.49
CA ASP B 118 -32.60 -23.72 -2.58
C ASP B 118 -33.05 -22.38 -3.18
N LEU B 119 -34.19 -22.42 -3.86
CA LEU B 119 -34.73 -21.26 -4.57
C LEU B 119 -35.63 -20.44 -3.68
N SER B 120 -35.79 -20.87 -2.44
CA SER B 120 -36.62 -20.17 -1.45
C SER B 120 -36.07 -18.77 -1.14
N ARG B 121 -34.78 -18.55 -1.43
CA ARG B 121 -34.13 -17.28 -1.15
C ARG B 121 -34.31 -16.29 -2.26
N CYS B 122 -34.82 -16.74 -3.40
CA CYS B 122 -35.03 -15.88 -4.56
C CYS B 122 -36.09 -14.81 -4.29
N GLN B 123 -35.77 -13.60 -4.72
CA GLN B 123 -36.46 -12.37 -4.34
C GLN B 123 -37.07 -11.67 -5.56
N ILE B 124 -37.04 -12.33 -6.72
CA ILE B 124 -37.46 -11.69 -7.96
C ILE B 124 -38.98 -11.66 -8.07
N PRO B 125 -39.57 -10.50 -8.27
CA PRO B 125 -41.01 -10.42 -8.46
C PRO B 125 -41.49 -11.45 -9.48
N ALA B 126 -42.64 -12.08 -9.22
CA ALA B 126 -43.15 -13.10 -10.13
C ALA B 126 -43.46 -12.51 -11.49
N SER B 127 -43.57 -11.19 -11.56
CA SER B 127 -43.90 -10.47 -12.79
C SER B 127 -42.66 -10.06 -13.57
N ASP B 128 -41.52 -10.07 -12.90
CA ASP B 128 -40.29 -9.53 -13.44
C ASP B 128 -39.38 -10.69 -13.89
N MET B 129 -39.99 -11.75 -14.40
CA MET B 129 -39.37 -13.06 -14.55
C MET B 129 -39.29 -13.53 -16.02
N GLU B 130 -39.62 -12.64 -16.95
CA GLU B 130 -39.55 -12.97 -18.38
C GLU B 130 -38.14 -13.40 -18.77
N ASN B 131 -38.02 -14.34 -19.72
CA ASN B 131 -36.71 -14.86 -20.17
C ASN B 131 -35.85 -15.47 -19.07
N ILE B 132 -36.45 -15.87 -17.95
CA ILE B 132 -35.71 -16.50 -16.86
C ILE B 132 -36.35 -17.84 -16.51
N THR B 133 -35.50 -18.81 -16.16
CA THR B 133 -35.95 -20.12 -15.75
C THR B 133 -35.12 -20.55 -14.54
N LEU B 134 -35.80 -20.98 -13.47
CA LEU B 134 -35.16 -21.49 -12.26
C LEU B 134 -35.21 -23.01 -12.25
N HIS B 135 -34.23 -23.65 -11.59
CA HIS B 135 -34.17 -25.12 -11.46
C HIS B 135 -33.62 -25.48 -10.10
N GLN B 136 -34.40 -26.20 -9.28
CA GLN B 136 -33.87 -26.74 -8.02
C GLN B 136 -33.13 -28.05 -8.30
N GLY B 137 -32.02 -28.24 -7.61
CA GLY B 137 -31.10 -29.31 -7.93
C GLY B 137 -29.77 -29.08 -7.26
N ASP B 138 -29.10 -30.16 -6.91
CA ASP B 138 -27.78 -30.08 -6.30
C ASP B 138 -26.69 -30.34 -7.37
N CYS B 139 -25.65 -29.51 -7.34
CA CYS B 139 -24.47 -29.64 -8.20
C CYS B 139 -23.74 -30.95 -7.95
N SER B 140 -23.83 -31.40 -6.69
CA SER B 140 -23.17 -32.60 -6.20
C SER B 140 -23.42 -33.87 -7.04
N ASP B 141 -24.54 -33.92 -7.75
CA ASP B 141 -24.86 -35.05 -8.61
C ASP B 141 -25.33 -34.54 -9.96
N LEU B 142 -24.77 -35.10 -11.02
CA LEU B 142 -24.85 -34.50 -12.36
C LEU B 142 -26.26 -34.54 -12.99
N THR B 143 -27.17 -35.31 -12.43
CA THR B 143 -28.50 -35.44 -13.02
C THR B 143 -29.21 -34.09 -13.08
N THR B 144 -28.81 -33.18 -12.20
CA THR B 144 -29.28 -31.80 -12.27
C THR B 144 -29.05 -31.18 -13.64
N PHE B 145 -27.99 -31.61 -14.31
CA PHE B 145 -27.63 -31.08 -15.63
C PHE B 145 -28.03 -31.97 -16.81
N GLU B 146 -28.20 -33.27 -16.56
CA GLU B 146 -28.69 -34.17 -17.61
C GLU B 146 -30.13 -33.81 -17.94
N HIS B 147 -30.90 -33.55 -16.88
CA HIS B 147 -32.34 -33.28 -16.94
C HIS B 147 -32.71 -32.11 -17.84
N LEU B 148 -31.93 -31.03 -17.78
CA LEU B 148 -32.22 -29.83 -18.57
C LEU B 148 -31.65 -29.98 -19.96
N ARG B 149 -32.17 -29.21 -20.91
CA ARG B 149 -31.85 -29.49 -22.29
C ARG B 149 -31.83 -28.32 -23.26
N GLU B 150 -31.83 -28.65 -24.56
CA GLU B 150 -31.38 -27.79 -25.66
C GLU B 150 -31.33 -26.30 -25.35
N MET B 151 -30.12 -25.82 -25.09
CA MET B 151 -29.88 -24.42 -24.88
C MET B 151 -29.28 -23.91 -26.17
N ALA B 152 -29.71 -22.74 -26.62
CA ALA B 152 -29.10 -22.12 -27.78
C ALA B 152 -27.72 -21.59 -27.45
N HIS B 153 -26.95 -21.32 -28.49
CA HIS B 153 -25.57 -20.84 -28.38
C HIS B 153 -25.41 -19.54 -29.21
N PRO B 154 -24.39 -18.74 -28.92
CA PRO B 154 -23.42 -18.97 -27.86
C PRO B 154 -23.99 -19.02 -26.46
N LEU B 155 -23.16 -19.49 -25.53
CA LEU B 155 -23.56 -19.85 -24.17
C LEU B 155 -22.48 -19.51 -23.16
N ILE B 156 -22.85 -18.80 -22.09
CA ILE B 156 -21.99 -18.56 -20.93
C ILE B 156 -22.47 -19.37 -19.71
N PHE B 157 -21.62 -20.29 -19.22
CA PHE B 157 -21.90 -21.11 -18.03
C PHE B 157 -21.04 -20.55 -16.89
N ILE B 158 -21.68 -20.17 -15.79
CA ILE B 158 -20.99 -19.56 -14.66
C ILE B 158 -21.20 -20.35 -13.38
N ASP B 159 -20.11 -20.67 -12.67
CA ASP B 159 -20.16 -21.34 -11.38
C ASP B 159 -19.93 -20.36 -10.24
N ASN B 160 -21.00 -20.01 -9.53
CA ASN B 160 -20.95 -19.31 -8.25
C ASN B 160 -21.21 -20.24 -7.11
N ALA B 161 -21.44 -21.53 -7.38
CA ALA B 161 -21.79 -22.47 -6.34
C ALA B 161 -20.54 -23.08 -5.74
N HIS B 162 -19.55 -23.30 -6.59
CA HIS B 162 -18.25 -23.87 -6.21
C HIS B 162 -18.35 -25.24 -5.58
N ALA B 163 -19.14 -26.12 -6.21
CA ALA B 163 -19.36 -27.47 -5.70
C ALA B 163 -19.39 -28.51 -6.84
N ASN B 164 -18.55 -29.54 -6.71
CA ASN B 164 -18.41 -30.57 -7.73
C ASN B 164 -17.94 -29.96 -9.05
N THR B 165 -17.19 -28.86 -8.96
CA THR B 165 -16.96 -27.94 -10.09
C THR B 165 -16.30 -28.58 -11.31
N PHE B 166 -15.24 -29.33 -11.08
CA PHE B 166 -14.51 -29.99 -12.17
C PHE B 166 -15.28 -31.11 -12.88
N ASN B 167 -16.09 -31.87 -12.15
CA ASN B 167 -16.92 -32.92 -12.76
C ASN B 167 -18.01 -32.29 -13.61
N ILE B 168 -18.48 -31.13 -13.17
CA ILE B 168 -19.47 -30.34 -13.93
C ILE B 168 -18.81 -29.73 -15.17
N MET B 169 -17.54 -29.39 -15.06
CA MET B 169 -16.79 -28.80 -16.17
C MET B 169 -16.53 -29.85 -17.24
N LYS B 170 -16.33 -31.10 -16.83
CA LYS B 170 -16.13 -32.20 -17.73
C LYS B 170 -17.48 -32.52 -18.39
N TRP B 171 -18.55 -32.41 -17.61
CA TRP B 171 -19.86 -32.64 -18.14
C TRP B 171 -20.13 -31.62 -19.24
N ALA B 172 -19.76 -30.38 -18.97
CA ALA B 172 -20.06 -29.29 -19.89
C ALA B 172 -19.27 -29.42 -21.21
N VAL B 173 -18.00 -29.72 -21.12
CA VAL B 173 -17.17 -29.91 -22.31
C VAL B 173 -17.71 -31.06 -23.17
N ASP B 174 -18.12 -32.14 -22.52
CA ASP B 174 -18.52 -33.32 -23.26
C ASP B 174 -19.95 -33.25 -23.84
N HIS B 175 -20.83 -32.43 -23.22
CA HIS B 175 -22.28 -32.53 -23.48
C HIS B 175 -23.06 -31.20 -23.67
N LEU B 176 -22.37 -30.07 -23.78
CA LEU B 176 -23.02 -28.75 -23.80
C LEU B 176 -22.22 -27.69 -24.58
N LEU B 177 -21.02 -27.35 -24.08
CA LEU B 177 -20.23 -26.24 -24.62
C LEU B 177 -19.85 -26.47 -26.08
N GLU B 178 -20.21 -25.51 -26.92
CA GLU B 178 -19.68 -25.41 -28.28
C GLU B 178 -18.51 -24.43 -28.35
N GLU B 179 -17.77 -24.44 -29.45
CA GLU B 179 -16.59 -23.56 -29.62
C GLU B 179 -16.90 -22.09 -29.30
N GLY B 180 -16.10 -21.49 -28.43
CA GLY B 180 -16.31 -20.10 -28.06
C GLY B 180 -17.21 -19.83 -26.86
N ASP B 181 -17.80 -20.89 -26.30
CA ASP B 181 -18.67 -20.76 -25.16
C ASP B 181 -17.79 -20.57 -23.94
N TYR B 182 -18.24 -19.77 -22.98
CA TYR B 182 -17.46 -19.58 -21.78
C TYR B 182 -17.86 -20.58 -20.72
N PHE B 183 -16.90 -20.93 -19.89
CA PHE B 183 -17.16 -21.58 -18.61
C PHE B 183 -16.36 -20.78 -17.61
N ILE B 184 -17.06 -20.09 -16.72
CA ILE B 184 -16.46 -19.15 -15.78
C ILE B 184 -16.63 -19.65 -14.37
N ILE B 185 -15.54 -19.77 -13.64
CA ILE B 185 -15.57 -20.15 -12.23
C ILE B 185 -15.27 -18.90 -11.45
N GLU B 186 -16.27 -18.35 -10.79
CA GLU B 186 -16.07 -17.10 -10.06
C GLU B 186 -15.43 -17.31 -8.69
N ASP B 187 -14.64 -16.33 -8.24
CA ASP B 187 -14.03 -16.23 -6.90
C ASP B 187 -13.01 -17.28 -6.51
N MET B 188 -13.20 -18.52 -6.90
CA MET B 188 -12.62 -19.65 -6.18
C MET B 188 -11.28 -20.14 -6.73
N ILE B 189 -10.99 -19.89 -7.99
CA ILE B 189 -9.86 -20.57 -8.63
C ILE B 189 -8.53 -20.19 -7.98
N PRO B 190 -8.36 -18.93 -7.61
CA PRO B 190 -7.18 -18.52 -6.85
C PRO B 190 -7.00 -19.18 -5.49
N TYR B 191 -8.08 -19.50 -4.79
CA TYR B 191 -7.95 -20.16 -3.49
C TYR B 191 -7.56 -21.63 -3.62
N TRP B 192 -8.11 -22.29 -4.62
CA TRP B 192 -7.83 -23.68 -4.84
C TRP B 192 -6.37 -23.87 -5.19
N TYR B 193 -5.78 -22.88 -5.87
CA TYR B 193 -4.35 -22.91 -6.21
C TYR B 193 -3.49 -22.74 -5.00
N ARG B 194 -3.95 -21.90 -4.07
CA ARG B 194 -3.23 -21.61 -2.84
C ARG B 194 -3.23 -22.81 -1.91
N TYR B 195 -4.39 -23.46 -1.81
CA TYR B 195 -4.65 -24.55 -0.88
C TYR B 195 -4.20 -25.91 -1.43
N ALA B 196 -4.31 -26.08 -2.75
CA ALA B 196 -4.04 -27.36 -3.39
C ALA B 196 -3.36 -27.17 -4.74
N PRO B 197 -2.16 -26.57 -4.74
CA PRO B 197 -1.43 -26.35 -5.99
C PRO B 197 -1.24 -27.62 -6.83
N GLN B 198 -0.68 -28.67 -6.25
CA GLN B 198 -0.37 -29.87 -7.02
C GLN B 198 -1.62 -30.54 -7.65
N LEU B 199 -2.76 -30.51 -6.96
CA LEU B 199 -3.98 -31.11 -7.52
C LEU B 199 -4.71 -30.15 -8.47
N PHE B 200 -4.72 -28.88 -8.12
CA PHE B 200 -5.38 -27.85 -8.92
C PHE B 200 -4.81 -27.78 -10.32
N SER B 201 -3.48 -27.64 -10.42
CA SER B 201 -2.77 -27.56 -11.69
C SER B 201 -2.97 -28.78 -12.56
N GLU B 202 -2.96 -29.95 -11.93
CA GLU B 202 -3.19 -31.21 -12.62
C GLU B 202 -4.62 -31.26 -13.20
N TYR B 203 -5.60 -30.81 -12.43
CA TYR B 203 -7.00 -30.79 -12.87
C TYR B 203 -7.21 -29.79 -14.01
N LEU B 204 -6.78 -28.56 -13.82
CA LEU B 204 -6.83 -27.59 -14.91
C LEU B 204 -6.16 -28.14 -16.17
N GLY B 205 -5.00 -28.75 -16.00
CA GLY B 205 -4.20 -29.23 -17.10
C GLY B 205 -4.89 -30.34 -17.87
N ALA B 206 -5.70 -31.12 -17.18
CA ALA B 206 -6.47 -32.16 -17.82
C ALA B 206 -7.35 -31.58 -18.93
N PHE B 207 -7.71 -30.31 -18.81
CA PHE B 207 -8.53 -29.63 -19.81
C PHE B 207 -7.71 -28.82 -20.81
N ARG B 208 -6.41 -29.10 -20.89
CA ARG B 208 -5.50 -28.34 -21.75
C ARG B 208 -5.93 -28.31 -23.20
N ASP B 209 -6.53 -29.39 -23.68
CA ASP B 209 -6.97 -29.50 -25.06
C ASP B 209 -8.40 -28.99 -25.41
N VAL B 210 -9.22 -28.64 -24.42
CA VAL B 210 -10.58 -28.15 -24.72
C VAL B 210 -10.88 -26.73 -24.23
N LEU B 211 -10.34 -26.35 -23.09
CA LEU B 211 -10.57 -25.02 -22.57
C LEU B 211 -9.26 -24.28 -22.55
N SER B 212 -9.35 -22.97 -22.82
CA SER B 212 -8.24 -22.03 -22.66
C SER B 212 -8.68 -20.88 -21.77
N MET B 213 -7.74 -20.24 -21.07
CA MET B 213 -8.10 -19.10 -20.25
C MET B 213 -8.07 -17.88 -21.14
N ASP B 214 -9.08 -17.02 -21.00
CA ASP B 214 -9.25 -15.85 -21.87
C ASP B 214 -8.65 -14.60 -21.22
N MET B 215 -7.43 -14.28 -21.66
CA MET B 215 -6.58 -13.29 -21.01
C MET B 215 -7.00 -11.83 -21.18
N LEU B 216 -8.09 -11.63 -21.91
CA LEU B 216 -8.65 -10.32 -22.15
C LEU B 216 -9.65 -9.95 -21.06
N TYR B 217 -10.34 -10.94 -20.51
CA TYR B 217 -11.25 -10.73 -19.37
C TYR B 217 -10.70 -11.30 -18.06
N ALA B 218 -9.69 -12.15 -18.13
CA ALA B 218 -9.29 -13.00 -17.00
C ALA B 218 -8.60 -12.23 -15.89
N ASN B 219 -7.99 -11.12 -16.22
CA ASN B 219 -7.29 -10.31 -15.23
C ASN B 219 -7.99 -9.00 -14.91
N ALA B 220 -9.30 -8.94 -15.17
CA ALA B 220 -10.04 -7.67 -15.18
C ALA B 220 -10.98 -7.44 -13.97
N SER B 221 -11.06 -8.42 -13.07
CA SER B 221 -11.76 -8.24 -11.81
C SER B 221 -11.21 -9.20 -10.78
N SER B 222 -11.12 -8.76 -9.53
CA SER B 222 -10.79 -9.67 -8.44
C SER B 222 -11.69 -10.93 -8.44
N GLN B 223 -12.96 -10.81 -8.79
CA GLN B 223 -13.86 -11.96 -8.70
C GLN B 223 -13.68 -12.99 -9.83
N LEU B 224 -13.44 -12.54 -11.05
CA LEU B 224 -13.26 -13.44 -12.21
C LEU B 224 -11.81 -13.88 -12.33
N ASP B 225 -10.95 -13.22 -11.57
CA ASP B 225 -9.51 -13.45 -11.52
C ASP B 225 -9.06 -14.87 -11.89
N ARG B 226 -8.43 -14.96 -13.06
CA ARG B 226 -7.87 -16.18 -13.63
C ARG B 226 -8.84 -17.34 -13.73
N GLY B 227 -10.12 -17.01 -13.88
CA GLY B 227 -11.18 -18.00 -13.85
C GLY B 227 -12.04 -18.04 -15.09
N VAL B 228 -11.66 -17.31 -16.13
CA VAL B 228 -12.52 -17.14 -17.30
C VAL B 228 -12.05 -18.03 -18.43
N LEU B 229 -12.79 -19.09 -18.69
CA LEU B 229 -12.35 -20.11 -19.63
C LEU B 229 -13.29 -20.25 -20.80
N ARG B 230 -12.79 -20.72 -21.94
CA ARG B 230 -13.65 -20.93 -23.10
C ARG B 230 -13.26 -22.10 -23.98
N ARG B 231 -14.24 -22.64 -24.69
CA ARG B 231 -14.10 -23.89 -25.46
C ARG B 231 -13.34 -23.71 -26.76
N VAL B 232 -12.52 -24.70 -27.11
CA VAL B 232 -11.64 -24.63 -28.31
C VAL B 232 -11.96 -25.80 -29.29
N ALA B 233 -10.98 -26.19 -30.12
CA ALA B 233 -11.19 -27.25 -31.11
C ALA B 233 -12.45 -26.98 -31.93
N ASN C 8 -13.34 -38.48 -12.33
CA ASN C 8 -13.59 -38.52 -10.85
C ASN C 8 -12.70 -37.49 -10.11
N PHE C 9 -13.13 -36.22 -10.14
CA PHE C 9 -12.35 -35.14 -9.57
C PHE C 9 -12.67 -34.90 -8.12
N GLN C 10 -11.67 -35.07 -7.25
CA GLN C 10 -11.81 -34.70 -5.85
C GLN C 10 -12.34 -33.28 -5.74
N ASP C 11 -13.04 -32.99 -4.65
CA ASP C 11 -13.65 -31.68 -4.46
C ASP C 11 -12.72 -30.82 -3.64
N LEU C 12 -11.96 -29.97 -4.33
CA LEU C 12 -10.94 -29.11 -3.73
C LEU C 12 -11.35 -28.28 -2.48
N ASN C 13 -12.64 -28.18 -2.18
CA ASN C 13 -13.07 -27.46 -0.97
C ASN C 13 -12.55 -28.12 0.32
N LEU C 14 -12.72 -29.46 0.43
CA LEU C 14 -12.07 -30.29 1.45
C LEU C 14 -10.75 -29.73 2.00
N PHE C 15 -9.94 -29.13 1.13
CA PHE C 15 -8.59 -28.65 1.50
C PHE C 15 -8.53 -27.20 1.96
N ARG C 16 -9.69 -26.56 2.13
CA ARG C 16 -9.73 -25.15 2.56
C ARG C 16 -9.16 -25.02 3.97
N GLY C 17 -8.05 -24.29 4.11
CA GLY C 17 -7.44 -24.02 5.39
C GLY C 17 -6.43 -25.06 5.83
N LEU C 18 -6.32 -26.15 5.08
CA LEU C 18 -5.53 -27.32 5.48
C LEU C 18 -4.32 -27.58 4.61
N GLY C 19 -4.53 -27.69 3.31
CA GLY C 19 -3.49 -28.11 2.40
C GLY C 19 -3.88 -29.39 1.75
N GLU C 20 -3.08 -29.87 0.81
CA GLU C 20 -3.44 -31.11 0.11
C GLU C 20 -2.77 -32.39 0.64
N ASP C 21 -1.87 -32.29 1.61
CA ASP C 21 -1.23 -33.47 2.21
C ASP C 21 -0.90 -33.17 3.68
N PRO C 22 -1.47 -33.93 4.62
CA PRO C 22 -1.19 -33.74 6.04
C PRO C 22 0.28 -33.93 6.44
N ALA C 23 0.98 -34.80 5.71
CA ALA C 23 2.40 -35.02 5.96
C ALA C 23 3.22 -33.80 5.56
N TYR C 24 4.34 -33.59 6.25
CA TYR C 24 5.17 -32.43 6.00
C TYR C 24 6.22 -32.72 4.94
N HIS C 25 6.45 -31.71 4.12
CA HIS C 25 7.52 -31.74 3.17
C HIS C 25 8.15 -30.37 3.13
N PRO C 26 9.48 -30.32 3.15
CA PRO C 26 10.17 -29.03 3.12
C PRO C 26 10.00 -28.36 1.77
N PRO C 27 10.00 -27.04 1.74
CA PRO C 27 9.90 -26.32 0.47
C PRO C 27 11.02 -26.70 -0.48
N VAL C 28 10.64 -26.89 -1.73
CA VAL C 28 11.56 -27.21 -2.80
C VAL C 28 11.67 -25.93 -3.62
N LEU C 29 12.89 -25.41 -3.72
CA LEU C 29 13.21 -24.29 -4.59
C LEU C 29 13.08 -24.72 -6.05
N THR C 30 12.48 -23.85 -6.86
CA THR C 30 12.05 -24.22 -8.21
C THR C 30 12.78 -23.42 -9.30
N ASP C 31 13.04 -22.14 -9.06
CA ASP C 31 13.77 -21.30 -10.00
C ASP C 31 15.05 -20.74 -9.39
N ARG C 32 15.66 -21.48 -8.47
CA ARG C 32 16.99 -21.12 -7.96
C ARG C 32 17.66 -22.29 -7.26
N PRO C 33 18.98 -22.28 -7.27
CA PRO C 33 19.74 -23.31 -6.60
C PRO C 33 19.73 -22.98 -5.13
N ARG C 34 19.88 -24.00 -4.32
CA ARG C 34 19.96 -23.76 -2.89
C ARG C 34 21.20 -22.96 -2.53
N ASP C 35 22.31 -23.23 -3.23
CA ASP C 35 23.57 -22.57 -2.90
C ASP C 35 23.81 -21.44 -3.85
N TRP C 36 23.67 -20.21 -3.37
CA TRP C 36 23.99 -19.05 -4.18
C TRP C 36 25.47 -18.73 -4.02
N PRO C 37 26.16 -18.44 -5.12
CA PRO C 37 27.57 -18.08 -5.05
C PRO C 37 27.75 -16.67 -4.52
N LEU C 38 28.62 -16.54 -3.52
CA LEU C 38 28.81 -15.28 -2.81
C LEU C 38 29.37 -14.12 -3.67
N ASP C 39 30.11 -14.44 -4.72
CA ASP C 39 30.60 -13.38 -5.63
C ASP C 39 29.48 -12.71 -6.41
N ARG C 40 28.32 -13.35 -6.48
CA ARG C 40 27.14 -12.75 -7.07
C ARG C 40 26.05 -12.53 -6.00
N TRP C 41 26.47 -12.34 -4.75
CA TRP C 41 25.55 -12.10 -3.64
C TRP C 41 24.37 -11.12 -3.93
N ALA C 42 24.66 -9.95 -4.48
CA ALA C 42 23.65 -8.90 -4.66
C ALA C 42 22.54 -9.26 -5.67
N GLU C 43 22.88 -10.03 -6.70
CA GLU C 43 21.92 -10.44 -7.75
C GLU C 43 20.98 -11.59 -7.36
N ALA C 44 21.12 -12.13 -6.15
CA ALA C 44 20.21 -13.16 -5.68
C ALA C 44 18.83 -12.54 -5.44
N PRO C 45 17.77 -13.24 -5.86
CA PRO C 45 16.40 -12.76 -5.63
C PRO C 45 16.06 -12.69 -4.16
N ARG C 46 15.42 -11.58 -3.77
CA ARG C 46 15.15 -11.29 -2.37
C ARG C 46 13.78 -11.81 -1.89
N ASP C 47 13.00 -12.44 -2.77
CA ASP C 47 11.72 -13.01 -2.32
C ASP C 47 11.90 -14.42 -1.72
N LEU C 48 10.80 -14.96 -1.19
CA LEU C 48 10.87 -16.15 -0.35
C LEU C 48 11.33 -17.38 -1.11
N GLY C 49 10.81 -17.56 -2.32
CA GLY C 49 11.21 -18.67 -3.18
C GLY C 49 10.23 -19.82 -3.21
N TYR C 50 9.39 -19.95 -2.18
CA TYR C 50 8.38 -21.02 -2.12
C TYR C 50 7.00 -20.46 -1.77
N SER C 51 6.00 -21.34 -1.66
CA SER C 51 4.59 -20.95 -1.70
C SER C 51 3.95 -20.38 -0.43
N ASP C 52 4.68 -20.31 0.68
CA ASP C 52 4.26 -19.47 1.81
C ASP C 52 2.80 -19.62 2.31
N PHE C 53 2.12 -20.71 1.91
CA PHE C 53 0.72 -20.88 2.29
C PHE C 53 0.64 -21.43 3.71
N SER C 54 1.39 -22.48 3.97
CA SER C 54 1.59 -22.93 5.34
C SER C 54 2.93 -23.64 5.39
N PRO C 55 3.99 -22.86 5.40
CA PRO C 55 5.35 -23.42 5.34
C PRO C 55 5.85 -24.05 6.63
N TYR C 56 5.10 -23.95 7.72
CA TYR C 56 5.68 -24.11 9.04
C TYR C 56 5.65 -25.56 9.55
N GLN C 57 6.60 -25.88 10.41
CA GLN C 57 6.72 -27.23 10.96
C GLN C 57 7.19 -27.23 12.41
N TRP C 58 6.98 -28.37 13.07
CA TRP C 58 7.47 -28.64 14.40
C TRP C 58 7.95 -30.10 14.45
N ARG C 59 9.26 -30.31 14.35
CA ARG C 59 9.84 -31.65 14.41
C ARG C 59 9.33 -32.54 13.29
N GLY C 60 9.26 -31.98 12.09
CA GLY C 60 8.88 -32.75 10.93
C GLY C 60 7.41 -32.98 10.75
N LEU C 61 6.59 -32.27 11.53
CA LEU C 61 5.14 -32.33 11.41
C LEU C 61 4.68 -30.97 10.98
N ARG C 62 3.67 -30.91 10.12
CA ARG C 62 3.19 -29.63 9.69
C ARG C 62 2.69 -28.84 10.91
N MET C 63 2.79 -27.52 10.83
CA MET C 63 2.28 -26.58 11.81
C MET C 63 1.44 -25.58 11.07
N LEU C 64 0.15 -25.56 11.35
CA LEU C 64 -0.76 -24.56 10.79
C LEU C 64 -0.77 -23.23 11.56
N LYS C 65 -0.31 -23.23 12.81
CA LYS C 65 -0.22 -21.99 13.57
C LYS C 65 1.06 -21.30 13.18
N ASP C 66 0.99 -20.07 12.71
CA ASP C 66 2.19 -19.43 12.23
C ASP C 66 3.01 -18.95 13.42
N PRO C 67 4.24 -18.50 13.19
CA PRO C 67 5.17 -18.15 14.28
C PRO C 67 4.66 -17.07 15.24
N ASP C 68 3.91 -16.12 14.72
CA ASP C 68 3.38 -15.08 15.59
C ASP C 68 2.40 -15.70 16.60
N THR C 69 1.49 -16.53 16.10
CA THR C 69 0.55 -17.23 16.97
C THR C 69 1.33 -18.04 18.01
N GLN C 70 2.44 -18.65 17.59
CA GLN C 70 3.19 -19.55 18.46
C GLN C 70 3.81 -18.76 19.60
N ALA C 71 4.32 -17.58 19.28
CA ALA C 71 4.85 -16.67 20.29
C ALA C 71 3.77 -16.35 21.32
N VAL C 72 2.55 -16.05 20.88
CA VAL C 72 1.48 -15.77 21.81
C VAL C 72 1.26 -16.97 22.75
N TYR C 73 1.09 -18.17 22.20
CA TYR C 73 0.82 -19.36 23.02
C TYR C 73 1.96 -19.66 23.99
N HIS C 74 3.20 -19.44 23.56
CA HIS C 74 4.30 -19.61 24.48
C HIS C 74 4.08 -18.75 25.74
N ASP C 75 3.78 -17.48 25.54
CA ASP C 75 3.53 -16.54 26.62
C ASP C 75 2.33 -16.93 27.47
N MET C 76 1.24 -17.27 26.80
CA MET C 76 0.04 -17.70 27.49
C MET C 76 0.33 -18.90 28.36
N LEU C 77 1.05 -19.89 27.83
CA LEU C 77 1.35 -21.09 28.59
C LEU C 77 2.25 -20.72 29.76
N TRP C 78 3.19 -19.82 29.51
CA TRP C 78 4.13 -19.40 30.54
C TRP C 78 3.42 -18.75 31.73
N GLU C 79 2.39 -17.97 31.45
CA GLU C 79 1.70 -17.19 32.49
C GLU C 79 0.67 -18.04 33.22
N LEU C 80 -0.20 -18.70 32.46
CA LEU C 80 -1.30 -19.51 33.00
C LEU C 80 -0.80 -20.81 33.61
N ARG C 81 0.16 -21.45 32.94
CA ARG C 81 0.67 -22.78 33.29
C ARG C 81 -0.47 -23.80 33.31
N PRO C 82 -1.10 -24.00 32.15
CA PRO C 82 -2.28 -24.86 32.05
C PRO C 82 -1.96 -26.32 32.32
N ARG C 83 -2.91 -27.02 32.93
CA ARG C 83 -2.76 -28.43 33.22
C ARG C 83 -3.57 -29.24 32.21
N THR C 84 -4.45 -28.57 31.47
CA THR C 84 -5.08 -29.19 30.31
C THR C 84 -5.11 -28.22 29.12
N ILE C 85 -4.94 -28.76 27.92
CA ILE C 85 -5.15 -27.99 26.68
C ILE C 85 -5.99 -28.83 25.75
N VAL C 86 -7.08 -28.27 25.27
CA VAL C 86 -8.00 -28.99 24.41
C VAL C 86 -8.05 -28.31 23.05
N GLU C 87 -8.03 -29.09 21.98
CA GLU C 87 -8.10 -28.57 20.61
C GLU C 87 -9.22 -29.24 19.84
N LEU C 88 -10.30 -28.52 19.54
CA LEU C 88 -11.25 -28.94 18.54
C LEU C 88 -10.61 -28.78 17.17
N GLY C 89 -10.27 -29.88 16.53
CA GLY C 89 -9.69 -29.82 15.22
C GLY C 89 -8.22 -30.14 15.34
N VAL C 90 -7.87 -31.32 14.82
CA VAL C 90 -6.61 -31.94 15.10
C VAL C 90 -5.79 -32.00 13.82
N TYR C 91 -6.42 -32.52 12.77
CA TYR C 91 -5.84 -32.58 11.45
C TYR C 91 -4.65 -33.49 11.46
N ASN C 92 -3.44 -32.90 11.42
CA ASN C 92 -2.20 -33.67 11.34
C ASN C 92 -1.54 -33.86 12.70
N GLY C 93 -2.06 -33.21 13.73
CA GLY C 93 -1.51 -33.35 15.05
C GLY C 93 -0.38 -32.39 15.40
N GLY C 94 0.13 -31.67 14.42
CA GLY C 94 1.28 -30.82 14.67
C GLY C 94 1.13 -30.03 15.95
N SER C 95 -0.03 -29.40 16.12
CA SER C 95 -0.18 -28.41 17.19
C SER C 95 -0.36 -29.08 18.56
N LEU C 96 -0.99 -30.25 18.52
CA LEU C 96 -1.07 -31.17 19.65
C LEU C 96 0.33 -31.48 20.19
N ALA C 97 1.20 -31.97 19.34
CA ALA C 97 2.55 -32.37 19.78
C ALA C 97 3.38 -31.19 20.24
N TRP C 98 3.23 -30.07 19.54
CA TRP C 98 3.81 -28.80 19.95
C TRP C 98 3.37 -28.38 21.38
N PHE C 99 2.08 -28.43 21.66
CA PHE C 99 1.61 -28.02 22.97
C PHE C 99 2.20 -28.91 24.06
N ARG C 100 2.22 -30.22 23.80
CA ARG C 100 2.71 -31.17 24.75
C ARG C 100 4.21 -30.93 24.94
N ASP C 101 4.89 -30.62 23.86
CA ASP C 101 6.35 -30.51 23.84
C ASP C 101 6.80 -29.27 24.59
N LEU C 102 6.04 -28.21 24.43
CA LEU C 102 6.32 -26.90 25.01
C LEU C 102 6.05 -26.88 26.51
N THR C 103 4.91 -27.44 26.90
CA THR C 103 4.54 -27.52 28.31
C THR C 103 5.54 -28.41 29.08
N LYS C 104 6.05 -29.45 28.43
CA LYS C 104 7.06 -30.32 29.05
C LYS C 104 8.40 -29.60 29.20
N ILE C 105 8.76 -28.77 28.23
CA ILE C 105 10.01 -28.01 28.28
C ILE C 105 9.95 -27.01 29.42
N MET C 106 8.78 -26.38 29.57
CA MET C 106 8.51 -25.45 30.66
C MET C 106 8.33 -26.15 32.00
N GLY C 107 8.28 -27.48 32.01
CA GLY C 107 8.19 -28.22 33.25
C GLY C 107 6.78 -28.37 33.78
N ILE C 108 5.80 -27.92 32.99
CA ILE C 108 4.39 -27.96 33.33
C ILE C 108 3.82 -29.35 33.12
N ASP C 109 2.98 -29.81 34.05
CA ASP C 109 2.30 -31.10 33.92
C ASP C 109 0.99 -30.95 33.13
N CYS C 110 1.04 -31.12 31.81
CA CYS C 110 -0.10 -30.78 30.95
C CYS C 110 -0.52 -31.93 30.05
N GLN C 111 -1.77 -32.37 30.22
CA GLN C 111 -2.43 -33.22 29.22
C GLN C 111 -2.92 -32.36 28.05
N VAL C 112 -2.56 -32.74 26.84
CA VAL C 112 -3.17 -32.22 25.65
C VAL C 112 -4.24 -33.18 25.12
N ILE C 113 -5.49 -32.76 25.01
CA ILE C 113 -6.50 -33.60 24.36
C ILE C 113 -6.94 -33.01 23.03
N GLY C 114 -7.11 -33.85 22.03
CA GLY C 114 -7.48 -33.37 20.72
C GLY C 114 -8.75 -34.03 20.26
N ILE C 115 -9.68 -33.23 19.74
CA ILE C 115 -10.99 -33.74 19.29
C ILE C 115 -11.21 -33.49 17.79
N ASP C 116 -11.65 -34.50 17.06
CA ASP C 116 -11.92 -34.35 15.64
C ASP C 116 -12.88 -35.43 15.13
N ARG C 117 -13.64 -35.11 14.08
CA ARG C 117 -14.52 -36.13 13.46
C ARG C 117 -13.76 -37.14 12.58
N ASP C 118 -12.52 -36.81 12.22
CA ASP C 118 -11.67 -37.69 11.42
C ASP C 118 -10.20 -37.58 11.86
N LEU C 119 -9.68 -38.63 12.48
CA LEU C 119 -8.32 -38.67 13.03
C LEU C 119 -7.37 -39.38 12.09
N SER C 120 -7.86 -39.75 10.91
CA SER C 120 -7.07 -40.58 9.99
C SER C 120 -5.90 -39.80 9.42
N ARG C 121 -5.93 -38.48 9.54
CA ARG C 121 -4.87 -37.66 9.00
C ARG C 121 -3.70 -37.48 9.97
N CYS C 122 -3.89 -37.85 11.25
CA CYS C 122 -2.88 -37.60 12.29
C CYS C 122 -1.53 -38.24 11.94
N GLN C 123 -0.46 -37.48 12.13
CA GLN C 123 0.86 -37.87 11.63
C GLN C 123 1.87 -38.08 12.74
N ILE C 124 1.40 -37.98 13.99
CA ILE C 124 2.27 -38.10 15.15
C ILE C 124 2.53 -39.59 15.38
N PRO C 125 3.80 -40.00 15.38
CA PRO C 125 4.13 -41.38 15.74
C PRO C 125 3.67 -41.71 17.16
N ALA C 126 3.22 -42.94 17.37
CA ALA C 126 2.80 -43.35 18.72
C ALA C 126 3.95 -43.30 19.70
N SER C 127 5.19 -43.43 19.23
CA SER C 127 6.33 -43.25 20.14
C SER C 127 6.36 -41.82 20.71
N ASP C 128 5.79 -40.87 19.98
CA ASP C 128 5.74 -39.50 20.46
C ASP C 128 4.34 -39.05 20.91
N MET C 129 3.49 -39.98 21.34
CA MET C 129 2.11 -39.63 21.71
C MET C 129 1.91 -39.39 23.21
N GLU C 130 2.97 -39.46 24.01
CA GLU C 130 2.90 -39.17 25.43
C GLU C 130 1.99 -37.97 25.77
N ASN C 131 1.15 -38.13 26.78
CA ASN C 131 0.23 -37.09 27.24
C ASN C 131 -0.58 -36.44 26.16
N ILE C 132 -0.93 -37.18 25.12
CA ILE C 132 -1.87 -36.71 24.11
C ILE C 132 -3.03 -37.68 24.05
N THR C 133 -4.26 -37.18 24.23
CA THR C 133 -5.47 -38.00 24.09
C THR C 133 -6.33 -37.51 22.93
N LEU C 134 -6.49 -38.35 21.91
CA LEU C 134 -7.40 -38.11 20.77
C LEU C 134 -8.79 -38.69 21.03
N HIS C 135 -9.83 -37.89 20.81
CA HIS C 135 -11.21 -38.39 20.80
C HIS C 135 -11.85 -38.08 19.47
N GLN C 136 -12.64 -39.01 18.95
CA GLN C 136 -13.37 -38.78 17.69
C GLN C 136 -14.83 -38.42 17.94
N GLY C 137 -15.25 -37.25 17.49
CA GLY C 137 -16.66 -36.90 17.55
C GLY C 137 -16.99 -35.70 16.69
N ASP C 138 -18.29 -35.48 16.49
CA ASP C 138 -18.77 -34.33 15.71
C ASP C 138 -19.19 -33.20 16.63
N CYS C 139 -18.67 -32.00 16.36
CA CYS C 139 -18.99 -30.80 17.11
C CYS C 139 -20.47 -30.61 17.28
N SER C 140 -21.23 -30.98 16.27
CA SER C 140 -22.67 -30.77 16.28
C SER C 140 -23.39 -31.64 17.29
N ASP C 141 -22.91 -32.86 17.51
CA ASP C 141 -23.37 -33.67 18.65
C ASP C 141 -22.70 -33.12 19.89
N LEU C 142 -23.49 -32.81 20.92
CA LEU C 142 -22.93 -32.26 22.15
C LEU C 142 -22.32 -33.35 23.02
N THR C 143 -22.73 -34.60 22.81
CA THR C 143 -22.20 -35.71 23.60
C THR C 143 -20.70 -35.94 23.36
N THR C 144 -20.20 -35.45 22.23
CA THR C 144 -18.77 -35.44 21.96
C THR C 144 -18.03 -34.77 23.12
N PHE C 145 -18.70 -33.80 23.73
CA PHE C 145 -18.17 -33.02 24.85
C PHE C 145 -18.59 -33.53 26.22
N GLU C 146 -19.80 -34.08 26.33
CA GLU C 146 -20.32 -34.56 27.61
C GLU C 146 -19.59 -35.86 28.01
N HIS C 147 -19.02 -36.54 27.01
CA HIS C 147 -18.28 -37.78 27.18
C HIS C 147 -16.87 -37.59 27.74
N LEU C 148 -16.42 -36.35 27.76
CA LEU C 148 -15.09 -36.02 28.25
C LEU C 148 -15.03 -36.22 29.76
N ARG C 149 -13.89 -36.74 30.20
CA ARG C 149 -13.64 -37.01 31.59
C ARG C 149 -13.21 -35.72 32.27
N GLU C 150 -13.09 -35.75 33.59
CA GLU C 150 -12.74 -34.55 34.32
C GLU C 150 -11.36 -34.14 33.88
N MET C 151 -11.18 -32.82 33.75
CA MET C 151 -9.95 -32.22 33.30
C MET C 151 -9.41 -31.31 34.39
N ALA C 152 -8.11 -31.25 34.54
CA ALA C 152 -7.49 -30.47 35.59
C ALA C 152 -7.27 -29.07 35.04
N HIS C 153 -7.24 -28.08 35.95
CA HIS C 153 -7.19 -26.66 35.62
C HIS C 153 -5.93 -25.99 36.17
N PRO C 154 -5.52 -24.83 35.63
CA PRO C 154 -6.21 -24.13 34.53
C PRO C 154 -6.23 -24.90 33.21
N LEU C 155 -7.04 -24.40 32.28
CA LEU C 155 -7.31 -25.07 31.03
C LEU C 155 -7.45 -24.07 29.90
N ILE C 156 -7.13 -24.50 28.68
CA ILE C 156 -7.25 -23.67 27.47
C ILE C 156 -8.02 -24.49 26.48
N PHE C 157 -9.20 -24.01 26.10
CA PHE C 157 -10.04 -24.70 25.11
C PHE C 157 -9.90 -23.92 23.80
N ILE C 158 -9.53 -24.62 22.73
CA ILE C 158 -9.24 -23.96 21.45
C ILE C 158 -10.10 -24.54 20.38
N ASP C 159 -10.89 -23.67 19.74
CA ASP C 159 -11.73 -24.07 18.60
C ASP C 159 -10.97 -23.88 17.32
N ASN C 160 -10.64 -24.97 16.65
CA ASN C 160 -10.01 -24.89 15.33
C ASN C 160 -10.85 -25.49 14.21
N ALA C 161 -12.03 -26.02 14.57
CA ALA C 161 -12.96 -26.66 13.64
C ALA C 161 -14.12 -25.78 13.23
N HIS C 162 -14.44 -24.78 14.05
CA HIS C 162 -15.44 -23.76 13.71
C HIS C 162 -16.88 -24.20 13.34
N ALA C 163 -17.29 -25.40 13.71
CA ALA C 163 -18.66 -25.85 13.52
C ALA C 163 -19.38 -25.79 14.85
N ASN C 164 -20.62 -25.29 14.88
CA ASN C 164 -21.44 -25.28 16.09
C ASN C 164 -20.71 -24.62 17.28
N THR C 165 -19.93 -23.59 16.99
CA THR C 165 -18.97 -23.07 17.94
C THR C 165 -19.63 -22.45 19.16
N PHE C 166 -20.71 -21.71 18.95
CA PHE C 166 -21.37 -20.98 20.02
C PHE C 166 -22.12 -21.84 21.03
N ASN C 167 -22.71 -22.96 20.58
CA ASN C 167 -23.32 -23.91 21.52
C ASN C 167 -22.24 -24.66 22.31
N ILE C 168 -21.04 -24.72 21.75
CA ILE C 168 -19.89 -25.33 22.42
C ILE C 168 -19.34 -24.37 23.49
N MET C 169 -19.44 -23.08 23.20
CA MET C 169 -19.12 -22.05 24.15
C MET C 169 -20.11 -22.11 25.32
N LYS C 170 -21.39 -22.33 24.99
CA LYS C 170 -22.42 -22.41 26.01
C LYS C 170 -22.17 -23.63 26.88
N TRP C 171 -21.77 -24.72 26.24
CA TRP C 171 -21.46 -25.93 26.96
C TRP C 171 -20.26 -25.71 27.90
N ALA C 172 -19.20 -25.09 27.39
CA ALA C 172 -17.93 -24.95 28.12
C ALA C 172 -18.04 -24.01 29.30
N VAL C 173 -18.69 -22.87 29.08
CA VAL C 173 -19.02 -21.97 30.18
C VAL C 173 -19.71 -22.73 31.32
N ASP C 174 -20.71 -23.53 30.95
CA ASP C 174 -21.57 -24.16 31.94
C ASP C 174 -21.04 -25.46 32.60
N HIS C 175 -20.17 -26.21 31.93
CA HIS C 175 -19.80 -27.54 32.41
C HIS C 175 -18.29 -27.75 32.55
N LEU C 176 -17.49 -26.76 32.18
CA LEU C 176 -16.05 -26.98 32.04
C LEU C 176 -15.15 -25.87 32.55
N LEU C 177 -15.41 -24.63 32.18
CA LEU C 177 -14.48 -23.55 32.45
C LEU C 177 -14.58 -23.01 33.88
N GLU C 178 -13.44 -22.99 34.55
CA GLU C 178 -13.26 -22.33 35.82
C GLU C 178 -12.68 -20.96 35.49
N GLU C 179 -12.79 -20.00 36.39
CA GLU C 179 -12.30 -18.65 36.10
C GLU C 179 -10.81 -18.70 35.76
N GLY C 180 -10.41 -17.88 34.79
CA GLY C 180 -9.04 -17.86 34.31
C GLY C 180 -8.80 -18.73 33.10
N ASP C 181 -9.68 -19.69 32.84
CA ASP C 181 -9.53 -20.64 31.73
C ASP C 181 -9.86 -19.91 30.44
N TYR C 182 -9.31 -20.40 29.33
CA TYR C 182 -9.47 -19.73 28.04
C TYR C 182 -10.36 -20.51 27.11
N PHE C 183 -11.27 -19.82 26.42
CA PHE C 183 -11.97 -20.38 25.25
C PHE C 183 -11.54 -19.54 24.07
N ILE C 184 -10.81 -20.10 23.12
CA ILE C 184 -10.17 -19.30 22.09
C ILE C 184 -10.67 -19.73 20.75
N ILE C 185 -11.17 -18.80 19.97
CA ILE C 185 -11.54 -19.11 18.58
C ILE C 185 -10.49 -18.57 17.59
N GLU C 186 -9.70 -19.45 17.00
CA GLU C 186 -8.74 -19.05 15.96
C GLU C 186 -9.45 -18.75 14.64
N ASP C 187 -8.97 -17.71 13.94
CA ASP C 187 -9.28 -17.41 12.53
C ASP C 187 -10.66 -16.87 12.18
N MET C 188 -11.72 -17.41 12.73
CA MET C 188 -13.05 -17.15 12.20
C MET C 188 -13.77 -15.89 12.68
N ILE C 189 -13.35 -15.33 13.80
CA ILE C 189 -14.10 -14.22 14.40
C ILE C 189 -14.21 -13.06 13.40
N PRO C 190 -13.11 -12.62 12.80
CA PRO C 190 -13.16 -11.53 11.80
C PRO C 190 -14.05 -11.84 10.60
N TYR C 191 -14.12 -13.10 10.16
CA TYR C 191 -14.96 -13.49 9.03
C TYR C 191 -16.46 -13.46 9.37
N TRP C 192 -16.86 -14.24 10.37
CA TRP C 192 -18.19 -14.16 10.97
C TRP C 192 -18.68 -12.71 11.22
N TYR C 193 -17.80 -11.85 11.70
CA TYR C 193 -18.16 -10.46 11.95
C TYR C 193 -18.37 -9.72 10.63
N ARG C 194 -17.53 -9.98 9.63
CA ARG C 194 -17.72 -9.43 8.28
C ARG C 194 -19.04 -9.87 7.63
N TYR C 195 -19.35 -11.15 7.70
CA TYR C 195 -20.47 -11.73 6.98
C TYR C 195 -21.80 -11.51 7.68
N ALA C 196 -21.79 -11.55 9.01
CA ALA C 196 -23.02 -11.45 9.80
C ALA C 196 -22.82 -10.55 11.04
N PRO C 197 -22.45 -9.29 10.83
CA PRO C 197 -22.07 -8.39 11.93
C PRO C 197 -23.06 -8.28 13.10
N GLN C 198 -24.35 -8.22 12.81
CA GLN C 198 -25.36 -8.09 13.85
C GLN C 198 -25.52 -9.36 14.69
N LEU C 199 -25.80 -10.47 14.02
CA LEU C 199 -25.96 -11.74 14.71
C LEU C 199 -24.74 -12.04 15.56
N PHE C 200 -23.57 -11.99 14.92
CA PHE C 200 -22.33 -12.24 15.63
C PHE C 200 -22.23 -11.38 16.91
N SER C 201 -22.45 -10.08 16.79
CA SER C 201 -22.37 -9.16 17.94
C SER C 201 -23.32 -9.54 19.07
N GLU C 202 -24.56 -9.86 18.71
CA GLU C 202 -25.59 -10.23 19.66
C GLU C 202 -25.19 -11.51 20.38
N TYR C 203 -24.61 -12.44 19.61
CA TYR C 203 -24.22 -13.76 20.10
C TYR C 203 -23.10 -13.67 21.11
N LEU C 204 -22.04 -12.98 20.71
CA LEU C 204 -20.89 -12.79 21.60
C LEU C 204 -21.31 -12.01 22.83
N GLY C 205 -22.13 -10.97 22.63
CA GLY C 205 -22.54 -10.10 23.71
C GLY C 205 -23.38 -10.86 24.72
N ALA C 206 -23.97 -11.97 24.28
CA ALA C 206 -24.80 -12.78 25.15
C ALA C 206 -23.94 -13.54 26.14
N PHE C 207 -22.61 -13.43 26.00
CA PHE C 207 -21.66 -14.05 26.90
C PHE C 207 -20.94 -12.99 27.75
N ARG C 208 -21.54 -11.80 27.88
CA ARG C 208 -20.86 -10.70 28.55
C ARG C 208 -20.56 -10.98 30.02
N ASP C 209 -21.53 -11.55 30.73
CA ASP C 209 -21.41 -11.96 32.13
C ASP C 209 -20.38 -13.06 32.46
N VAL C 210 -20.05 -13.91 31.50
CA VAL C 210 -19.20 -15.09 31.74
C VAL C 210 -17.83 -15.12 31.04
N LEU C 211 -17.69 -14.38 29.95
CA LEU C 211 -16.42 -14.34 29.21
C LEU C 211 -16.04 -12.92 28.91
N SER C 212 -14.72 -12.66 28.86
CA SER C 212 -14.17 -11.37 28.42
C SER C 212 -13.18 -11.63 27.29
N MET C 213 -12.81 -10.59 26.55
CA MET C 213 -11.79 -10.69 25.55
C MET C 213 -10.49 -10.25 26.21
N ASP C 214 -9.48 -11.11 26.15
CA ASP C 214 -8.22 -10.83 26.78
C ASP C 214 -7.33 -10.00 25.87
N MET C 215 -7.18 -8.72 26.20
CA MET C 215 -6.47 -7.78 25.33
C MET C 215 -4.94 -7.99 25.29
N LEU C 216 -4.37 -8.71 26.24
CA LEU C 216 -2.93 -8.97 26.20
C LEU C 216 -2.59 -9.78 24.99
N TYR C 217 -3.51 -10.65 24.59
CA TYR C 217 -3.29 -11.55 23.46
C TYR C 217 -4.20 -11.28 22.25
N ALA C 218 -5.39 -10.72 22.46
CA ALA C 218 -6.37 -10.72 21.36
C ALA C 218 -5.93 -9.92 20.14
N ASN C 219 -4.98 -8.99 20.28
CA ASN C 219 -4.45 -8.23 19.14
C ASN C 219 -3.02 -8.61 18.70
N ALA C 220 -2.53 -9.77 19.13
CA ALA C 220 -1.10 -10.11 19.08
C ALA C 220 -0.76 -11.05 17.94
N SER C 221 -1.76 -11.49 17.19
CA SER C 221 -1.50 -12.39 16.09
C SER C 221 -2.65 -12.36 15.13
N SER C 222 -2.33 -12.49 13.87
CA SER C 222 -3.36 -12.45 12.84
C SER C 222 -4.40 -13.57 13.05
N GLN C 223 -3.99 -14.76 13.48
CA GLN C 223 -4.90 -15.91 13.63
C GLN C 223 -5.74 -15.87 14.90
N LEU C 224 -5.19 -15.35 16.00
CA LEU C 224 -5.90 -15.26 17.26
C LEU C 224 -6.72 -13.98 17.34
N ASP C 225 -6.55 -13.12 16.36
CA ASP C 225 -7.12 -11.76 16.33
C ASP C 225 -8.60 -11.67 16.72
N ARG C 226 -8.83 -11.07 17.88
CA ARG C 226 -10.14 -10.82 18.47
C ARG C 226 -10.88 -12.09 18.87
N GLY C 227 -10.16 -13.18 19.07
CA GLY C 227 -10.76 -14.45 19.41
C GLY C 227 -10.29 -15.02 20.73
N VAL C 228 -9.41 -14.33 21.44
CA VAL C 228 -8.88 -14.83 22.72
C VAL C 228 -9.78 -14.38 23.84
N LEU C 229 -10.46 -15.34 24.47
CA LEU C 229 -11.50 -15.10 25.47
C LEU C 229 -11.19 -15.87 26.73
N ARG C 230 -11.54 -15.34 27.89
CA ARG C 230 -11.36 -16.12 29.14
C ARG C 230 -12.55 -16.04 30.11
N ARG C 231 -12.83 -17.16 30.79
CA ARG C 231 -13.83 -17.23 31.89
C ARG C 231 -13.51 -16.23 32.99
N VAL C 232 -14.42 -15.29 33.21
CA VAL C 232 -14.26 -14.29 34.25
C VAL C 232 -15.07 -14.74 35.48
N ALA C 233 -14.65 -14.29 36.66
CA ALA C 233 -15.37 -14.55 37.92
C ALA C 233 -16.88 -14.35 37.78
N ALA C 234 -17.66 -15.24 38.39
CA ALA C 234 -19.14 -15.23 38.26
C ALA C 234 -19.80 -13.94 38.84
N GLU D 20 34.23 3.34 2.15
CA GLU D 20 34.68 4.70 2.54
C GLU D 20 35.13 5.48 1.31
N ASP D 21 34.38 6.52 0.95
CA ASP D 21 34.81 7.47 -0.07
C ASP D 21 34.23 8.88 0.17
N PRO D 22 35.03 9.77 0.77
CA PRO D 22 34.55 11.11 1.12
C PRO D 22 34.43 12.07 -0.07
N ALA D 23 35.22 11.84 -1.13
CA ALA D 23 35.10 12.61 -2.35
C ALA D 23 33.78 12.27 -3.05
N TYR D 24 33.29 13.19 -3.88
CA TYR D 24 32.09 12.98 -4.67
C TYR D 24 32.42 12.40 -6.03
N HIS D 25 31.63 11.43 -6.46
CA HIS D 25 31.71 10.89 -7.82
C HIS D 25 30.32 10.81 -8.41
N PRO D 26 30.10 11.39 -9.58
CA PRO D 26 28.77 11.32 -10.20
C PRO D 26 28.45 9.87 -10.54
N PRO D 27 27.22 9.44 -10.34
CA PRO D 27 26.80 8.10 -10.75
C PRO D 27 27.05 7.81 -12.25
N VAL D 28 27.50 6.59 -12.55
CA VAL D 28 27.71 6.13 -13.92
C VAL D 28 26.68 5.04 -14.19
N LEU D 29 26.10 5.02 -15.39
CA LEU D 29 25.15 3.96 -15.78
C LEU D 29 25.84 2.63 -16.09
N THR D 30 25.06 1.56 -16.21
CA THR D 30 25.60 0.22 -16.39
C THR D 30 25.00 -0.49 -17.61
N ASP D 31 23.69 -0.72 -17.55
CA ASP D 31 23.00 -1.59 -18.53
C ASP D 31 22.47 -0.82 -19.74
N ARG D 32 22.03 0.42 -19.52
CA ARG D 32 21.42 1.22 -20.58
C ARG D 32 22.32 2.38 -20.95
N PRO D 33 22.22 2.77 -22.21
CA PRO D 33 22.96 3.94 -22.69
C PRO D 33 22.45 5.21 -22.01
N ARG D 34 23.19 6.29 -22.11
CA ARG D 34 22.74 7.56 -21.55
C ARG D 34 21.75 8.22 -22.50
N ASP D 35 21.93 8.01 -23.80
CA ASP D 35 21.11 8.65 -24.81
C ASP D 35 20.10 7.67 -25.41
N TRP D 36 18.89 7.65 -24.85
CA TRP D 36 17.84 6.75 -25.28
C TRP D 36 17.04 7.33 -26.44
N PRO D 37 16.89 6.59 -27.54
CA PRO D 37 16.16 7.10 -28.69
C PRO D 37 14.69 7.38 -28.38
N LEU D 38 14.12 8.38 -29.04
CA LEU D 38 12.74 8.77 -28.78
C LEU D 38 11.71 7.96 -29.57
N ASP D 39 12.14 7.24 -30.61
CA ASP D 39 11.23 6.28 -31.30
C ASP D 39 11.06 4.95 -30.53
N ARG D 40 11.88 4.73 -29.51
CA ARG D 40 11.70 3.63 -28.57
C ARG D 40 11.47 4.23 -27.18
N TRP D 41 10.80 5.38 -27.12
CA TRP D 41 10.62 6.11 -25.85
C TRP D 41 9.77 5.36 -24.83
N ALA D 42 8.67 4.76 -25.28
CA ALA D 42 7.72 4.11 -24.36
C ALA D 42 8.31 2.90 -23.66
N GLU D 43 9.43 2.38 -24.18
CA GLU D 43 10.00 1.14 -23.69
C GLU D 43 11.14 1.35 -22.69
N ALA D 44 11.51 2.60 -22.42
CA ALA D 44 12.66 2.88 -21.58
C ALA D 44 12.45 2.43 -20.14
N PRO D 45 13.54 2.16 -19.41
CA PRO D 45 13.44 1.67 -18.04
C PRO D 45 13.04 2.78 -17.06
N ARG D 46 12.03 2.50 -16.25
CA ARG D 46 11.45 3.50 -15.34
C ARG D 46 12.13 3.60 -13.96
N ASP D 47 12.97 2.63 -13.59
CA ASP D 47 13.65 2.68 -12.31
C ASP D 47 14.86 3.63 -12.37
N LEU D 48 15.31 4.05 -11.18
CA LEU D 48 16.31 5.11 -11.03
C LEU D 48 17.61 4.88 -11.82
N GLY D 49 18.01 3.63 -11.95
CA GLY D 49 19.17 3.26 -12.73
C GLY D 49 20.44 3.17 -11.91
N TYR D 50 20.38 3.54 -10.62
CA TYR D 50 21.53 3.46 -9.72
C TYR D 50 21.15 3.53 -8.23
N SER D 51 22.04 3.01 -7.38
CA SER D 51 21.84 3.03 -5.92
C SER D 51 21.67 4.45 -5.40
N ASP D 52 20.91 4.61 -4.32
CA ASP D 52 20.62 5.94 -3.78
C ASP D 52 20.82 6.06 -2.27
N PHE D 53 21.84 5.37 -1.75
CA PHE D 53 22.22 5.51 -0.34
C PHE D 53 22.37 6.99 0.03
N SER D 54 23.25 7.69 -0.69
CA SER D 54 23.40 9.16 -0.58
C SER D 54 24.27 9.70 -1.74
N PRO D 55 23.67 9.87 -2.92
CA PRO D 55 24.39 10.34 -4.10
C PRO D 55 24.10 11.82 -4.32
N TYR D 56 24.16 12.59 -3.24
CA TYR D 56 23.79 14.00 -3.26
C TYR D 56 25.03 14.83 -2.97
N GLN D 57 25.20 15.89 -3.75
CA GLN D 57 26.37 16.75 -3.65
C GLN D 57 25.95 18.21 -3.45
N TRP D 58 26.91 19.01 -2.97
CA TRP D 58 26.88 20.46 -3.08
C TRP D 58 28.20 20.91 -3.69
N ARG D 59 28.16 21.31 -4.95
CA ARG D 59 29.30 21.93 -5.62
C ARG D 59 30.52 21.00 -5.72
N GLY D 60 30.29 19.75 -6.08
CA GLY D 60 31.36 18.78 -6.24
C GLY D 60 31.85 18.12 -4.96
N LEU D 61 31.20 18.43 -3.84
CA LEU D 61 31.47 17.80 -2.54
C LEU D 61 30.29 16.89 -2.20
N ARG D 62 30.55 15.73 -1.61
CA ARG D 62 29.46 14.87 -1.13
C ARG D 62 28.60 15.63 -0.13
N MET D 63 27.38 15.16 0.06
CA MET D 63 26.45 15.77 1.02
C MET D 63 25.45 14.74 1.53
N LEU D 64 25.36 14.65 2.86
CA LEU D 64 24.53 13.64 3.48
C LEU D 64 23.21 14.21 3.97
N LYS D 65 22.65 15.14 3.20
CA LYS D 65 21.29 15.60 3.38
C LYS D 65 20.41 15.17 2.20
N ASP D 66 19.30 14.49 2.50
CA ASP D 66 18.25 14.27 1.49
C ASP D 66 17.90 15.63 0.98
N PRO D 67 17.29 15.71 -0.19
CA PRO D 67 16.59 16.95 -0.59
C PRO D 67 15.50 17.37 0.41
N ASP D 68 14.90 16.41 1.10
CA ASP D 68 13.85 16.73 2.08
C ASP D 68 14.40 17.43 3.33
N THR D 69 15.57 16.97 3.78
CA THR D 69 16.28 17.59 4.89
C THR D 69 16.83 18.96 4.50
N GLN D 70 17.29 19.06 3.25
CA GLN D 70 17.79 20.31 2.66
C GLN D 70 16.71 21.38 2.70
N ALA D 71 15.47 20.98 2.41
CA ALA D 71 14.33 21.89 2.39
C ALA D 71 13.88 22.32 3.80
N VAL D 72 14.02 21.44 4.79
CA VAL D 72 13.60 21.78 6.15
C VAL D 72 14.55 22.82 6.73
N TYR D 73 15.85 22.55 6.65
CA TYR D 73 16.88 23.50 7.09
C TYR D 73 16.74 24.87 6.43
N HIS D 74 16.33 24.86 5.18
CA HIS D 74 16.19 26.08 4.41
C HIS D 74 15.10 26.93 5.02
N ASP D 75 13.94 26.32 5.20
CA ASP D 75 12.79 26.98 5.82
C ASP D 75 13.21 27.54 7.16
N MET D 76 14.05 26.77 7.87
CA MET D 76 14.48 27.05 9.24
C MET D 76 15.42 28.22 9.29
N LEU D 77 16.38 28.27 8.37
CA LEU D 77 17.33 29.37 8.30
C LEU D 77 16.63 30.68 7.90
N TRP D 78 15.64 30.58 7.03
CA TRP D 78 14.86 31.73 6.57
C TRP D 78 13.95 32.34 7.66
N GLU D 79 13.43 31.50 8.54
CA GLU D 79 12.56 31.97 9.61
C GLU D 79 13.39 32.44 10.80
N LEU D 80 14.34 31.62 11.19
CA LEU D 80 15.14 31.81 12.39
C LEU D 80 16.20 32.89 12.20
N ARG D 81 16.92 32.80 11.09
CA ARG D 81 18.00 33.74 10.72
C ARG D 81 19.17 33.67 11.70
N PRO D 82 19.82 32.52 11.78
CA PRO D 82 20.86 32.28 12.77
C PRO D 82 22.16 33.07 12.53
N ARG D 83 22.73 33.60 13.62
CA ARG D 83 24.04 34.22 13.54
C ARG D 83 25.13 33.18 13.86
N THR D 84 24.72 31.97 14.22
CA THR D 84 25.67 30.84 14.35
C THR D 84 25.03 29.48 13.98
N ILE D 85 25.76 28.67 13.22
CA ILE D 85 25.41 27.27 13.02
C ILE D 85 26.60 26.38 13.41
N VAL D 86 26.34 25.46 14.34
CA VAL D 86 27.34 24.51 14.83
C VAL D 86 26.96 23.15 14.28
N GLU D 87 27.97 22.34 13.97
CA GLU D 87 27.76 21.07 13.31
C GLU D 87 28.80 20.04 13.76
N LEU D 88 28.43 19.22 14.74
CA LEU D 88 29.23 18.06 15.12
C LEU D 88 29.27 17.07 13.98
N GLY D 89 30.47 16.60 13.63
CA GLY D 89 30.65 15.77 12.45
C GLY D 89 30.61 16.55 11.16
N VAL D 90 31.65 16.36 10.35
CA VAL D 90 31.88 17.18 9.15
C VAL D 90 32.01 16.32 7.90
N TYR D 91 32.77 15.23 8.01
CA TYR D 91 33.04 14.35 6.87
C TYR D 91 33.84 15.13 5.81
N ASN D 92 33.31 15.27 4.59
CA ASN D 92 34.07 15.92 3.54
C ASN D 92 33.72 17.40 3.38
N GLY D 93 32.77 17.89 4.18
CA GLY D 93 32.55 19.32 4.32
C GLY D 93 31.31 19.88 3.65
N GLY D 94 30.54 19.05 2.97
CA GLY D 94 29.37 19.52 2.27
C GLY D 94 28.43 20.40 3.09
N SER D 95 27.97 19.90 4.22
CA SER D 95 27.02 20.62 5.07
C SER D 95 27.50 22.05 5.39
N LEU D 96 28.75 22.14 5.83
CA LEU D 96 29.36 23.40 6.22
C LEU D 96 29.32 24.42 5.08
N ALA D 97 29.80 24.01 3.92
CA ALA D 97 29.79 24.86 2.72
C ALA D 97 28.35 25.23 2.35
N TRP D 98 27.47 24.23 2.40
CA TRP D 98 26.05 24.41 2.10
C TRP D 98 25.42 25.47 3.00
N PHE D 99 25.62 25.33 4.31
CA PHE D 99 25.06 26.25 5.29
C PHE D 99 25.58 27.66 5.08
N ARG D 100 26.89 27.77 4.99
CA ARG D 100 27.53 29.07 4.79
C ARG D 100 26.99 29.70 3.50
N ASP D 101 26.85 28.91 2.45
CA ASP D 101 26.36 29.41 1.16
C ASP D 101 24.90 29.84 1.25
N LEU D 102 24.13 29.15 2.07
CA LEU D 102 22.71 29.40 2.10
C LEU D 102 22.42 30.67 2.90
N THR D 103 23.06 30.80 4.06
CA THR D 103 22.95 32.01 4.85
C THR D 103 23.49 33.23 4.10
N LYS D 104 24.55 33.04 3.32
CA LYS D 104 25.13 34.12 2.53
C LYS D 104 24.17 34.60 1.44
N ILE D 105 23.54 33.66 0.74
CA ILE D 105 22.57 33.99 -0.30
C ILE D 105 21.38 34.70 0.32
N MET D 106 21.01 34.30 1.53
CA MET D 106 19.92 34.90 2.31
C MET D 106 20.31 36.22 3.00
N GLY D 107 21.58 36.62 2.85
CA GLY D 107 22.06 37.84 3.47
C GLY D 107 22.18 37.82 4.99
N ILE D 108 22.10 36.64 5.59
CA ILE D 108 22.27 36.49 7.04
C ILE D 108 23.75 36.50 7.36
N ASP D 109 24.12 37.12 8.47
CA ASP D 109 25.51 37.14 8.89
C ASP D 109 25.74 35.95 9.83
N CYS D 110 26.08 34.81 9.24
CA CYS D 110 26.17 33.56 9.97
C CYS D 110 27.58 33.04 9.97
N GLN D 111 28.03 32.54 11.11
CA GLN D 111 29.29 31.82 11.25
C GLN D 111 28.96 30.35 11.38
N VAL D 112 29.70 29.52 10.67
CA VAL D 112 29.45 28.09 10.64
C VAL D 112 30.64 27.43 11.27
N ILE D 113 30.42 26.75 12.39
CA ILE D 113 31.49 26.00 13.02
C ILE D 113 31.27 24.52 12.75
N GLY D 114 32.31 23.86 12.27
CA GLY D 114 32.31 22.42 12.09
C GLY D 114 33.29 21.79 13.05
N ILE D 115 32.80 20.81 13.81
CA ILE D 115 33.56 20.10 14.83
C ILE D 115 33.62 18.63 14.46
N ASP D 116 34.82 18.06 14.45
CA ASP D 116 35.03 16.70 13.93
C ASP D 116 36.42 16.17 14.31
N ARG D 117 36.45 14.97 14.89
CA ARG D 117 37.69 14.32 15.38
C ARG D 117 38.68 14.08 14.24
N ASP D 118 38.15 13.61 13.12
CA ASP D 118 38.95 13.35 11.92
C ASP D 118 38.68 14.48 10.92
N LEU D 119 39.51 15.52 10.99
CA LEU D 119 39.35 16.70 10.13
C LEU D 119 39.86 16.48 8.73
N SER D 120 40.71 15.49 8.54
CA SER D 120 41.37 15.28 7.26
C SER D 120 40.35 15.24 6.11
N ARG D 121 39.31 14.43 6.27
CA ARG D 121 38.33 14.19 5.21
C ARG D 121 37.88 15.46 4.48
N CYS D 122 37.71 16.54 5.23
CA CYS D 122 37.29 17.84 4.71
C CYS D 122 38.00 18.25 3.40
N GLN D 123 37.24 18.20 2.32
CA GLN D 123 37.71 18.63 1.00
C GLN D 123 37.64 20.15 0.76
N ILE D 124 37.00 20.91 1.65
CA ILE D 124 36.75 22.32 1.36
C ILE D 124 38.07 23.12 1.27
N PRO D 125 38.30 23.74 0.12
CA PRO D 125 39.56 24.47 -0.15
C PRO D 125 39.62 25.86 0.49
N ALA D 126 40.83 26.28 0.87
CA ALA D 126 41.05 27.54 1.61
C ALA D 126 40.31 28.76 1.09
N SER D 127 40.21 28.88 -0.24
CA SER D 127 39.57 30.03 -0.88
C SER D 127 38.05 30.09 -0.74
N ASP D 128 37.48 29.16 0.00
CA ASP D 128 36.04 29.02 0.11
C ASP D 128 35.68 28.76 1.57
N MET D 129 36.34 29.49 2.46
CA MET D 129 36.26 29.27 3.91
C MET D 129 35.66 30.43 4.68
N GLU D 130 35.39 31.55 4.01
CA GLU D 130 34.81 32.72 4.66
C GLU D 130 33.59 32.23 5.47
N ASN D 131 33.64 32.47 6.79
CA ASN D 131 32.59 32.08 7.74
C ASN D 131 32.48 30.59 7.96
N ILE D 132 33.60 29.89 7.85
CA ILE D 132 33.68 28.50 8.26
C ILE D 132 34.93 28.35 9.12
N THR D 133 34.73 28.06 10.40
CA THR D 133 35.84 27.75 11.29
C THR D 133 35.72 26.30 11.72
N LEU D 134 36.80 25.55 11.54
CA LEU D 134 36.88 24.16 11.99
C LEU D 134 37.63 24.05 13.33
N HIS D 135 37.11 23.21 14.22
CA HIS D 135 37.80 22.83 15.46
C HIS D 135 37.93 21.30 15.53
N GLN D 136 39.13 20.80 15.84
CA GLN D 136 39.36 19.34 16.01
C GLN D 136 39.09 18.88 17.44
N GLY D 137 38.55 17.67 17.59
CA GLY D 137 38.18 17.14 18.90
C GLY D 137 37.10 16.07 18.88
N ASP D 138 36.93 15.42 20.04
CA ASP D 138 36.03 14.27 20.22
C ASP D 138 34.88 14.60 21.19
N CYS D 139 33.73 13.97 20.98
CA CYS D 139 32.49 14.28 21.70
C CYS D 139 32.32 13.43 22.96
N THR D 144 34.20 21.83 21.94
CA THR D 144 33.13 21.96 22.92
C THR D 144 33.78 22.15 24.28
N PHE D 145 34.68 21.21 24.62
CA PHE D 145 35.18 21.04 25.99
C PHE D 145 36.27 22.03 26.41
N GLU D 146 36.49 23.08 25.60
CA GLU D 146 37.61 24.05 25.71
C GLU D 146 38.09 24.29 24.28
N HIS D 147 38.68 25.45 24.01
CA HIS D 147 38.95 25.89 22.63
C HIS D 147 37.60 26.13 21.90
N LEU D 148 36.58 26.52 22.66
CA LEU D 148 35.32 26.98 22.10
C LEU D 148 34.90 28.29 22.79
N ARG D 149 34.87 29.36 22.00
CA ARG D 149 34.68 30.71 22.53
C ARG D 149 33.26 31.25 22.27
N GLU D 150 33.01 32.51 22.60
CA GLU D 150 31.67 33.09 22.57
C GLU D 150 31.23 33.30 21.15
N MET D 151 29.98 32.93 20.88
CA MET D 151 29.40 33.01 19.54
C MET D 151 28.02 33.66 19.57
N ALA D 152 27.55 34.11 18.41
CA ALA D 152 26.33 34.90 18.34
C ALA D 152 25.06 34.04 18.30
N HIS D 153 23.93 34.67 18.62
CA HIS D 153 22.62 34.02 18.57
C HIS D 153 21.67 34.85 17.68
N PRO D 154 20.61 34.27 17.11
CA PRO D 154 20.19 32.87 17.30
C PRO D 154 21.15 31.79 16.78
N LEU D 155 21.16 30.65 17.45
CA LEU D 155 22.12 29.57 17.20
C LEU D 155 21.40 28.27 16.87
N ILE D 156 21.81 27.62 15.79
CA ILE D 156 21.42 26.23 15.58
C ILE D 156 22.62 25.33 15.91
N PHE D 157 22.35 24.24 16.64
CA PHE D 157 23.36 23.26 17.02
C PHE D 157 22.89 21.90 16.49
N ILE D 158 23.78 21.20 15.80
CA ILE D 158 23.45 19.99 15.05
C ILE D 158 24.32 18.80 15.49
N ASP D 159 23.70 17.77 16.06
CA ASP D 159 24.44 16.56 16.33
C ASP D 159 24.36 15.60 15.15
N ASN D 160 25.48 15.46 14.45
CA ASN D 160 25.60 14.49 13.36
C ASN D 160 26.62 13.41 13.70
N ALA D 161 27.09 13.40 14.94
CA ALA D 161 28.02 12.40 15.45
C ALA D 161 27.49 11.88 16.79
N HIS D 162 26.83 10.73 16.76
CA HIS D 162 25.87 10.36 17.80
C HIS D 162 26.46 9.60 18.97
N ALA D 163 27.63 10.02 19.44
CA ALA D 163 28.19 9.55 20.70
C ALA D 163 28.16 10.70 21.71
N ASN D 164 27.99 10.34 22.98
CA ASN D 164 27.88 11.31 24.07
C ASN D 164 26.86 12.43 23.77
N THR D 165 25.85 12.09 22.96
CA THR D 165 24.87 13.06 22.50
C THR D 165 24.06 13.67 23.64
N PHE D 166 23.71 12.87 24.65
CA PHE D 166 22.82 13.34 25.71
C PHE D 166 23.51 14.25 26.77
N ASN D 167 24.77 13.97 27.10
CA ASN D 167 25.51 14.88 27.98
C ASN D 167 25.68 16.23 27.29
N ILE D 168 26.02 16.18 26.01
CA ILE D 168 26.14 17.37 25.16
C ILE D 168 24.86 18.21 25.14
N MET D 169 23.70 17.58 25.30
CA MET D 169 22.43 18.32 25.37
C MET D 169 22.34 19.20 26.61
N LYS D 170 22.58 18.60 27.78
CA LYS D 170 22.53 19.34 29.05
C LYS D 170 23.58 20.44 29.03
N TRP D 171 24.78 20.14 28.55
CA TRP D 171 25.87 21.11 28.52
C TRP D 171 25.53 22.32 27.65
N ALA D 172 24.92 22.08 26.50
CA ALA D 172 24.51 23.16 25.61
C ALA D 172 23.35 23.90 26.27
N VAL D 173 22.45 23.15 26.88
CA VAL D 173 21.31 23.72 27.59
C VAL D 173 21.72 24.64 28.75
N ASP D 174 22.89 24.39 29.34
CA ASP D 174 23.39 25.12 30.52
C ASP D 174 24.44 26.17 30.22
N HIS D 175 25.04 26.15 29.03
CA HIS D 175 26.19 27.01 28.73
C HIS D 175 26.17 27.66 27.33
N LEU D 176 25.06 27.56 26.60
CA LEU D 176 25.08 27.88 25.17
C LEU D 176 23.74 28.33 24.57
N LEU D 177 22.70 27.53 24.75
CA LEU D 177 21.41 27.75 24.09
C LEU D 177 20.60 28.77 24.86
N GLU D 178 20.22 29.85 24.19
CA GLU D 178 19.26 30.79 24.73
C GLU D 178 17.92 30.49 24.09
N GLU D 179 16.85 31.09 24.62
CA GLU D 179 15.50 30.81 24.13
C GLU D 179 15.39 31.12 22.66
N GLY D 180 14.79 30.21 21.90
CA GLY D 180 14.65 30.37 20.47
C GLY D 180 15.67 29.54 19.69
N ASP D 181 16.77 29.21 20.35
CA ASP D 181 17.84 28.45 19.71
C ASP D 181 17.48 26.97 19.59
N TYR D 182 17.81 26.38 18.44
CA TYR D 182 17.55 24.97 18.19
C TYR D 182 18.72 24.06 18.58
N PHE D 183 18.40 22.76 18.67
CA PHE D 183 19.35 21.67 18.91
C PHE D 183 18.77 20.45 18.19
N ILE D 184 19.46 19.94 17.18
CA ILE D 184 18.89 18.96 16.27
C ILE D 184 19.69 17.67 16.25
N ILE D 185 19.02 16.56 16.48
CA ILE D 185 19.61 15.23 16.39
C ILE D 185 19.20 14.57 15.07
N GLU D 186 20.18 14.11 14.32
CA GLU D 186 20.02 13.83 12.90
C GLU D 186 20.33 12.38 12.50
N ASP D 187 19.30 11.52 12.53
CA ASP D 187 19.38 10.11 12.08
C ASP D 187 19.09 9.10 13.21
N MET D 188 19.55 9.40 14.42
CA MET D 188 19.54 8.41 15.49
C MET D 188 18.48 8.63 16.57
N ILE D 189 17.37 9.27 16.21
CA ILE D 189 16.33 9.64 17.20
C ILE D 189 15.12 8.67 17.35
N PRO D 190 14.69 7.94 16.31
CA PRO D 190 13.77 6.82 16.53
C PRO D 190 14.47 5.65 17.25
N TYR D 191 15.71 5.36 16.84
CA TYR D 191 16.46 4.21 17.34
C TYR D 191 16.84 4.36 18.82
N ALA D 206 13.16 13.30 27.95
CA ALA D 206 12.81 13.62 29.33
C ALA D 206 13.44 14.93 29.72
N PHE D 207 12.93 16.01 29.13
CA PHE D 207 13.59 17.33 29.16
C PHE D 207 12.62 18.53 29.23
N ARG D 208 11.38 18.30 29.65
CA ARG D 208 10.25 19.21 29.38
C ARG D 208 10.32 20.69 29.86
N ASP D 209 11.32 21.04 30.66
CA ASP D 209 11.39 22.37 31.29
C ASP D 209 12.05 23.47 30.45
N VAL D 210 13.19 23.18 29.84
CA VAL D 210 13.94 24.19 29.08
C VAL D 210 14.13 23.84 27.61
N LEU D 211 13.47 22.78 27.15
CA LEU D 211 13.47 22.43 25.74
C LEU D 211 12.05 22.16 25.27
N SER D 212 11.90 21.88 23.97
CA SER D 212 10.60 21.62 23.35
C SER D 212 10.82 21.05 21.95
N MET D 213 9.90 20.23 21.43
CA MET D 213 9.96 19.76 20.04
C MET D 213 9.16 20.70 19.13
N ASP D 214 9.79 21.20 18.07
CA ASP D 214 9.16 22.07 17.08
C ASP D 214 8.43 21.25 16.02
N MET D 215 7.10 21.29 16.04
CA MET D 215 6.28 20.34 15.29
C MET D 215 6.18 20.68 13.79
N LEU D 216 6.63 21.88 13.43
CA LEU D 216 6.61 22.34 12.04
C LEU D 216 7.66 21.64 11.20
N TYR D 217 8.77 21.28 11.85
CA TYR D 217 9.89 20.63 11.18
C TYR D 217 10.17 19.19 11.64
N ALA D 218 9.58 18.78 12.76
CA ALA D 218 9.84 17.46 13.31
C ALA D 218 9.39 16.38 12.32
N ASN D 219 8.21 16.52 11.74
CA ASN D 219 7.69 15.51 10.83
C ASN D 219 8.08 15.71 9.36
N ALA D 220 8.49 16.92 9.00
CA ALA D 220 8.68 17.30 7.60
C ALA D 220 9.78 16.58 6.81
N SER D 221 10.59 15.74 7.45
CA SER D 221 11.61 14.97 6.74
C SER D 221 12.05 13.76 7.52
N SER D 222 12.34 12.66 6.83
CA SER D 222 12.65 11.39 7.52
C SER D 222 13.96 11.45 8.33
N GLN D 223 14.97 12.12 7.78
CA GLN D 223 16.29 12.23 8.41
C GLN D 223 16.30 13.01 9.73
N LEU D 224 15.40 13.99 9.86
CA LEU D 224 15.26 14.76 11.11
C LEU D 224 14.06 14.27 11.90
N ASP D 225 13.76 12.97 11.81
CA ASP D 225 12.44 12.43 12.16
C ASP D 225 11.78 13.03 13.38
N ARG D 226 12.40 12.90 14.54
CA ARG D 226 11.82 13.48 15.73
C ARG D 226 12.88 14.28 16.46
N GLY D 227 13.89 14.74 15.72
CA GLY D 227 15.10 15.30 16.27
C GLY D 227 15.17 16.81 16.43
N VAL D 228 14.14 17.54 15.99
CA VAL D 228 14.18 19.00 15.97
C VAL D 228 13.55 19.55 17.24
N LEU D 229 14.38 20.18 18.08
CA LEU D 229 13.97 20.66 19.39
C LEU D 229 14.58 22.02 19.73
N ARG D 230 13.74 23.04 19.91
CA ARG D 230 14.24 24.38 20.19
C ARG D 230 14.12 24.76 21.67
N ARG D 231 14.47 26.02 21.96
CA ARG D 231 14.47 26.59 23.31
C ARG D 231 15.13 25.67 24.33
N ASP E 3 -26.16 33.76 1.45
CA ASP E 3 -24.90 34.55 1.20
C ASP E 3 -24.27 34.26 -0.16
N TYR E 4 -24.82 33.26 -0.87
CA TYR E 4 -24.33 32.83 -2.19
C TYR E 4 -24.68 33.83 -3.31
N SER E 5 -25.88 34.42 -3.23
CA SER E 5 -26.31 35.48 -4.14
C SER E 5 -25.40 36.73 -4.05
N ARG E 6 -24.86 36.99 -2.85
CA ARG E 6 -24.02 38.17 -2.58
C ARG E 6 -22.54 37.96 -2.90
N GLN E 7 -22.24 37.05 -3.83
CA GLN E 7 -20.88 36.87 -4.33
C GLN E 7 -20.88 36.66 -5.84
N ASN E 8 -19.80 37.11 -6.49
CA ASN E 8 -19.38 36.56 -7.78
C ASN E 8 -18.08 35.80 -7.58
N PHE E 9 -18.08 34.60 -8.12
CA PHE E 9 -17.04 33.63 -7.90
C PHE E 9 -16.06 33.71 -9.03
N GLN E 10 -14.78 33.61 -8.69
CA GLN E 10 -13.73 33.48 -9.69
C GLN E 10 -13.78 32.09 -10.32
N ASP E 11 -13.20 31.97 -11.51
CA ASP E 11 -12.97 30.68 -12.15
C ASP E 11 -11.80 30.02 -11.42
N LEU E 12 -12.11 29.02 -10.59
CA LEU E 12 -11.10 28.32 -9.78
C LEU E 12 -10.11 27.47 -10.60
N ASN E 13 -10.38 27.29 -11.90
CA ASN E 13 -9.46 26.61 -12.80
C ASN E 13 -8.20 27.43 -13.03
N LEU E 14 -8.34 28.76 -12.93
CA LEU E 14 -7.21 29.69 -12.99
C LEU E 14 -6.03 29.26 -12.11
N PHE E 15 -6.30 28.45 -11.09
CA PHE E 15 -5.32 28.13 -10.06
C PHE E 15 -4.72 26.75 -10.22
N ARG E 16 -5.17 26.03 -11.25
CA ARG E 16 -4.69 24.68 -11.55
C ARG E 16 -3.16 24.65 -11.53
N GLY E 17 -2.62 23.86 -10.62
CA GLY E 17 -1.19 23.65 -10.52
C GLY E 17 -0.39 24.85 -10.05
N LEU E 18 -1.07 25.85 -9.49
CA LEU E 18 -0.42 27.11 -9.09
C LEU E 18 -0.71 27.47 -7.66
N GLY E 19 -1.95 27.28 -7.25
CA GLY E 19 -2.40 27.79 -5.98
C GLY E 19 -3.04 29.17 -6.16
N GLU E 20 -3.66 29.63 -5.10
CA GLU E 20 -4.45 30.84 -5.13
C GLU E 20 -3.68 32.13 -4.78
N ASP E 21 -2.40 32.04 -4.45
CA ASP E 21 -1.65 33.21 -3.99
C ASP E 21 -0.16 33.13 -4.32
N PRO E 22 0.32 33.97 -5.24
CA PRO E 22 1.74 33.91 -5.64
C PRO E 22 2.72 34.16 -4.49
N ALA E 23 2.31 34.94 -3.49
CA ALA E 23 3.14 35.20 -2.31
C ALA E 23 3.25 33.96 -1.42
N TYR E 24 4.44 33.75 -0.87
CA TYR E 24 4.69 32.62 0.01
C TYR E 24 4.12 32.94 1.37
N HIS E 25 3.33 32.01 1.89
CA HIS E 25 2.82 32.10 3.24
C HIS E 25 3.25 30.81 3.99
N PRO E 26 3.98 30.96 5.10
CA PRO E 26 4.53 29.80 5.78
C PRO E 26 3.37 29.06 6.44
N PRO E 27 3.29 27.75 6.25
CA PRO E 27 2.14 26.98 6.76
C PRO E 27 2.14 26.96 8.29
N VAL E 28 0.97 27.14 8.89
CA VAL E 28 0.83 27.16 10.34
C VAL E 28 0.08 25.90 10.79
N LEU E 29 0.33 25.49 12.04
CA LEU E 29 -0.30 24.30 12.61
C LEU E 29 -1.73 24.66 13.00
N THR E 30 -2.62 23.69 12.84
CA THR E 30 -4.05 23.89 13.10
C THR E 30 -4.51 23.09 14.32
N ASP E 31 -4.34 21.76 14.27
CA ASP E 31 -4.83 20.88 15.33
C ASP E 31 -3.91 20.79 16.57
N ARG E 32 -2.79 21.50 16.58
CA ARG E 32 -1.80 21.43 17.68
C ARG E 32 -0.94 22.68 17.82
N PRO E 33 -0.30 22.84 18.98
CA PRO E 33 0.69 23.92 19.16
C PRO E 33 2.03 23.52 18.54
N ARG E 34 2.93 24.48 18.38
CA ARG E 34 4.24 24.20 17.79
C ARG E 34 5.23 23.73 18.86
N ASP E 35 4.95 24.05 20.12
CA ASP E 35 5.87 23.74 21.22
C ASP E 35 5.40 22.52 22.01
N TRP E 36 5.51 21.33 21.41
CA TRP E 36 5.12 20.09 22.08
C TRP E 36 6.03 19.79 23.30
N PRO E 37 5.48 19.24 24.39
CA PRO E 37 6.30 18.88 25.55
C PRO E 37 7.08 17.57 25.35
N LEU E 38 8.31 17.52 25.88
CA LEU E 38 9.21 16.36 25.68
C LEU E 38 8.82 15.09 26.45
N ASP E 39 8.01 15.23 27.49
CA ASP E 39 7.44 14.08 28.18
C ASP E 39 6.45 13.33 27.27
N ARG E 40 5.72 14.08 26.46
CA ARG E 40 4.74 13.53 25.51
C ARG E 40 5.34 13.30 24.13
N TRP E 41 6.63 12.96 24.09
CA TRP E 41 7.35 12.77 22.84
C TRP E 41 6.86 11.55 22.07
N ALA E 42 6.45 10.52 22.80
CA ALA E 42 5.91 9.30 22.19
C ALA E 42 4.55 9.52 21.53
N GLU E 43 3.64 10.21 22.24
CA GLU E 43 2.27 10.41 21.79
C GLU E 43 2.06 11.63 20.86
N ALA E 44 3.15 12.12 20.28
CA ALA E 44 3.04 13.14 19.24
C ALA E 44 2.94 12.41 17.91
N PRO E 45 2.16 12.94 16.97
CA PRO E 45 1.85 12.21 15.73
C PRO E 45 2.99 12.24 14.72
N ARG E 46 2.94 11.30 13.79
CA ARG E 46 3.93 11.22 12.73
C ARG E 46 3.59 12.07 11.51
N ASP E 47 2.33 12.47 11.36
CA ASP E 47 1.87 13.16 10.14
C ASP E 47 2.42 14.58 10.02
N LEU E 48 2.65 15.01 8.78
CA LEU E 48 3.26 16.31 8.47
C LEU E 48 2.60 17.42 9.28
N GLY E 49 1.30 17.59 9.10
CA GLY E 49 0.54 18.61 9.80
C GLY E 49 0.04 19.74 8.91
N TYR E 50 0.28 19.65 7.61
CA TYR E 50 -0.28 20.64 6.68
C TYR E 50 -0.48 20.12 5.25
N SER E 51 -1.02 21.00 4.41
CA SER E 51 -1.53 20.66 3.07
C SER E 51 -0.63 19.79 2.18
N ASP E 52 0.69 20.03 2.18
CA ASP E 52 1.67 19.28 1.36
C ASP E 52 1.56 19.52 -0.17
N PHE E 53 0.76 20.50 -0.58
CA PHE E 53 0.53 20.72 -2.01
C PHE E 53 1.79 21.32 -2.69
N SER E 54 2.11 22.57 -2.41
CA SER E 54 3.30 23.19 -2.98
C SER E 54 3.92 24.01 -1.88
N PRO E 55 4.31 23.35 -0.81
CA PRO E 55 4.76 24.04 0.40
C PRO E 55 6.15 24.68 0.28
N TYR E 56 6.93 24.27 -0.72
CA TYR E 56 8.34 24.63 -0.78
C TYR E 56 8.62 26.09 -1.17
N GLN E 57 9.82 26.56 -0.86
CA GLN E 57 10.20 27.94 -1.12
C GLN E 57 11.70 28.15 -1.31
N TRP E 58 12.05 29.34 -1.80
CA TRP E 58 13.43 29.79 -1.88
C TRP E 58 13.48 31.27 -1.54
N ARG E 59 14.05 31.62 -0.40
CA ARG E 59 14.21 33.02 0.00
C ARG E 59 12.90 33.79 0.09
N GLY E 60 11.88 33.15 0.62
CA GLY E 60 10.58 33.79 0.78
C GLY E 60 9.76 33.81 -0.49
N LEU E 61 10.21 33.06 -1.49
CA LEU E 61 9.52 32.93 -2.75
C LEU E 61 9.07 31.51 -2.90
N ARG E 62 7.80 31.33 -3.26
CA ARG E 62 7.25 30.03 -3.54
C ARG E 62 8.04 29.32 -4.65
N MET E 63 8.32 28.04 -4.42
CA MET E 63 9.08 27.20 -5.34
C MET E 63 8.17 26.07 -5.75
N LEU E 64 7.91 25.94 -7.04
CA LEU E 64 7.02 24.87 -7.51
C LEU E 64 7.76 23.57 -7.85
N LYS E 65 9.08 23.64 -7.91
CA LYS E 65 9.93 22.47 -8.11
C LYS E 65 10.26 21.86 -6.74
N ASP E 66 9.87 20.61 -6.50
CA ASP E 66 10.09 19.99 -5.18
C ASP E 66 11.54 19.56 -5.02
N PRO E 67 12.00 19.39 -3.77
CA PRO E 67 13.42 19.25 -3.49
C PRO E 67 14.07 18.14 -4.29
N ASP E 68 13.31 17.10 -4.60
CA ASP E 68 13.83 16.02 -5.42
C ASP E 68 14.24 16.58 -6.77
N THR E 69 13.29 17.19 -7.50
CA THR E 69 13.62 17.91 -8.74
C THR E 69 14.74 18.93 -8.57
N GLN E 70 14.80 19.59 -7.42
CA GLN E 70 15.86 20.58 -7.17
C GLN E 70 17.25 19.96 -7.08
N ALA E 71 17.34 18.79 -6.45
CA ALA E 71 18.59 18.05 -6.34
C ALA E 71 19.15 17.65 -7.69
N VAL E 72 18.28 17.31 -8.64
CA VAL E 72 18.76 16.89 -9.95
C VAL E 72 19.21 18.08 -10.82
N TYR E 73 18.56 19.24 -10.69
CA TYR E 73 19.03 20.43 -11.40
C TYR E 73 20.38 20.86 -10.88
N HIS E 74 20.59 20.72 -9.58
CA HIS E 74 21.89 21.01 -9.00
C HIS E 74 22.99 20.18 -9.66
N ASP E 75 22.72 18.90 -9.88
CA ASP E 75 23.69 18.03 -10.53
C ASP E 75 23.84 18.43 -11.99
N MET E 76 22.73 18.75 -12.64
CA MET E 76 22.74 19.05 -14.07
C MET E 76 23.50 20.33 -14.37
N LEU E 77 23.25 21.36 -13.57
CA LEU E 77 23.97 22.65 -13.68
C LEU E 77 25.43 22.43 -13.42
N TRP E 78 25.73 21.65 -12.38
CA TRP E 78 27.10 21.42 -11.95
C TRP E 78 27.89 20.74 -13.07
N GLU E 79 27.34 19.69 -13.64
CA GLU E 79 27.99 18.97 -14.70
C GLU E 79 28.14 19.78 -16.00
N LEU E 80 27.09 20.51 -16.39
CA LEU E 80 27.03 21.13 -17.71
C LEU E 80 27.51 22.56 -17.70
N ARG E 81 27.17 23.26 -16.62
CA ARG E 81 27.67 24.60 -16.36
C ARG E 81 27.17 25.54 -17.43
N PRO E 82 25.86 25.73 -17.49
CA PRO E 82 25.23 26.47 -18.58
C PRO E 82 25.44 27.95 -18.43
N ARG E 83 25.60 28.63 -19.56
CA ARG E 83 25.67 30.09 -19.57
C ARG E 83 24.29 30.69 -19.74
N THR E 84 23.31 29.86 -20.09
CA THR E 84 21.94 30.36 -20.27
C THR E 84 20.89 29.33 -19.87
N ILE E 85 19.88 29.76 -19.13
CA ILE E 85 18.76 28.93 -18.72
C ILE E 85 17.48 29.66 -19.07
N VAL E 86 16.67 29.06 -19.93
CA VAL E 86 15.40 29.64 -20.32
C VAL E 86 14.27 28.89 -19.63
N GLU E 87 13.36 29.61 -18.99
CA GLU E 87 12.16 29.01 -18.38
C GLU E 87 10.91 29.56 -19.03
N LEU E 88 10.02 28.66 -19.42
CA LEU E 88 8.76 29.00 -20.02
C LEU E 88 7.74 28.76 -18.96
N GLY E 89 7.17 29.84 -18.44
CA GLY E 89 6.32 29.75 -17.28
C GLY E 89 7.14 30.25 -16.11
N VAL E 90 6.73 31.41 -15.61
CA VAL E 90 7.49 32.18 -14.65
C VAL E 90 6.74 32.19 -13.33
N TYR E 91 5.47 32.59 -13.40
CA TYR E 91 4.58 32.65 -12.23
C TYR E 91 5.14 33.63 -11.18
N ASN E 92 5.67 33.11 -10.08
CA ASN E 92 6.09 33.95 -8.97
C ASN E 92 7.57 34.31 -9.08
N GLY E 93 8.29 33.60 -9.94
CA GLY E 93 9.67 33.92 -10.19
C GLY E 93 10.59 33.17 -9.27
N GLY E 94 10.04 32.26 -8.48
CA GLY E 94 10.85 31.50 -7.56
C GLY E 94 11.92 30.69 -8.24
N SER E 95 11.57 30.01 -9.33
CA SER E 95 12.51 29.14 -10.00
C SER E 95 13.58 29.95 -10.67
N LEU E 96 13.15 30.98 -11.39
CA LEU E 96 14.05 31.99 -11.95
C LEU E 96 15.15 32.42 -10.97
N ALA E 97 14.77 32.80 -9.76
CA ALA E 97 15.71 33.33 -8.79
C ALA E 97 16.61 32.25 -8.23
N TRP E 98 16.08 31.04 -8.13
CA TRP E 98 16.83 29.87 -7.67
C TRP E 98 17.92 29.47 -8.66
N PHE E 99 17.56 29.29 -9.93
CA PHE E 99 18.53 29.04 -10.98
C PHE E 99 19.63 30.11 -10.97
N ARG E 100 19.23 31.37 -10.78
CA ARG E 100 20.17 32.47 -10.83
C ARG E 100 21.10 32.38 -9.63
N ASP E 101 20.52 32.07 -8.47
CA ASP E 101 21.28 32.03 -7.24
C ASP E 101 22.25 30.85 -7.22
N LEU E 102 21.87 29.75 -7.85
CA LEU E 102 22.66 28.54 -7.81
C LEU E 102 23.81 28.52 -8.79
N THR E 103 23.60 29.10 -9.96
CA THR E 103 24.67 29.24 -10.93
C THR E 103 25.72 30.21 -10.40
N LYS E 104 25.25 31.25 -9.72
CA LYS E 104 26.12 32.26 -9.12
C LYS E 104 26.98 31.66 -8.01
N ILE E 105 26.36 30.94 -7.08
CA ILE E 105 27.09 30.33 -5.98
C ILE E 105 28.08 29.30 -6.52
N MET E 106 27.72 28.69 -7.66
CA MET E 106 28.59 27.71 -8.32
C MET E 106 29.68 28.37 -9.21
N GLY E 107 29.69 29.70 -9.28
CA GLY E 107 30.69 30.43 -10.03
C GLY E 107 30.53 30.38 -11.54
N ILE E 108 29.33 30.03 -12.00
CA ILE E 108 29.03 30.03 -13.43
C ILE E 108 28.45 31.38 -13.87
N ASP E 109 28.89 31.81 -15.04
CA ASP E 109 28.35 33.00 -15.65
C ASP E 109 27.07 32.61 -16.40
N CYS E 110 25.94 32.61 -15.69
CA CYS E 110 24.68 32.16 -16.28
C CYS E 110 23.63 33.26 -16.23
N GLN E 111 23.12 33.61 -17.42
CA GLN E 111 21.92 34.42 -17.61
C GLN E 111 20.64 33.56 -17.53
N VAL E 112 19.78 33.79 -16.53
CA VAL E 112 18.45 33.18 -16.53
C VAL E 112 17.47 34.04 -17.31
N ILE E 113 16.64 33.42 -18.14
CA ILE E 113 15.64 34.14 -18.93
C ILE E 113 14.29 33.51 -18.69
N GLY E 114 13.31 34.31 -18.28
CA GLY E 114 11.98 33.80 -18.01
C GLY E 114 10.96 34.32 -18.98
N ILE E 115 10.13 33.45 -19.56
CA ILE E 115 9.11 33.91 -20.50
C ILE E 115 7.70 33.56 -20.00
N ASP E 116 6.78 34.47 -20.19
CA ASP E 116 5.42 34.28 -19.76
C ASP E 116 4.44 35.22 -20.43
N ARG E 117 3.20 34.78 -20.57
CA ARG E 117 2.15 35.68 -21.05
C ARG E 117 1.71 36.71 -20.00
N ASP E 118 1.95 36.42 -18.72
CA ASP E 118 1.51 37.28 -17.63
C ASP E 118 2.57 37.39 -16.51
N LEU E 119 3.34 38.48 -16.50
CA LEU E 119 4.37 38.73 -15.49
C LEU E 119 3.85 39.46 -14.25
N SER E 120 2.55 39.71 -14.17
CA SER E 120 1.97 40.48 -13.06
C SER E 120 2.19 39.76 -11.73
N ARG E 121 2.35 38.44 -11.76
CA ARG E 121 2.42 37.63 -10.55
C ARG E 121 3.80 37.46 -9.97
N CYS E 122 4.80 38.15 -10.52
CA CYS E 122 6.19 37.92 -10.15
C CYS E 122 6.50 38.68 -8.88
N GLN E 123 7.18 38.03 -7.93
CA GLN E 123 7.38 38.58 -6.58
C GLN E 123 8.86 38.84 -6.24
N ILE E 124 9.74 38.80 -7.24
CA ILE E 124 11.17 39.00 -7.01
C ILE E 124 11.41 40.49 -6.72
N PRO E 125 12.05 40.83 -5.62
CA PRO E 125 12.43 42.22 -5.39
C PRO E 125 13.40 42.64 -6.48
N ALA E 126 13.61 43.94 -6.72
CA ALA E 126 14.56 44.36 -7.80
C ALA E 126 15.98 44.34 -7.28
N SER E 127 16.09 44.59 -5.97
CA SER E 127 17.28 44.27 -5.24
C SER E 127 17.92 43.00 -5.83
N ASP E 128 17.14 41.93 -6.02
CA ASP E 128 17.69 40.63 -6.41
C ASP E 128 17.28 40.20 -7.80
N MET E 129 17.47 41.10 -8.74
CA MET E 129 17.03 40.87 -10.11
C MET E 129 18.20 40.63 -11.09
N GLU E 130 19.44 40.65 -10.58
CA GLU E 130 20.65 40.44 -11.38
C GLU E 130 20.61 39.20 -12.25
N ASN E 131 20.88 39.34 -13.53
CA ASN E 131 20.96 38.20 -14.45
C ASN E 131 19.61 37.52 -14.73
N ILE E 132 18.54 38.27 -14.55
CA ILE E 132 17.22 37.76 -14.87
C ILE E 132 16.56 38.63 -15.90
N THR E 133 16.20 38.06 -17.04
CA THR E 133 15.48 38.79 -18.08
C THR E 133 14.11 38.16 -18.36
N LEU E 134 13.06 38.92 -18.13
CA LEU E 134 11.71 38.46 -18.31
C LEU E 134 11.26 38.93 -19.67
N HIS E 135 10.49 38.11 -20.36
CA HIS E 135 9.78 38.50 -21.57
C HIS E 135 8.33 38.15 -21.47
N GLN E 136 7.47 39.06 -21.91
CA GLN E 136 6.04 38.78 -21.98
C GLN E 136 5.72 38.33 -23.38
N GLY E 137 5.12 37.15 -23.48
CA GLY E 137 4.71 36.64 -24.78
C GLY E 137 3.95 35.36 -24.58
N ASP E 138 3.05 35.06 -25.51
CA ASP E 138 2.26 33.85 -25.47
C ASP E 138 3.03 32.72 -26.17
N CYS E 139 2.94 31.54 -25.59
CA CYS E 139 3.68 30.37 -26.05
C CYS E 139 3.16 29.84 -27.36
N SER E 140 1.89 30.09 -27.68
CA SER E 140 1.31 29.55 -28.91
C SER E 140 1.43 30.65 -29.93
N ASP E 141 2.66 31.04 -30.19
CA ASP E 141 2.97 32.26 -30.91
C ASP E 141 4.47 32.35 -31.15
N LEU E 142 4.93 31.84 -32.28
CA LEU E 142 6.36 31.69 -32.52
C LEU E 142 7.14 33.00 -32.55
N THR E 143 6.43 34.12 -32.69
CA THR E 143 7.07 35.44 -32.62
C THR E 143 7.69 35.64 -31.23
N THR E 144 7.02 35.15 -30.19
CA THR E 144 7.54 35.16 -28.81
C THR E 144 8.99 34.70 -28.72
N PHE E 145 9.34 33.69 -29.52
CA PHE E 145 10.67 33.12 -29.53
C PHE E 145 11.59 33.71 -30.60
N GLU E 146 11.01 34.23 -31.69
CA GLU E 146 11.79 34.73 -32.82
C GLU E 146 12.57 36.00 -32.44
N HIS E 147 12.03 36.78 -31.52
CA HIS E 147 12.67 38.00 -31.06
C HIS E 147 13.69 37.78 -29.94
N LEU E 148 13.88 36.53 -29.52
CA LEU E 148 14.93 36.21 -28.53
C LEU E 148 16.31 36.52 -29.14
N ARG E 149 17.13 37.28 -28.41
CA ARG E 149 18.48 37.59 -28.87
C ARG E 149 19.39 36.35 -28.81
N GLU E 150 20.68 36.54 -29.05
CA GLU E 150 21.65 35.44 -28.98
C GLU E 150 21.84 35.03 -27.54
N MET E 151 21.99 33.73 -27.33
CA MET E 151 22.29 33.20 -26.01
C MET E 151 23.60 32.41 -26.06
N ALA E 152 24.33 32.47 -24.95
CA ALA E 152 25.55 31.70 -24.81
C ALA E 152 25.19 30.25 -24.52
N HIS E 153 26.12 29.35 -24.83
CA HIS E 153 25.96 27.91 -24.55
C HIS E 153 27.06 27.41 -23.61
N PRO E 154 26.82 26.34 -22.86
CA PRO E 154 25.63 25.49 -22.96
C PRO E 154 24.33 26.14 -22.51
N LEU E 155 23.21 25.58 -22.91
CA LEU E 155 21.90 26.15 -22.57
C LEU E 155 20.93 25.06 -22.15
N ILE E 156 20.08 25.36 -21.16
CA ILE E 156 19.01 24.48 -20.71
C ILE E 156 17.70 25.19 -20.91
N PHE E 157 16.84 24.66 -21.77
CA PHE E 157 15.54 25.26 -22.05
C PHE E 157 14.48 24.45 -21.34
N ILE E 158 13.65 25.08 -20.52
CA ILE E 158 12.67 24.37 -19.70
C ILE E 158 11.24 24.81 -20.02
N ASP E 159 10.35 23.84 -20.18
CA ASP E 159 8.96 24.11 -20.45
C ASP E 159 8.16 23.84 -19.18
N ASN E 160 7.59 24.89 -18.61
CA ASN E 160 6.66 24.78 -17.50
C ASN E 160 5.26 25.28 -17.85
N ALA E 161 5.08 25.85 -19.04
CA ALA E 161 3.78 26.38 -19.46
C ALA E 161 2.96 25.31 -20.15
N HIS E 162 3.68 24.39 -20.81
CA HIS E 162 3.08 23.30 -21.56
C HIS E 162 1.98 23.75 -22.54
N ALA E 163 2.25 24.80 -23.28
CA ALA E 163 1.35 25.22 -24.34
C ALA E 163 2.12 25.22 -25.65
N ASN E 164 1.51 24.73 -26.73
CA ASN E 164 2.18 24.68 -28.02
C ASN E 164 3.61 24.09 -27.98
N THR E 165 3.77 23.08 -27.14
CA THR E 165 5.07 22.56 -26.79
C THR E 165 5.84 21.94 -27.95
N PHE E 166 5.22 21.08 -28.76
CA PHE E 166 5.98 20.43 -29.83
C PHE E 166 6.48 21.39 -30.90
N ASN E 167 5.66 22.36 -31.29
CA ASN E 167 6.09 23.41 -32.23
C ASN E 167 7.28 24.20 -31.68
N ILE E 168 7.31 24.40 -30.36
CA ILE E 168 8.41 25.11 -29.72
C ILE E 168 9.71 24.28 -29.70
N MET E 169 9.63 22.96 -29.60
CA MET E 169 10.80 22.08 -29.73
C MET E 169 11.37 22.15 -31.14
N LYS E 170 10.46 22.18 -32.11
CA LYS E 170 10.80 22.26 -33.51
C LYS E 170 11.59 23.53 -33.75
N TRP E 171 11.12 24.61 -33.14
CA TRP E 171 11.78 25.90 -33.25
C TRP E 171 13.12 25.85 -32.56
N ALA E 172 13.15 25.29 -31.36
CA ALA E 172 14.33 25.31 -30.53
C ALA E 172 15.39 24.47 -31.20
N VAL E 173 14.96 23.40 -31.85
CA VAL E 173 15.89 22.51 -32.54
C VAL E 173 16.40 23.15 -33.82
N ASP E 174 15.57 23.94 -34.46
CA ASP E 174 15.96 24.62 -35.68
C ASP E 174 16.76 25.91 -35.46
N HIS E 175 16.64 26.55 -34.30
CA HIS E 175 17.18 27.91 -34.14
C HIS E 175 17.89 28.22 -32.83
N LEU E 176 18.02 27.26 -31.92
CA LEU E 176 18.65 27.56 -30.63
C LEU E 176 19.66 26.52 -30.18
N LEU E 177 19.25 25.25 -30.21
CA LEU E 177 20.01 24.18 -29.55
C LEU E 177 21.24 23.75 -30.35
N GLU E 178 22.40 23.87 -29.73
CA GLU E 178 23.64 23.28 -30.21
C GLU E 178 23.85 21.97 -29.49
N GLU E 179 24.78 21.17 -29.98
CA GLU E 179 25.06 19.87 -29.37
C GLU E 179 25.35 20.01 -27.87
N GLY E 180 24.58 19.28 -27.06
CA GLY E 180 24.77 19.29 -25.62
C GLY E 180 23.58 19.89 -24.90
N ASP E 181 22.97 20.93 -25.48
CA ASP E 181 21.86 21.65 -24.87
C ASP E 181 20.64 20.77 -24.52
N TYR E 182 19.89 21.19 -23.50
CA TYR E 182 18.75 20.44 -23.00
C TYR E 182 17.47 21.10 -23.36
N PHE E 183 16.47 20.32 -23.72
CA PHE E 183 15.08 20.75 -23.76
C PHE E 183 14.32 19.86 -22.79
N ILE E 184 13.65 20.43 -21.80
CA ILE E 184 13.11 19.69 -20.66
C ILE E 184 11.64 19.99 -20.47
N ILE E 185 10.78 19.01 -20.73
CA ILE E 185 9.38 19.16 -20.39
C ILE E 185 9.17 18.61 -18.99
N GLU E 186 8.83 19.50 -18.07
CA GLU E 186 8.45 19.11 -16.71
C GLU E 186 6.95 18.74 -16.67
N ASP E 187 6.58 17.84 -15.76
CA ASP E 187 5.19 17.50 -15.45
C ASP E 187 4.44 16.80 -16.56
N MET E 188 4.11 17.52 -17.61
CA MET E 188 3.08 17.09 -18.53
C MET E 188 3.26 15.73 -19.19
N ILE E 189 4.47 15.23 -19.37
CA ILE E 189 4.68 14.08 -20.28
C ILE E 189 3.89 12.81 -19.93
N PRO E 190 3.97 12.31 -18.70
CA PRO E 190 3.16 11.16 -18.29
C PRO E 190 1.66 11.36 -18.52
N TYR E 191 1.14 12.54 -18.25
CA TYR E 191 -0.30 12.80 -18.47
C TYR E 191 -0.62 12.70 -19.95
N TRP E 192 0.25 13.28 -20.76
CA TRP E 192 0.10 13.24 -22.21
C TRP E 192 0.20 11.83 -22.80
N TYR E 193 0.81 10.89 -22.07
CA TYR E 193 0.95 9.51 -22.54
C TYR E 193 -0.19 8.63 -22.01
N ARG E 194 -0.86 9.07 -20.94
CA ARG E 194 -2.05 8.41 -20.46
C ARG E 194 -3.19 8.76 -21.41
N TYR E 195 -3.22 10.00 -21.85
CA TYR E 195 -4.39 10.56 -22.52
C TYR E 195 -4.36 10.47 -24.05
N ALA E 196 -3.16 10.43 -24.63
CA ALA E 196 -3.04 10.40 -26.08
C ALA E 196 -1.81 9.59 -26.48
N PRO E 197 -1.76 8.32 -26.09
CA PRO E 197 -0.55 7.50 -26.28
C PRO E 197 -0.10 7.38 -27.74
N GLN E 198 -1.04 7.31 -28.69
CA GLN E 198 -0.69 7.25 -30.11
C GLN E 198 0.03 8.53 -30.58
N LEU E 199 -0.66 9.66 -30.49
CA LEU E 199 -0.12 10.94 -30.94
C LEU E 199 1.14 11.37 -30.21
N PHE E 200 1.24 11.11 -28.91
CA PHE E 200 2.43 11.52 -28.16
C PHE E 200 3.66 10.78 -28.64
N SER E 201 3.56 9.46 -28.74
CA SER E 201 4.62 8.62 -29.30
C SER E 201 5.05 9.07 -30.70
N GLU E 202 4.06 9.38 -31.55
CA GLU E 202 4.30 9.87 -32.92
C GLU E 202 5.08 11.18 -32.91
N TYR E 203 4.68 12.08 -32.02
CA TYR E 203 5.27 13.38 -31.98
C TYR E 203 6.70 13.31 -31.46
N LEU E 204 6.96 12.43 -30.50
CA LEU E 204 8.28 12.41 -29.87
C LEU E 204 9.26 11.77 -30.81
N GLY E 205 8.85 10.68 -31.45
CA GLY E 205 9.66 9.99 -32.43
C GLY E 205 9.96 10.85 -33.64
N ALA E 206 9.19 11.92 -33.82
CA ALA E 206 9.49 12.93 -34.84
C ALA E 206 10.86 13.59 -34.67
N PHE E 207 11.30 13.69 -33.41
CA PHE E 207 12.60 14.28 -33.03
C PHE E 207 13.69 13.24 -32.76
N ARG E 208 13.46 11.99 -33.18
CA ARG E 208 14.34 10.88 -32.82
C ARG E 208 15.79 11.14 -33.23
N ASP E 209 15.97 11.76 -34.39
CA ASP E 209 17.32 12.00 -34.94
C ASP E 209 18.04 13.21 -34.33
N VAL E 210 17.30 14.09 -33.65
CA VAL E 210 17.86 15.33 -33.11
C VAL E 210 17.87 15.44 -31.58
N LEU E 211 17.06 14.64 -30.91
CA LEU E 211 16.95 14.72 -29.47
C LEU E 211 16.92 13.34 -28.83
N SER E 212 17.47 13.25 -27.62
CA SER E 212 17.56 11.97 -26.91
C SER E 212 17.11 12.17 -25.46
N MET E 213 16.58 11.11 -24.84
CA MET E 213 16.23 11.15 -23.43
C MET E 213 17.49 10.90 -22.60
N ASP E 214 17.89 11.89 -21.81
CA ASP E 214 19.06 11.74 -20.95
C ASP E 214 18.69 10.90 -19.75
N MET E 215 19.30 9.72 -19.68
CA MET E 215 18.88 8.65 -18.78
C MET E 215 19.44 8.80 -17.36
N LEU E 216 20.47 9.63 -17.19
CA LEU E 216 21.03 9.93 -15.89
C LEU E 216 20.14 10.83 -15.02
N TYR E 217 19.22 11.56 -15.68
CA TYR E 217 18.35 12.53 -15.01
C TYR E 217 16.82 12.27 -15.16
N ALA E 218 16.42 11.52 -16.20
CA ALA E 218 15.01 11.43 -16.58
C ALA E 218 14.14 10.52 -15.70
N ASN E 219 14.76 9.62 -14.95
CA ASN E 219 14.02 8.77 -14.02
C ASN E 219 14.18 9.26 -12.58
N ALA E 220 14.63 10.51 -12.40
CA ALA E 220 15.19 10.95 -11.13
C ALA E 220 14.27 11.75 -10.21
N SER E 221 13.23 12.39 -10.76
CA SER E 221 12.23 13.07 -9.92
C SER E 221 10.86 12.91 -10.52
N SER E 222 9.82 13.06 -9.70
CA SER E 222 8.44 12.92 -10.19
C SER E 222 8.17 13.94 -11.32
N GLN E 223 8.66 15.16 -11.14
CA GLN E 223 8.32 16.25 -12.04
C GLN E 223 9.12 16.22 -13.33
N LEU E 224 10.32 15.64 -13.31
CA LEU E 224 11.13 15.57 -14.51
C LEU E 224 10.97 14.24 -15.22
N ASP E 225 10.37 13.28 -14.50
CA ASP E 225 10.14 11.92 -14.96
C ASP E 225 9.80 11.85 -16.47
N ARG E 226 10.74 11.30 -17.23
CA ARG E 226 10.62 11.01 -18.67
C ARG E 226 10.60 12.22 -19.58
N GLY E 227 10.78 13.41 -19.00
CA GLY E 227 10.79 14.63 -19.79
C GLY E 227 12.12 15.34 -19.94
N VAL E 228 13.24 14.72 -19.57
CA VAL E 228 14.54 15.38 -19.71
C VAL E 228 15.15 14.96 -21.02
N LEU E 229 15.49 15.93 -21.86
CA LEU E 229 16.04 15.64 -23.19
C LEU E 229 17.17 16.57 -23.57
N ARG E 230 17.98 16.16 -24.54
CA ARG E 230 19.08 16.98 -25.02
C ARG E 230 19.46 16.66 -26.46
N ARG E 231 20.29 17.52 -27.03
CA ARG E 231 20.75 17.39 -28.41
C ARG E 231 21.79 16.29 -28.54
N VAL E 232 21.30 15.07 -28.83
CA VAL E 232 22.11 13.85 -29.06
C VAL E 232 23.46 13.84 -28.33
N ASP F 21 17.03 -3.02 30.39
CA ASP F 21 17.02 -4.17 31.35
C ASP F 21 17.10 -5.52 30.61
N PRO F 22 18.05 -6.39 31.00
CA PRO F 22 18.11 -7.77 30.46
C PRO F 22 17.05 -8.76 31.00
N ALA F 23 16.48 -8.49 32.18
CA ALA F 23 15.42 -9.34 32.73
C ALA F 23 14.12 -9.10 31.99
N TYR F 24 13.29 -10.12 31.91
CA TYR F 24 12.03 -10.05 31.19
C TYR F 24 10.92 -9.59 32.11
N HIS F 25 10.09 -8.66 31.62
CA HIS F 25 8.86 -8.27 32.30
C HIS F 25 7.69 -8.29 31.31
N PRO F 26 6.59 -8.95 31.66
CA PRO F 26 5.43 -8.96 30.78
C PRO F 26 4.97 -7.55 30.41
N PRO F 27 4.38 -7.41 29.22
CA PRO F 27 3.81 -6.13 28.81
C PRO F 27 2.68 -5.69 29.75
N VAL F 28 2.56 -4.38 29.93
CA VAL F 28 1.53 -3.79 30.78
C VAL F 28 0.70 -2.86 29.90
N LEU F 29 -0.62 -2.94 30.05
CA LEU F 29 -1.54 -2.19 29.22
C LEU F 29 -1.95 -0.89 29.89
N THR F 30 -1.57 0.25 29.30
CA THR F 30 -1.82 1.56 29.92
C THR F 30 -3.14 2.20 29.52
N ASP F 31 -3.60 1.95 28.30
CA ASP F 31 -4.83 2.58 27.84
C ASP F 31 -6.02 1.61 27.84
N ARG F 32 -5.79 0.30 27.80
CA ARG F 32 -6.88 -0.68 27.86
C ARG F 32 -6.93 -1.41 29.20
N PRO F 33 -8.14 -1.79 29.62
CA PRO F 33 -8.26 -2.87 30.60
C PRO F 33 -7.94 -4.18 29.89
N ARG F 34 -7.35 -5.12 30.61
CA ARG F 34 -7.05 -6.40 30.02
C ARG F 34 -8.32 -7.16 29.66
N ASP F 35 -9.33 -7.08 30.53
CA ASP F 35 -10.58 -7.79 30.27
C ASP F 35 -11.60 -6.87 29.61
N TRP F 36 -11.64 -6.94 28.29
CA TRP F 36 -12.61 -6.17 27.52
C TRP F 36 -13.95 -6.87 27.47
N PRO F 37 -14.99 -6.20 27.90
CA PRO F 37 -16.34 -6.80 27.92
C PRO F 37 -16.94 -7.08 26.53
N LEU F 38 -17.58 -8.25 26.39
CA LEU F 38 -18.04 -8.77 25.11
C LEU F 38 -19.19 -7.99 24.53
N ASP F 39 -19.93 -7.30 25.40
CA ASP F 39 -21.04 -6.47 24.95
C ASP F 39 -20.55 -5.31 24.11
N ARG F 40 -19.28 -4.96 24.26
CA ARG F 40 -18.65 -3.84 23.53
C ARG F 40 -17.53 -4.33 22.58
N TRP F 41 -17.65 -5.56 22.11
CA TRP F 41 -16.60 -6.21 21.34
C TRP F 41 -16.02 -5.35 20.18
N ALA F 42 -16.90 -4.73 19.40
CA ALA F 42 -16.49 -3.99 18.20
C ALA F 42 -15.74 -2.71 18.52
N GLU F 43 -15.96 -2.18 19.71
CA GLU F 43 -15.33 -0.93 20.12
C GLU F 43 -13.91 -1.12 20.63
N ALA F 44 -13.49 -2.36 20.81
CA ALA F 44 -12.15 -2.63 21.32
C ALA F 44 -11.13 -2.15 20.31
N PRO F 45 -10.02 -1.59 20.80
CA PRO F 45 -8.94 -1.16 19.92
C PRO F 45 -8.21 -2.35 19.30
N ARG F 46 -7.82 -2.19 18.03
CA ARG F 46 -7.25 -3.27 17.24
C ARG F 46 -5.72 -3.34 17.25
N ASP F 47 -5.05 -2.28 17.70
CA ASP F 47 -3.58 -2.32 17.78
C ASP F 47 -3.10 -3.05 19.04
N LEU F 48 -1.79 -3.27 19.11
CA LEU F 48 -1.23 -4.31 19.97
C LEU F 48 -1.40 -4.06 21.46
N GLY F 49 -1.54 -2.79 21.85
CA GLY F 49 -1.62 -2.40 23.25
C GLY F 49 -0.30 -2.05 23.92
N TYR F 50 0.83 -2.27 23.24
CA TYR F 50 2.15 -1.96 23.81
C TYR F 50 3.25 -1.91 22.73
N SER F 51 4.46 -1.51 23.13
CA SER F 51 5.58 -1.42 22.20
C SER F 51 6.08 -2.78 21.72
N ASP F 52 6.40 -2.85 20.42
CA ASP F 52 6.94 -4.07 19.79
C ASP F 52 8.47 -4.01 19.56
N PHE F 53 9.20 -3.27 20.41
CA PHE F 53 10.68 -3.25 20.40
C PHE F 53 11.25 -4.67 20.58
N SER F 54 11.19 -5.22 21.79
CA SER F 54 11.63 -6.60 21.98
C SER F 54 10.80 -7.29 23.10
N PRO F 55 9.55 -7.64 22.72
CA PRO F 55 8.59 -8.25 23.63
C PRO F 55 8.55 -9.78 23.55
N TYR F 56 9.59 -10.39 23.01
CA TYR F 56 9.61 -11.84 22.87
C TYR F 56 10.40 -12.42 24.02
N GLN F 57 10.21 -13.71 24.25
CA GLN F 57 10.82 -14.37 25.40
C GLN F 57 10.74 -15.89 25.29
N TRP F 58 11.47 -16.55 26.17
CA TRP F 58 11.48 -18.00 26.29
C TRP F 58 11.66 -18.37 27.74
N ARG F 59 10.64 -18.98 28.33
CA ARG F 59 10.65 -19.37 29.73
C ARG F 59 11.22 -18.30 30.64
N GLY F 60 10.59 -17.14 30.64
CA GLY F 60 10.95 -16.07 31.56
C GLY F 60 12.26 -15.35 31.30
N LEU F 61 12.98 -15.74 30.24
CA LEU F 61 14.19 -15.05 29.79
C LEU F 61 13.90 -14.32 28.49
N ARG F 62 14.57 -13.19 28.28
CA ARG F 62 14.34 -12.41 27.06
C ARG F 62 14.93 -13.06 25.81
N MET F 63 14.17 -13.02 24.72
CA MET F 63 14.60 -13.51 23.41
C MET F 63 14.60 -12.38 22.45
N LEU F 64 15.76 -12.11 21.85
CA LEU F 64 15.88 -11.05 20.88
C LEU F 64 15.57 -11.54 19.48
N LYS F 65 15.34 -12.84 19.33
CA LYS F 65 14.99 -13.45 18.06
C LYS F 65 13.49 -13.41 17.88
N ASP F 66 13.03 -12.70 16.85
CA ASP F 66 11.60 -12.61 16.60
C ASP F 66 11.09 -13.93 16.01
N PRO F 67 9.78 -14.16 16.02
CA PRO F 67 9.23 -15.51 15.74
C PRO F 67 9.64 -16.07 14.39
N ASP F 68 9.92 -15.20 13.42
CA ASP F 68 10.34 -15.67 12.10
C ASP F 68 11.76 -16.21 12.10
N THR F 69 12.61 -15.60 12.90
CA THR F 69 13.94 -16.12 13.12
C THR F 69 13.89 -17.45 13.82
N GLN F 70 13.01 -17.56 14.81
CA GLN F 70 12.79 -18.82 15.54
C GLN F 70 12.40 -19.97 14.61
N ALA F 71 11.59 -19.64 13.61
CA ALA F 71 11.08 -20.66 12.72
C ALA F 71 12.19 -21.13 11.80
N VAL F 72 12.94 -20.20 11.22
CA VAL F 72 14.08 -20.54 10.39
C VAL F 72 15.09 -21.40 11.16
N TYR F 73 15.44 -20.97 12.38
CA TYR F 73 16.34 -21.74 13.23
C TYR F 73 15.80 -23.10 13.58
N HIS F 74 14.50 -23.20 13.81
CA HIS F 74 13.90 -24.50 14.07
C HIS F 74 14.18 -25.42 12.90
N ASP F 75 13.88 -24.93 11.70
CA ASP F 75 13.99 -25.71 10.46
C ASP F 75 15.40 -26.14 10.20
N MET F 76 16.29 -25.15 10.30
CA MET F 76 17.72 -25.37 10.18
C MET F 76 18.15 -26.47 11.14
N LEU F 77 17.71 -26.40 12.39
CA LEU F 77 18.13 -27.39 13.39
C LEU F 77 17.64 -28.78 13.02
N TRP F 78 16.42 -28.82 12.46
CA TRP F 78 15.73 -30.09 12.20
C TRP F 78 16.37 -30.90 11.05
N GLU F 79 16.91 -30.20 10.06
CA GLU F 79 17.49 -30.85 8.89
C GLU F 79 18.98 -31.19 9.08
N LEU F 80 19.71 -30.25 9.68
CA LEU F 80 21.13 -30.36 9.90
C LEU F 80 21.42 -31.28 11.07
N ARG F 81 20.66 -31.10 12.14
CA ARG F 81 20.87 -31.81 13.41
C ARG F 81 22.28 -31.49 13.90
N PRO F 82 22.50 -30.27 14.35
CA PRO F 82 23.84 -29.82 14.75
C PRO F 82 24.35 -30.41 16.06
N ARG F 83 25.61 -30.89 16.04
CA ARG F 83 26.30 -31.31 17.27
C ARG F 83 26.77 -30.11 18.11
N THR F 84 26.84 -28.92 17.51
CA THR F 84 27.35 -27.75 18.21
C THR F 84 26.74 -26.45 17.68
N ILE F 85 26.16 -25.64 18.55
CA ILE F 85 25.76 -24.28 18.19
C ILE F 85 26.62 -23.32 18.97
N VAL F 86 27.19 -22.32 18.30
CA VAL F 86 28.05 -21.34 18.93
C VAL F 86 27.45 -19.97 18.72
N GLU F 87 27.20 -19.28 19.82
CA GLU F 87 26.59 -17.95 19.82
C GLU F 87 27.58 -16.90 20.28
N LEU F 88 28.23 -16.24 19.33
CA LEU F 88 28.95 -14.99 19.58
C LEU F 88 27.96 -13.86 19.88
N GLY F 89 27.97 -13.34 21.12
CA GLY F 89 27.02 -12.30 21.56
C GLY F 89 25.83 -12.87 22.32
N VAL F 90 25.93 -12.86 23.64
CA VAL F 90 25.03 -13.63 24.51
C VAL F 90 23.83 -12.84 25.04
N TYR F 91 24.06 -11.56 25.36
CA TYR F 91 23.09 -10.74 26.11
C TYR F 91 22.66 -11.43 27.40
N ASN F 92 21.43 -11.94 27.45
CA ASN F 92 20.91 -12.46 28.71
C ASN F 92 20.67 -13.97 28.73
N GLY F 93 20.96 -14.63 27.61
CA GLY F 93 21.01 -16.08 27.56
C GLY F 93 19.75 -16.76 27.08
N GLY F 94 18.66 -16.03 26.87
CA GLY F 94 17.42 -16.63 26.43
C GLY F 94 17.54 -17.42 25.13
N SER F 95 18.26 -16.87 24.16
CA SER F 95 18.50 -17.56 22.90
C SER F 95 19.34 -18.83 23.14
N LEU F 96 20.27 -18.75 24.07
CA LEU F 96 21.07 -19.91 24.48
C LEU F 96 20.20 -21.02 25.07
N ALA F 97 19.23 -20.66 25.90
CA ALA F 97 18.31 -21.61 26.53
C ALA F 97 17.35 -22.16 25.50
N TRP F 98 17.09 -21.37 24.48
CA TRP F 98 16.18 -21.74 23.42
C TRP F 98 16.84 -22.79 22.56
N PHE F 99 18.08 -22.56 22.15
CA PHE F 99 18.82 -23.54 21.35
C PHE F 99 18.94 -24.87 22.07
N ARG F 100 19.36 -24.83 23.33
CA ARG F 100 19.54 -26.04 24.13
C ARG F 100 18.24 -26.84 24.27
N ASP F 101 17.19 -26.17 24.73
CA ASP F 101 15.87 -26.77 24.87
C ASP F 101 15.36 -27.38 23.57
N LEU F 102 15.54 -26.68 22.46
CA LEU F 102 14.99 -27.09 21.19
C LEU F 102 15.71 -28.29 20.63
N THR F 103 17.01 -28.33 20.86
CA THR F 103 17.83 -29.47 20.44
C THR F 103 17.57 -30.69 21.31
N LYS F 104 17.27 -30.46 22.57
CA LYS F 104 16.93 -31.57 23.44
C LYS F 104 15.63 -32.24 22.97
N ILE F 105 14.58 -31.47 22.70
CA ILE F 105 13.29 -32.05 22.31
C ILE F 105 13.29 -32.68 20.89
N MET F 106 14.28 -32.36 20.07
CA MET F 106 14.39 -32.96 18.74
C MET F 106 15.19 -34.25 18.82
N GLY F 107 15.84 -34.49 19.95
CA GLY F 107 16.62 -35.70 20.17
C GLY F 107 18.10 -35.51 19.88
N ILE F 108 18.46 -34.33 19.39
CA ILE F 108 19.83 -34.04 18.97
C ILE F 108 20.77 -33.82 20.17
N ASP F 109 21.90 -34.52 20.16
CA ASP F 109 22.91 -34.34 21.17
C ASP F 109 23.74 -33.12 20.81
N CYS F 110 23.37 -31.95 21.33
CA CYS F 110 23.99 -30.68 20.93
C CYS F 110 24.60 -29.91 22.10
N GLN F 111 25.78 -29.32 21.87
CA GLN F 111 26.42 -28.48 22.88
C GLN F 111 26.24 -27.02 22.47
N VAL F 112 25.44 -26.30 23.23
CA VAL F 112 25.36 -24.85 23.05
C VAL F 112 26.53 -24.20 23.76
N ILE F 113 27.21 -23.31 23.06
CA ILE F 113 28.31 -22.56 23.61
C ILE F 113 28.07 -21.09 23.33
N GLY F 114 28.34 -20.24 24.32
CA GLY F 114 28.07 -18.81 24.23
C GLY F 114 29.27 -17.98 24.62
N ILE F 115 29.67 -17.07 23.74
CA ILE F 115 30.89 -16.29 23.87
C ILE F 115 30.55 -14.82 23.86
N ASP F 116 30.90 -14.12 24.93
CA ASP F 116 30.78 -12.65 24.99
C ASP F 116 31.90 -12.05 25.84
N ARG F 117 32.47 -10.93 25.41
CA ARG F 117 33.45 -10.21 26.22
C ARG F 117 32.82 -9.68 27.52
N ASP F 118 31.50 -9.50 27.53
CA ASP F 118 30.75 -9.16 28.75
C ASP F 118 29.55 -10.10 28.97
N LEU F 119 29.54 -10.79 30.13
CA LEU F 119 28.52 -11.82 30.48
C LEU F 119 27.66 -11.48 31.71
N SER F 120 27.94 -10.35 32.35
CA SER F 120 27.21 -9.91 33.54
C SER F 120 25.67 -10.01 33.41
N ARG F 121 25.16 -9.72 32.21
CA ARG F 121 23.73 -9.62 31.96
C ARG F 121 23.00 -10.95 31.82
N CYS F 122 23.68 -12.08 32.02
CA CYS F 122 23.10 -13.39 31.70
C CYS F 122 22.21 -13.96 32.79
N GLN F 123 20.94 -14.14 32.45
CA GLN F 123 19.90 -14.49 33.41
C GLN F 123 19.62 -15.99 33.63
N ILE F 124 20.35 -16.90 32.96
CA ILE F 124 20.07 -18.34 33.07
C ILE F 124 20.58 -18.91 34.40
N PRO F 125 19.69 -19.52 35.21
CA PRO F 125 20.10 -20.14 36.47
C PRO F 125 20.95 -21.41 36.30
N ALA F 126 21.83 -21.67 37.27
CA ALA F 126 22.83 -22.74 37.16
C ALA F 126 22.22 -24.14 37.17
N SER F 127 20.92 -24.23 37.39
CA SER F 127 20.21 -25.51 37.36
C SER F 127 19.96 -25.98 35.93
N ASP F 128 19.19 -25.23 35.14
CA ASP F 128 19.00 -25.62 33.73
C ASP F 128 20.12 -24.98 32.88
N MET F 129 21.34 -25.38 33.23
CA MET F 129 22.56 -24.95 32.58
C MET F 129 23.23 -26.12 31.86
N GLU F 130 22.51 -27.24 31.74
CA GLU F 130 23.07 -28.43 31.13
C GLU F 130 23.19 -28.23 29.64
N ASN F 131 24.29 -28.76 29.09
CA ASN F 131 24.63 -28.63 27.69
C ASN F 131 24.83 -27.17 27.21
N ILE F 132 25.12 -26.27 28.16
CA ILE F 132 25.44 -24.88 27.84
C ILE F 132 26.77 -24.54 28.50
N THR F 133 27.57 -23.74 27.80
CA THR F 133 28.88 -23.32 28.29
C THR F 133 29.10 -21.85 27.94
N LEU F 134 29.62 -21.10 28.90
CA LEU F 134 29.96 -19.70 28.67
C LEU F 134 31.49 -19.57 28.60
N HIS F 135 31.98 -18.83 27.60
CA HIS F 135 33.34 -18.33 27.62
C HIS F 135 33.24 -16.81 27.59
N GLN F 136 34.20 -16.13 28.21
CA GLN F 136 34.28 -14.68 28.15
C GLN F 136 35.52 -14.27 27.35
N GLY F 137 35.34 -13.37 26.39
CA GLY F 137 36.45 -12.74 25.68
C GLY F 137 36.55 -13.13 24.21
N ASP F 138 37.59 -12.63 23.53
CA ASP F 138 37.81 -12.92 22.10
C ASP F 138 38.37 -14.35 21.89
N CYS F 139 39.68 -14.46 21.62
CA CYS F 139 40.29 -15.73 21.16
C CYS F 139 41.26 -16.29 22.18
N HIS F 147 39.58 -20.17 20.47
CA HIS F 147 40.67 -20.59 21.37
C HIS F 147 40.78 -22.12 21.42
N LEU F 148 39.78 -22.79 21.99
CA LEU F 148 39.81 -24.25 22.13
C LEU F 148 38.53 -24.92 21.61
N ARG F 149 38.66 -25.51 20.43
CA ARG F 149 37.58 -26.25 19.77
C ARG F 149 38.02 -27.66 19.40
N GLU F 150 37.75 -28.59 20.32
CA GLU F 150 37.63 -30.01 20.04
C GLU F 150 36.12 -30.32 19.99
N MET F 151 35.36 -29.45 19.33
CA MET F 151 33.90 -29.46 19.36
C MET F 151 33.37 -30.19 18.15
N ALA F 152 32.27 -30.92 18.34
CA ALA F 152 31.76 -31.86 17.35
C ALA F 152 30.92 -31.17 16.29
N HIS F 153 31.03 -31.62 15.05
CA HIS F 153 30.26 -31.09 13.92
C HIS F 153 29.10 -32.04 13.65
N PRO F 154 28.06 -31.64 12.92
CA PRO F 154 27.91 -30.30 12.33
C PRO F 154 27.81 -29.14 13.35
N LEU F 155 28.08 -27.93 12.87
CA LEU F 155 28.13 -26.74 13.72
C LEU F 155 27.37 -25.58 13.10
N ILE F 156 26.66 -24.83 13.93
CA ILE F 156 26.16 -23.52 13.51
C ILE F 156 26.92 -22.49 14.31
N PHE F 157 27.42 -21.48 13.62
CA PHE F 157 28.13 -20.34 14.22
C PHE F 157 27.28 -19.12 14.00
N ILE F 158 26.91 -18.41 15.06
CA ILE F 158 26.04 -17.27 14.93
C ILE F 158 26.75 -16.04 15.42
N ASP F 159 27.01 -15.11 14.50
CA ASP F 159 27.59 -13.81 14.80
C ASP F 159 26.49 -12.82 15.16
N ASN F 160 26.24 -12.70 16.45
CA ASN F 160 25.28 -11.76 17.00
C ASN F 160 25.95 -10.53 17.62
N ALA F 161 27.28 -10.58 17.75
CA ALA F 161 28.04 -9.41 18.19
C ALA F 161 28.61 -8.75 16.94
N HIS F 162 27.99 -7.64 16.55
CA HIS F 162 28.04 -7.15 15.19
C HIS F 162 29.34 -6.44 14.85
N ALA F 163 30.30 -6.43 15.77
CA ALA F 163 31.63 -5.92 15.48
C ALA F 163 32.46 -6.96 14.71
N ASN F 164 33.52 -6.49 14.07
CA ASN F 164 34.63 -7.33 13.59
C ASN F 164 34.20 -8.66 12.96
N THR F 165 33.32 -8.59 11.98
CA THR F 165 32.60 -9.78 11.51
C THR F 165 33.35 -10.58 10.43
N PHE F 166 33.71 -9.91 9.35
CA PHE F 166 34.44 -10.56 8.25
C PHE F 166 35.75 -11.17 8.70
N ASN F 167 36.37 -10.60 9.75
CA ASN F 167 37.57 -11.19 10.35
C ASN F 167 37.27 -12.48 11.06
N ILE F 168 36.18 -12.50 11.81
CA ILE F 168 35.74 -13.72 12.50
C ILE F 168 35.29 -14.77 11.49
N MET F 169 34.79 -14.32 10.34
CA MET F 169 34.37 -15.24 9.29
C MET F 169 35.55 -15.96 8.67
N LYS F 170 36.64 -15.24 8.42
CA LYS F 170 37.90 -15.86 7.94
C LYS F 170 38.49 -16.74 9.01
N TRP F 171 38.35 -16.31 10.25
CA TRP F 171 38.86 -17.06 11.37
C TRP F 171 38.10 -18.39 11.48
N ALA F 172 36.80 -18.36 11.20
CA ALA F 172 35.96 -19.54 11.34
C ALA F 172 36.18 -20.49 10.19
N VAL F 173 36.54 -19.96 9.02
CA VAL F 173 36.80 -20.80 7.85
C VAL F 173 38.17 -21.47 7.94
N ASP F 174 39.08 -20.85 8.69
CA ASP F 174 40.45 -21.35 8.83
C ASP F 174 40.61 -22.33 9.99
N HIS F 175 39.76 -22.24 11.00
CA HIS F 175 39.93 -23.06 12.21
C HIS F 175 38.75 -23.99 12.50
N LEU F 176 37.57 -23.66 12.01
CA LEU F 176 36.35 -24.27 12.53
C LEU F 176 35.48 -25.01 11.52
N LEU F 177 35.06 -24.31 10.48
CA LEU F 177 33.95 -24.79 9.67
C LEU F 177 34.33 -25.99 8.80
N GLU F 178 33.49 -27.02 8.84
CA GLU F 178 33.60 -28.20 7.99
C GLU F 178 32.46 -28.14 6.97
N GLU F 179 32.40 -29.10 6.05
CA GLU F 179 31.37 -29.08 4.99
C GLU F 179 29.99 -29.20 5.62
N GLY F 180 29.02 -28.50 5.04
CA GLY F 180 27.69 -28.42 5.61
C GLY F 180 27.51 -27.32 6.64
N ASP F 181 28.45 -27.17 7.55
CA ASP F 181 28.35 -26.25 8.70
C ASP F 181 27.98 -24.82 8.34
N TYR F 182 27.16 -24.17 9.17
CA TYR F 182 26.70 -22.80 8.87
C TYR F 182 27.51 -21.76 9.62
N PHE F 183 27.65 -20.59 8.98
CA PHE F 183 28.07 -19.35 9.60
C PHE F 183 27.02 -18.30 9.27
N ILE F 184 26.46 -17.68 10.30
CA ILE F 184 25.23 -16.88 10.19
C ILE F 184 25.45 -15.50 10.77
N ILE F 185 25.04 -14.48 10.03
CA ILE F 185 25.20 -13.09 10.48
C ILE F 185 23.81 -12.51 10.68
N GLU F 186 23.41 -12.31 11.94
CA GLU F 186 22.12 -11.71 12.25
C GLU F 186 22.20 -10.20 12.17
N ASP F 187 21.05 -9.59 11.91
CA ASP F 187 20.85 -8.13 11.91
C ASP F 187 21.58 -7.25 10.87
N MET F 188 22.91 -7.17 10.96
CA MET F 188 23.66 -6.06 10.32
C MET F 188 24.08 -6.24 8.85
N ILE F 189 23.80 -7.40 8.24
CA ILE F 189 24.15 -7.63 6.82
C ILE F 189 23.56 -6.59 5.84
N PRO F 190 22.25 -6.40 5.81
CA PRO F 190 21.64 -5.46 4.87
C PRO F 190 22.10 -4.03 5.14
N TYR F 191 22.51 -3.75 6.38
CA TYR F 191 23.03 -2.44 6.78
C TYR F 191 24.42 -2.19 6.22
N TRP F 192 25.21 -3.26 6.06
CA TRP F 192 26.54 -3.13 5.46
C TRP F 192 26.50 -2.92 3.94
N TYR F 193 25.45 -3.42 3.28
CA TYR F 193 25.23 -3.16 1.85
C TYR F 193 24.67 -1.74 1.67
N ARG F 194 24.00 -1.24 2.71
CA ARG F 194 23.44 0.10 2.71
C ARG F 194 24.54 1.17 2.79
N TYR F 195 25.44 1.02 3.76
CA TYR F 195 26.48 2.02 4.05
C TYR F 195 27.64 1.99 3.02
N ALA F 196 28.34 0.86 2.94
CA ALA F 196 29.46 0.68 2.01
C ALA F 196 29.21 -0.50 1.06
N PRO F 197 28.48 -0.28 -0.03
CA PRO F 197 28.06 -1.38 -0.92
C PRO F 197 29.22 -1.99 -1.71
N GLN F 198 30.09 -1.16 -2.29
CA GLN F 198 31.23 -1.66 -3.05
C GLN F 198 32.07 -2.66 -2.24
N LEU F 199 32.51 -2.23 -1.05
CA LEU F 199 33.37 -3.05 -0.19
C LEU F 199 32.66 -4.31 0.30
N PHE F 200 31.40 -4.18 0.66
CA PHE F 200 30.65 -5.31 1.18
C PHE F 200 30.70 -6.45 0.20
N SER F 201 30.38 -6.16 -1.05
CA SER F 201 30.32 -7.18 -2.09
C SER F 201 31.68 -7.83 -2.31
N GLU F 202 32.74 -7.03 -2.41
CA GLU F 202 34.12 -7.51 -2.49
C GLU F 202 34.48 -8.46 -1.33
N TYR F 203 34.15 -8.03 -0.11
CA TYR F 203 34.50 -8.74 1.12
C TYR F 203 33.74 -10.07 1.24
N LEU F 204 32.49 -10.08 0.82
CA LEU F 204 31.71 -11.31 0.73
C LEU F 204 32.14 -12.17 -0.46
N GLY F 205 32.48 -11.53 -1.56
CA GLY F 205 32.94 -12.24 -2.75
C GLY F 205 34.32 -12.85 -2.60
N ALA F 206 35.03 -12.50 -1.52
CA ALA F 206 36.34 -13.08 -1.24
C ALA F 206 36.19 -14.52 -0.75
N PHE F 207 35.03 -14.84 -0.19
CA PHE F 207 34.73 -16.18 0.32
C PHE F 207 33.96 -17.01 -0.70
N ARG F 208 33.91 -16.59 -1.95
CA ARG F 208 33.12 -17.30 -2.95
C ARG F 208 33.45 -18.79 -2.99
N ASP F 209 34.71 -19.15 -2.76
CA ASP F 209 35.16 -20.53 -2.93
C ASP F 209 34.95 -21.40 -1.69
N VAL F 210 34.43 -20.82 -0.60
CA VAL F 210 34.34 -21.51 0.69
C VAL F 210 32.95 -21.46 1.30
N LEU F 211 32.28 -20.32 1.23
CA LEU F 211 30.91 -20.17 1.72
C LEU F 211 29.93 -19.84 0.60
N SER F 212 28.68 -20.27 0.79
CA SER F 212 27.59 -19.95 -0.13
C SER F 212 26.40 -19.40 0.68
N MET F 213 25.44 -18.77 0.01
CA MET F 213 24.25 -18.30 0.69
C MET F 213 23.12 -19.30 0.49
N ASP F 214 22.64 -19.88 1.59
CA ASP F 214 21.57 -20.87 1.56
C ASP F 214 20.23 -20.20 1.34
N MET F 215 19.68 -20.35 0.14
CA MET F 215 18.52 -19.59 -0.30
C MET F 215 17.18 -20.18 0.14
N LEU F 216 17.20 -21.18 1.02
CA LEU F 216 15.98 -21.71 1.62
C LEU F 216 15.64 -20.94 2.87
N TYR F 217 16.65 -20.33 3.49
CA TYR F 217 16.51 -19.63 4.77
C TYR F 217 16.85 -18.15 4.68
N ALA F 218 17.61 -17.78 3.68
CA ALA F 218 18.24 -16.47 3.61
C ALA F 218 17.24 -15.37 3.31
N ASN F 219 16.03 -15.73 2.94
CA ASN F 219 15.00 -14.75 2.66
C ASN F 219 13.79 -14.93 3.52
N ALA F 220 13.90 -15.71 4.59
CA ALA F 220 12.74 -16.12 5.38
C ALA F 220 12.61 -15.36 6.70
N SER F 221 13.43 -14.35 6.89
CA SER F 221 13.42 -13.57 8.12
C SER F 221 14.09 -12.22 7.94
N SER F 222 13.52 -11.18 8.55
CA SER F 222 14.12 -9.87 8.46
C SER F 222 15.51 -9.85 9.16
N GLN F 223 15.66 -10.55 10.30
CA GLN F 223 16.91 -10.57 11.06
C GLN F 223 18.02 -11.37 10.41
N LEU F 224 17.70 -12.49 9.74
CA LEU F 224 18.76 -13.29 9.09
C LEU F 224 18.84 -12.98 7.61
N ASP F 225 18.08 -11.99 7.17
CA ASP F 225 17.96 -11.64 5.77
C ASP F 225 19.34 -11.52 5.09
N ARG F 226 19.62 -12.51 4.24
CA ARG F 226 20.82 -12.58 3.40
C ARG F 226 22.10 -12.73 4.21
N GLY F 227 21.97 -13.36 5.36
CA GLY F 227 23.08 -13.60 6.27
C GLY F 227 23.27 -15.06 6.61
N VAL F 228 22.63 -15.97 5.90
CA VAL F 228 22.78 -17.39 6.20
C VAL F 228 23.74 -18.06 5.22
N LEU F 229 24.94 -18.35 5.70
CA LEU F 229 26.02 -18.92 4.89
C LEU F 229 26.36 -20.35 5.32
N ARG F 230 26.95 -21.13 4.42
CA ARG F 230 27.49 -22.44 4.80
C ARG F 230 28.66 -22.95 3.93
N ARG F 231 29.64 -23.53 4.60
CA ARG F 231 30.83 -24.13 4.02
C ARG F 231 30.48 -25.14 2.94
N VAL F 232 31.16 -25.10 1.78
CA VAL F 232 30.74 -25.89 0.63
C VAL F 232 31.70 -27.03 0.25
N ALA F 233 33.02 -26.85 0.40
CA ALA F 233 33.99 -27.85 -0.09
C ALA F 233 35.45 -27.37 -0.09
#